data_2VMK
#
_entry.id   2VMK
#
_cell.length_a   73.241
_cell.length_b   75.571
_cell.length_c   109.370
_cell.angle_alpha   94.95
_cell.angle_beta   102.03
_cell.angle_gamma   91.77
#
_symmetry.space_group_name_H-M   'P 1'
#
loop_
_entity.id
_entity.type
_entity.pdbx_description
1 polymer 'RIBONUCLEASE E'
2 non-polymer 'SULFATE ION'
3 non-polymer 'ZINC ION'
#
_entity_poly.entity_id   1
_entity_poly.type   'polypeptide(L)'
_entity_poly.pdbx_seq_one_letter_code
;MKRMLINATQQEELRVALVDGQRLYDLDIESPGHEQKKANIYKGKITRIEPSLEAAFVDYGAERHGFLPLKEIAREYFPA
NYSAHGRPNIKDVLREGQEVIVQIDKEERGNKGAALTTFISLAGSYLVLMPNNPRAGGISRRIEGDDRTELKEALASLEL
PEGMGLIVRTAGVGKSAEALQWDLSFRLKHWEAIKKAAESRPAPFLIHQESNVIVRAFRDYLRQDIGEILIDNPKVLELA
RQHIAALGRPDFSSKIKLYTGEIPLFSHYQIESQIESAFQREVRLPSGGSIVIDSTEALTAIDINSARATRGGDIEETAF
NTNLEAADEIARQLRLRDLGGLIVIDFIDMTPVRHQRAVENRLREAVRQDRARIQISHISRFGLLEMSRQRLSPSLGESS
HHVCPRCSGTGTVRDNESLSLSILRLIEEEALKENTQEVHAIVPVPIASYLLNEKRSAVNAIETRQDGVRCVIVPNDQME
TPHYHVLRVRKGEETPTLSYMLPKLHEEAMALPSE
;
_entity_poly.pdbx_strand_id   A,B,C,D
#
# COMPACT_ATOMS: atom_id res chain seq x y z
N MET A 1 -1.25 -34.70 -29.21
CA MET A 1 -0.78 -34.28 -30.58
C MET A 1 0.15 -33.07 -30.47
N LYS A 2 1.27 -33.12 -31.18
CA LYS A 2 2.18 -31.96 -31.28
C LYS A 2 1.79 -31.02 -32.46
N ARG A 3 1.62 -29.75 -32.15
CA ARG A 3 1.20 -28.78 -33.13
C ARG A 3 2.20 -27.63 -33.26
N MET A 4 2.29 -27.08 -34.46
CA MET A 4 2.95 -25.81 -34.68
C MET A 4 1.92 -24.73 -34.98
N LEU A 5 1.59 -23.93 -33.98
CA LEU A 5 0.63 -22.84 -34.17
C LEU A 5 1.36 -21.61 -34.69
N ILE A 6 0.81 -20.99 -35.73
CA ILE A 6 1.39 -19.77 -36.28
C ILE A 6 0.42 -18.59 -36.23
N ASN A 7 0.59 -17.72 -35.25
CA ASN A 7 -0.27 -16.51 -35.08
C ASN A 7 0.30 -15.37 -35.87
N ALA A 8 -0.39 -15.01 -36.92
CA ALA A 8 0.11 -14.05 -37.85
C ALA A 8 -0.90 -12.94 -38.19
N THR A 9 -1.61 -12.47 -37.18
CA THR A 9 -2.60 -11.42 -37.39
C THR A 9 -2.07 -9.98 -37.27
N GLN A 10 -0.78 -9.84 -37.11
CA GLN A 10 -0.15 -8.62 -37.56
C GLN A 10 0.77 -8.99 -38.69
N GLN A 11 0.46 -8.50 -39.90
CA GLN A 11 1.19 -8.96 -41.09
C GLN A 11 2.61 -8.38 -41.21
N GLU A 12 3.01 -7.57 -40.24
CA GLU A 12 4.44 -7.37 -39.96
C GLU A 12 4.95 -8.30 -38.82
N GLU A 13 4.10 -8.54 -37.82
CA GLU A 13 4.53 -9.28 -36.59
C GLU A 13 4.06 -10.75 -36.59
N LEU A 14 4.97 -11.67 -36.11
CA LEU A 14 4.75 -13.09 -36.39
C LEU A 14 5.25 -14.04 -35.33
N ARG A 15 4.35 -14.92 -34.90
CA ARG A 15 4.64 -15.80 -33.79
C ARG A 15 4.48 -17.29 -34.17
N VAL A 16 5.47 -18.12 -33.82
CA VAL A 16 5.40 -19.54 -34.04
C VAL A 16 5.62 -20.28 -32.73
N ALA A 17 4.61 -21.06 -32.33
CA ALA A 17 4.73 -21.89 -31.13
C ALA A 17 4.64 -23.37 -31.48
N LEU A 18 5.57 -24.16 -30.94
CA LEU A 18 5.39 -25.60 -30.86
C LEU A 18 4.69 -26.00 -29.56
N VAL A 19 3.88 -27.04 -29.63
CA VAL A 19 3.01 -27.41 -28.52
C VAL A 19 2.70 -28.90 -28.53
N ASP A 20 3.27 -29.63 -27.57
CA ASP A 20 2.67 -30.86 -27.08
C ASP A 20 1.58 -30.56 -26.05
N GLY A 21 0.32 -30.70 -26.46
CA GLY A 21 -0.80 -30.45 -25.59
C GLY A 21 -0.99 -28.99 -25.26
N GLN A 22 -0.51 -28.58 -24.09
CA GLN A 22 -0.43 -27.16 -23.76
C GLN A 22 0.98 -26.78 -23.32
N ARG A 23 1.88 -27.76 -23.32
CA ARG A 23 3.31 -27.48 -23.34
C ARG A 23 3.44 -26.78 -24.69
N LEU A 24 3.45 -25.45 -24.65
CA LEU A 24 4.39 -24.50 -25.25
C LEU A 24 5.72 -25.06 -24.77
N TYR A 25 6.55 -25.46 -25.72
CA TYR A 25 7.90 -25.94 -25.40
C TYR A 25 8.95 -25.26 -26.26
N ASP A 26 8.50 -24.46 -27.21
CA ASP A 26 9.40 -23.61 -27.99
C ASP A 26 8.62 -22.54 -28.76
N LEU A 27 9.25 -21.39 -28.93
CA LEU A 27 8.55 -20.21 -29.46
C LEU A 27 9.49 -19.34 -30.28
N ASP A 28 8.92 -18.56 -31.19
CA ASP A 28 9.70 -17.70 -32.08
C ASP A 28 8.86 -16.57 -32.64
N ILE A 29 9.45 -15.39 -32.76
CA ILE A 29 8.69 -14.16 -32.95
C ILE A 29 9.42 -13.20 -33.90
N GLU A 30 8.78 -12.90 -35.02
CA GLU A 30 9.49 -12.65 -36.26
C GLU A 30 8.74 -11.67 -37.15
N SER A 31 9.47 -10.87 -37.91
CA SER A 31 9.13 -10.61 -39.31
C SER A 31 7.93 -11.44 -39.75
N GLU A 35 17.03 -6.29 -43.19
CA GLU A 35 17.13 -7.61 -43.85
C GLU A 35 18.43 -8.34 -43.49
N GLN A 36 18.30 -9.65 -43.23
CA GLN A 36 19.45 -10.54 -43.15
C GLN A 36 19.53 -11.34 -44.44
N LYS A 37 20.75 -11.48 -44.98
CA LYS A 37 20.93 -12.04 -46.34
C LYS A 37 21.97 -13.22 -46.45
N LYS A 38 22.87 -13.31 -45.46
CA LYS A 38 23.84 -14.43 -45.38
C LYS A 38 23.14 -15.75 -45.63
N ALA A 39 23.70 -16.61 -46.45
CA ALA A 39 23.15 -17.97 -46.71
C ALA A 39 21.87 -18.00 -47.55
N ASN A 40 21.66 -16.94 -48.35
CA ASN A 40 20.69 -16.99 -49.42
C ASN A 40 21.29 -17.65 -50.68
N ILE A 41 20.46 -18.45 -51.38
CA ILE A 41 20.89 -19.18 -52.57
C ILE A 41 20.23 -18.58 -53.79
N TYR A 42 21.03 -18.31 -54.80
CA TYR A 42 20.53 -17.76 -56.06
C TYR A 42 20.98 -18.63 -57.23
N LYS A 43 20.26 -18.55 -58.37
CA LYS A 43 20.92 -18.74 -59.68
C LYS A 43 21.53 -17.38 -60.14
N GLY A 44 22.78 -17.43 -60.58
CA GLY A 44 23.46 -16.22 -61.00
C GLY A 44 24.17 -16.34 -62.32
N LYS A 45 24.21 -15.24 -63.07
CA LYS A 45 25.00 -15.16 -64.32
C LYS A 45 26.35 -14.51 -64.05
N ILE A 46 27.41 -15.14 -64.54
CA ILE A 46 28.74 -14.56 -64.42
C ILE A 46 28.90 -13.28 -65.29
N THR A 47 29.07 -12.16 -64.61
CA THR A 47 29.14 -10.88 -65.22
C THR A 47 30.44 -10.70 -65.93
N ARG A 48 31.54 -10.79 -65.19
CA ARG A 48 32.86 -10.66 -65.80
C ARG A 48 33.98 -11.33 -64.98
N ILE A 49 34.99 -11.81 -65.68
CA ILE A 49 36.05 -12.61 -65.06
C ILE A 49 37.27 -11.73 -64.84
N GLU A 50 37.93 -11.91 -63.70
CA GLU A 50 39.16 -11.18 -63.41
C GLU A 50 40.32 -12.13 -63.10
N PRO A 51 41.22 -12.36 -64.09
CA PRO A 51 42.38 -13.23 -63.84
C PRO A 51 43.34 -12.58 -62.86
N SER A 52 43.23 -11.26 -62.74
CA SER A 52 44.07 -10.47 -61.86
C SER A 52 43.80 -10.76 -60.38
N LEU A 53 42.53 -10.93 -60.03
CA LEU A 53 42.14 -11.20 -58.64
C LEU A 53 41.83 -12.68 -58.41
N GLU A 54 42.11 -13.50 -59.42
CA GLU A 54 41.72 -14.91 -59.42
C GLU A 54 40.26 -15.07 -58.93
N ALA A 55 39.36 -14.29 -59.53
CA ALA A 55 37.98 -14.23 -59.08
C ALA A 55 37.05 -13.82 -60.21
N ALA A 56 35.74 -13.88 -59.94
CA ALA A 56 34.73 -13.49 -60.92
C ALA A 56 33.57 -12.76 -60.28
N PHE A 57 32.75 -12.13 -61.12
CA PHE A 57 31.61 -11.31 -60.64
C PHE A 57 30.26 -11.90 -61.08
N VAL A 58 29.33 -11.95 -60.15
CA VAL A 58 28.09 -12.64 -60.39
C VAL A 58 26.90 -11.70 -60.21
N ASP A 59 26.01 -11.68 -61.20
CA ASP A 59 24.72 -11.01 -61.07
C ASP A 59 23.68 -11.95 -60.47
N TYR A 60 23.50 -11.82 -59.14
CA TYR A 60 22.57 -12.68 -58.38
C TYR A 60 21.30 -11.91 -58.05
N GLY A 61 21.07 -10.81 -58.79
CA GLY A 61 19.78 -10.07 -58.75
C GLY A 61 19.86 -8.71 -58.06
N ALA A 62 20.88 -8.55 -57.26
CA ALA A 62 21.04 -7.36 -56.50
C ALA A 62 21.53 -6.24 -57.39
N GLU A 63 21.32 -5.01 -56.96
CA GLU A 63 21.79 -3.85 -57.69
C GLU A 63 23.31 -3.84 -57.80
N ARG A 64 23.96 -4.64 -56.96
CA ARG A 64 25.40 -4.77 -56.99
C ARG A 64 25.83 -6.23 -57.19
N HIS A 65 26.86 -6.44 -58.02
CA HIS A 65 27.31 -7.78 -58.36
C HIS A 65 28.07 -8.42 -57.20
N GLY A 66 27.82 -9.71 -56.97
CA GLY A 66 28.56 -10.48 -55.98
C GLY A 66 29.96 -10.83 -56.46
N PHE A 67 30.75 -11.38 -55.54
CA PHE A 67 32.18 -11.65 -55.78
C PHE A 67 32.47 -13.14 -55.55
N LEU A 68 32.89 -13.82 -56.60
CA LEU A 68 33.17 -15.26 -56.52
C LEU A 68 34.66 -15.58 -56.80
N PRO A 69 35.42 -15.79 -55.73
CA PRO A 69 36.81 -16.13 -55.86
C PRO A 69 36.97 -17.56 -56.39
N LEU A 70 38.12 -17.87 -56.99
CA LEU A 70 38.33 -19.20 -57.57
C LEU A 70 38.21 -20.32 -56.53
N LYS A 71 38.77 -20.10 -55.33
CA LYS A 71 38.77 -21.12 -54.28
C LYS A 71 37.37 -21.62 -53.95
N GLU A 72 36.37 -20.92 -54.47
CA GLU A 72 34.97 -21.21 -54.13
C GLU A 72 34.23 -21.95 -55.25
N ILE A 73 34.83 -22.04 -56.43
CA ILE A 73 34.15 -22.69 -57.56
C ILE A 73 34.26 -24.21 -57.47
N ALA A 74 33.11 -24.88 -57.54
CA ALA A 74 33.08 -26.35 -57.45
C ALA A 74 33.68 -27.00 -58.69
N ARG A 75 34.31 -28.16 -58.49
CA ARG A 75 34.86 -28.96 -59.61
C ARG A 75 33.75 -29.25 -60.63
N GLU A 76 32.50 -29.18 -60.17
CA GLU A 76 31.31 -29.39 -60.98
C GLU A 76 31.21 -28.33 -62.08
N TYR A 77 31.74 -27.18 -61.83
CA TYR A 77 31.67 -26.08 -62.79
C TYR A 77 32.95 -25.94 -63.60
N PHE A 78 33.94 -26.80 -63.33
CA PHE A 78 35.20 -26.76 -64.09
C PHE A 78 35.07 -27.66 -65.32
N PRO A 79 34.46 -27.08 -66.43
CA PRO A 79 34.16 -27.68 -67.72
C PRO A 79 35.10 -28.79 -68.09
N ARG A 87 47.44 -25.74 -61.24
CA ARG A 87 46.53 -24.74 -60.70
C ARG A 87 46.09 -23.79 -61.81
N PRO A 88 44.76 -23.72 -62.05
CA PRO A 88 44.21 -23.09 -63.28
C PRO A 88 43.94 -21.61 -63.10
N ASN A 89 43.99 -20.85 -64.19
CA ASN A 89 43.55 -19.47 -64.17
C ASN A 89 42.04 -19.41 -64.28
N ILE A 90 41.43 -18.45 -63.59
CA ILE A 90 39.97 -18.31 -63.60
C ILE A 90 39.44 -18.06 -65.01
N LYS A 91 40.25 -17.41 -65.84
CA LYS A 91 39.90 -17.17 -67.24
C LYS A 91 39.69 -18.48 -68.01
N ASP A 92 40.29 -19.56 -67.52
CA ASP A 92 40.23 -20.87 -68.20
C ASP A 92 39.07 -21.74 -67.67
N VAL A 93 38.44 -21.27 -66.59
CA VAL A 93 37.47 -22.07 -65.84
C VAL A 93 36.04 -21.65 -66.17
N LEU A 94 35.77 -20.36 -66.07
CA LEU A 94 34.42 -19.83 -66.29
C LEU A 94 34.30 -19.07 -67.62
N ARG A 95 33.12 -19.16 -68.21
CA ARG A 95 32.75 -18.28 -69.35
C ARG A 95 32.01 -17.06 -68.82
N GLU A 96 32.09 -15.95 -69.52
CA GLU A 96 31.22 -14.82 -69.26
C GLU A 96 29.74 -15.14 -69.64
N GLY A 97 28.82 -14.84 -68.72
CA GLY A 97 27.41 -15.08 -68.97
C GLY A 97 26.99 -16.49 -68.68
N GLN A 98 27.82 -17.21 -67.94
CA GLN A 98 27.56 -18.61 -67.55
C GLN A 98 26.70 -18.64 -66.28
N GLU A 99 25.70 -19.49 -66.28
CA GLU A 99 24.80 -19.63 -65.14
C GLU A 99 25.40 -20.53 -64.04
N VAL A 100 25.05 -20.23 -62.79
CA VAL A 100 25.71 -20.85 -61.64
C VAL A 100 24.87 -20.72 -60.35
N ILE A 101 24.65 -21.86 -59.66
CA ILE A 101 23.94 -21.90 -58.34
C ILE A 101 24.86 -21.41 -57.19
N VAL A 102 24.49 -20.32 -56.57
CA VAL A 102 25.42 -19.51 -55.80
C VAL A 102 24.82 -19.21 -54.42
N GLN A 103 25.64 -19.30 -53.38
CA GLN A 103 25.22 -18.91 -52.01
C GLN A 103 26.06 -17.77 -51.43
N ILE A 104 25.41 -16.93 -50.61
CA ILE A 104 26.10 -15.79 -49.98
C ILE A 104 26.86 -16.19 -48.72
N ASP A 105 28.17 -16.02 -48.75
CA ASP A 105 29.00 -16.21 -47.57
C ASP A 105 28.93 -15.02 -46.63
N LYS A 106 29.10 -13.82 -47.19
CA LYS A 106 29.15 -12.60 -46.39
C LYS A 106 28.31 -11.51 -47.01
N GLU A 107 27.60 -10.78 -46.15
CA GLU A 107 26.73 -9.70 -46.55
C GLU A 107 27.50 -8.60 -47.30
N GLU A 108 26.77 -7.74 -48.03
CA GLU A 108 27.39 -6.58 -48.65
C GLU A 108 27.94 -5.63 -47.58
N ARG A 109 29.21 -5.26 -47.71
CA ARG A 109 29.85 -4.35 -46.76
C ARG A 109 30.53 -3.21 -47.51
N GLY A 110 30.15 -1.98 -47.17
CA GLY A 110 30.77 -0.80 -47.75
C GLY A 110 30.62 -0.77 -49.25
N ASN A 111 31.74 -0.76 -49.95
CA ASN A 111 31.73 -0.72 -51.40
C ASN A 111 31.64 -2.11 -52.00
N LYS A 112 31.78 -3.11 -51.13
CA LYS A 112 32.09 -4.49 -51.57
C LYS A 112 30.81 -5.35 -51.71
N GLY A 113 30.63 -5.94 -52.89
CA GLY A 113 29.51 -6.87 -53.11
C GLY A 113 29.65 -8.11 -52.25
N ALA A 114 28.55 -8.83 -52.05
CA ALA A 114 28.55 -10.01 -51.14
C ALA A 114 29.59 -11.03 -51.59
N ALA A 115 30.23 -11.69 -50.64
CA ALA A 115 31.10 -12.82 -50.93
C ALA A 115 30.29 -14.05 -51.27
N LEU A 116 30.58 -14.66 -52.41
CA LEU A 116 29.73 -15.72 -52.91
C LEU A 116 30.51 -17.01 -53.04
N THR A 117 29.84 -18.12 -52.76
CA THR A 117 30.44 -19.43 -52.99
C THR A 117 29.47 -20.38 -53.72
N THR A 118 30.03 -21.26 -54.57
CA THR A 118 29.24 -22.29 -55.24
C THR A 118 29.13 -23.51 -54.34
N PHE A 119 30.10 -23.68 -53.45
CA PHE A 119 30.02 -24.69 -52.42
C PHE A 119 28.87 -24.38 -51.50
N ILE A 120 27.69 -24.85 -51.89
CA ILE A 120 26.46 -24.61 -51.14
C ILE A 120 26.37 -25.47 -49.88
N SER A 121 25.84 -24.87 -48.80
CA SER A 121 25.67 -25.53 -47.54
C SER A 121 24.26 -25.33 -46.98
N LEU A 122 23.60 -26.45 -46.66
CA LEU A 122 22.23 -26.43 -46.16
C LEU A 122 22.21 -26.82 -44.68
N ALA A 123 22.13 -25.83 -43.80
CA ALA A 123 22.07 -26.10 -42.35
C ALA A 123 20.69 -26.60 -41.92
N GLY A 124 20.66 -27.75 -41.27
CA GLY A 124 19.46 -28.23 -40.61
C GLY A 124 19.57 -27.98 -39.12
N SER A 125 18.81 -28.76 -38.33
CA SER A 125 18.83 -28.62 -36.88
C SER A 125 20.09 -29.22 -36.33
N TYR A 126 20.46 -30.35 -36.90
CA TYR A 126 21.57 -31.13 -36.40
C TYR A 126 22.68 -31.28 -37.47
N LEU A 127 22.30 -31.06 -38.73
CA LEU A 127 23.18 -31.32 -39.85
C LEU A 127 23.39 -30.10 -40.71
N VAL A 128 24.60 -29.99 -41.26
CA VAL A 128 24.87 -29.08 -42.36
C VAL A 128 25.33 -29.89 -43.59
N LEU A 129 24.42 -30.11 -44.53
CA LEU A 129 24.75 -30.75 -45.76
C LEU A 129 25.54 -29.79 -46.68
N MET A 130 26.70 -30.27 -47.13
CA MET A 130 27.44 -29.66 -48.25
C MET A 130 27.27 -30.51 -49.51
N PRO A 131 26.12 -30.41 -50.18
CA PRO A 131 25.79 -31.32 -51.30
C PRO A 131 26.78 -31.19 -52.43
N ASN A 132 27.56 -30.13 -52.38
CA ASN A 132 28.38 -29.72 -53.45
C ASN A 132 29.81 -30.21 -53.30
N ASN A 133 30.31 -30.31 -52.07
CA ASN A 133 31.67 -30.82 -51.83
C ASN A 133 31.80 -31.82 -50.69
N PRO A 134 32.49 -32.92 -50.96
CA PRO A 134 32.63 -33.98 -49.98
C PRO A 134 33.88 -33.82 -49.13
N ARG A 135 34.70 -32.83 -49.44
CA ARG A 135 35.99 -32.65 -48.75
C ARG A 135 35.85 -32.06 -47.32
N ALA A 136 34.68 -31.49 -47.03
CA ALA A 136 34.40 -30.95 -45.69
C ALA A 136 33.40 -31.86 -44.96
N GLY A 137 33.65 -32.17 -43.71
CA GLY A 137 32.72 -32.94 -42.96
C GLY A 137 33.34 -33.48 -41.71
N GLY A 138 32.58 -34.25 -40.94
CA GLY A 138 33.06 -34.80 -39.68
C GLY A 138 32.38 -34.14 -38.51
N ILE A 139 32.86 -34.46 -37.31
CA ILE A 139 32.27 -33.93 -36.12
C ILE A 139 33.02 -32.73 -35.63
N SER A 140 32.40 -31.92 -34.91
CA SER A 140 32.94 -30.70 -34.64
C SER A 140 33.93 -30.70 -33.56
N ARG A 141 34.76 -29.71 -33.60
CA ARG A 141 35.72 -29.54 -32.59
C ARG A 141 35.08 -29.28 -31.20
N ARG A 142 34.00 -28.50 -31.15
CA ARG A 142 33.40 -28.10 -29.87
C ARG A 142 32.92 -29.33 -29.08
N ILE A 143 32.56 -30.40 -29.81
CA ILE A 143 32.07 -31.66 -29.22
C ILE A 143 33.13 -32.30 -28.33
N ARG A 148 31.30 -37.60 -28.35
CA ARG A 148 31.56 -37.72 -29.78
C ARG A 148 31.68 -39.18 -30.20
N THR A 149 31.80 -40.06 -29.20
CA THR A 149 32.02 -41.47 -29.45
C THR A 149 30.86 -42.13 -30.19
N GLU A 150 29.64 -41.82 -29.76
CA GLU A 150 28.45 -42.38 -30.39
C GLU A 150 28.09 -41.62 -31.66
N LEU A 151 28.49 -40.36 -31.72
CA LEU A 151 28.23 -39.51 -32.88
C LEU A 151 29.06 -39.92 -34.09
N LYS A 152 30.29 -40.37 -33.84
CA LYS A 152 31.16 -40.88 -34.91
C LYS A 152 30.62 -42.20 -35.45
N GLU A 153 29.85 -42.89 -34.60
CA GLU A 153 29.21 -44.15 -34.96
C GLU A 153 27.86 -43.91 -35.67
N ALA A 154 27.14 -42.88 -35.25
CA ALA A 154 25.85 -42.56 -35.82
C ALA A 154 25.97 -41.89 -37.20
N LEU A 155 27.02 -41.08 -37.39
CA LEU A 155 27.23 -40.36 -38.66
C LEU A 155 27.61 -41.32 -39.80
N ALA A 156 28.38 -42.35 -39.46
CA ALA A 156 28.81 -43.35 -40.44
C ALA A 156 27.62 -44.21 -40.93
N SER A 157 26.52 -44.17 -40.16
CA SER A 157 25.33 -45.02 -40.45
C SER A 157 24.31 -44.34 -41.38
N LEU A 158 24.43 -43.02 -41.56
CA LEU A 158 23.49 -42.27 -42.41
C LEU A 158 23.83 -42.46 -43.89
N GLU A 159 22.79 -42.59 -44.69
CA GLU A 159 22.97 -42.84 -46.11
C GLU A 159 23.20 -41.53 -46.89
N LEU A 160 24.48 -41.18 -47.06
CA LEU A 160 24.86 -39.94 -47.77
C LEU A 160 25.27 -40.27 -49.20
N PRO A 161 24.67 -39.57 -50.18
CA PRO A 161 25.07 -39.71 -51.60
C PRO A 161 26.55 -39.41 -51.80
N GLU A 162 27.15 -39.98 -52.86
CA GLU A 162 28.61 -40.03 -52.99
C GLU A 162 29.26 -38.65 -53.18
N GLY A 163 28.66 -37.80 -53.97
CA GLY A 163 29.27 -36.51 -54.32
C GLY A 163 29.27 -35.43 -53.24
N MET A 164 28.82 -35.78 -52.03
CA MET A 164 28.56 -34.77 -50.97
C MET A 164 29.11 -35.13 -49.60
N GLY A 165 29.28 -34.10 -48.77
CA GLY A 165 29.73 -34.25 -47.38
C GLY A 165 28.77 -33.59 -46.41
N LEU A 166 28.89 -33.95 -45.12
CA LEU A 166 27.97 -33.43 -44.08
C LEU A 166 28.74 -33.05 -42.81
N ILE A 167 28.21 -32.09 -42.05
CA ILE A 167 28.73 -31.79 -40.73
C ILE A 167 27.63 -31.94 -39.70
N VAL A 168 27.96 -32.58 -38.58
CA VAL A 168 27.05 -32.67 -37.45
C VAL A 168 27.25 -31.50 -36.47
N ARG A 169 26.24 -30.65 -36.36
CA ARG A 169 26.34 -29.45 -35.54
C ARG A 169 26.35 -29.80 -34.05
N THR A 170 27.07 -29.01 -33.26
CA THR A 170 27.03 -29.15 -31.82
C THR A 170 25.63 -29.55 -31.34
N ALA A 171 24.60 -29.08 -32.06
CA ALA A 171 23.21 -29.36 -31.71
C ALA A 171 22.83 -30.85 -31.79
N GLY A 172 23.72 -31.66 -32.39
CA GLY A 172 23.32 -33.02 -32.82
C GLY A 172 23.60 -34.09 -31.78
N VAL A 173 24.05 -33.65 -30.62
CA VAL A 173 24.93 -34.44 -29.75
C VAL A 173 24.15 -35.42 -28.85
N GLY A 174 22.95 -35.03 -28.44
CA GLY A 174 22.10 -35.88 -27.58
C GLY A 174 21.04 -36.62 -28.37
N LYS A 175 21.33 -36.86 -29.64
CA LYS A 175 20.33 -37.33 -30.56
C LYS A 175 20.55 -38.76 -30.96
N SER A 176 19.64 -39.25 -31.77
CA SER A 176 19.76 -40.58 -32.29
C SER A 176 20.02 -40.55 -33.77
N ALA A 177 20.40 -41.69 -34.30
CA ALA A 177 20.66 -41.82 -35.71
C ALA A 177 19.36 -41.76 -36.50
N GLU A 178 18.28 -42.28 -35.90
CA GLU A 178 16.97 -42.24 -36.52
C GLU A 178 16.49 -40.80 -36.69
N ALA A 179 16.82 -39.96 -35.72
CA ALA A 179 16.46 -38.56 -35.75
C ALA A 179 17.32 -37.75 -36.73
N LEU A 180 18.57 -38.21 -36.91
CA LEU A 180 19.52 -37.56 -37.85
C LEU A 180 19.12 -37.83 -39.29
N GLN A 181 18.72 -39.06 -39.58
CA GLN A 181 18.25 -39.44 -40.90
C GLN A 181 17.06 -38.60 -41.34
N TRP A 182 16.18 -38.27 -40.40
CA TRP A 182 15.05 -37.39 -40.66
C TRP A 182 15.51 -35.94 -41.05
N ASP A 183 16.61 -35.49 -40.43
CA ASP A 183 17.14 -34.16 -40.70
C ASP A 183 17.91 -34.16 -42.03
N LEU A 184 18.70 -35.24 -42.24
CA LEU A 184 19.53 -35.37 -43.43
C LEU A 184 18.70 -35.46 -44.67
N SER A 185 17.59 -36.15 -44.59
CA SER A 185 16.71 -36.33 -45.74
C SER A 185 15.96 -35.04 -46.07
N PHE A 186 15.69 -34.21 -45.06
CA PHE A 186 15.03 -32.93 -45.29
C PHE A 186 15.96 -31.96 -46.02
N ARG A 187 17.27 -32.17 -45.85
CA ARG A 187 18.28 -31.41 -46.55
C ARG A 187 18.41 -31.89 -47.99
N LEU A 188 18.26 -33.17 -48.19
CA LEU A 188 18.34 -33.75 -49.52
C LEU A 188 17.14 -33.34 -50.41
N LYS A 189 15.93 -33.43 -49.83
CA LYS A 189 14.73 -33.07 -50.54
C LYS A 189 14.79 -31.62 -50.94
N HIS A 190 15.35 -30.78 -50.06
CA HIS A 190 15.49 -29.36 -50.33
C HIS A 190 16.44 -29.15 -51.46
N TRP A 191 17.57 -29.84 -51.42
CA TRP A 191 18.63 -29.69 -52.44
C TRP A 191 18.16 -30.11 -53.84
N GLU A 192 17.35 -31.13 -53.92
CA GLU A 192 16.75 -31.52 -55.16
C GLU A 192 15.98 -30.38 -55.74
N ALA A 193 15.13 -29.77 -54.90
CA ALA A 193 14.25 -28.71 -55.33
C ALA A 193 15.03 -27.44 -55.70
N ILE A 194 16.18 -27.25 -55.05
CA ILE A 194 17.03 -26.10 -55.33
C ILE A 194 17.57 -26.20 -56.75
N LYS A 195 17.96 -27.40 -57.15
CA LYS A 195 18.53 -27.60 -58.46
C LYS A 195 17.45 -27.82 -59.49
N LYS A 196 16.24 -28.13 -59.03
CA LYS A 196 15.11 -28.31 -59.94
C LYS A 196 14.56 -26.94 -60.34
N ALA A 197 14.60 -25.99 -59.39
CA ALA A 197 14.15 -24.62 -59.63
C ALA A 197 15.24 -23.77 -60.31
N ALA A 198 16.45 -24.29 -60.35
CA ALA A 198 17.51 -23.67 -61.12
C ALA A 198 17.50 -24.15 -62.59
N GLU A 199 17.14 -25.41 -62.81
CA GLU A 199 17.17 -26.00 -64.13
C GLU A 199 15.98 -25.55 -64.92
N SER A 200 15.09 -24.79 -64.31
CA SER A 200 13.82 -24.49 -64.93
C SER A 200 13.67 -23.06 -65.41
N ARG A 201 14.72 -22.24 -65.25
CA ARG A 201 14.59 -20.78 -65.47
C ARG A 201 15.85 -20.14 -66.03
N PRO A 202 15.73 -18.92 -66.63
CA PRO A 202 16.89 -18.04 -66.86
C PRO A 202 17.48 -17.58 -65.55
N ALA A 203 18.64 -16.95 -65.62
CA ALA A 203 19.65 -17.08 -64.57
C ALA A 203 19.60 -16.07 -63.37
N PRO A 204 19.03 -14.85 -63.58
CA PRO A 204 19.30 -13.80 -62.55
C PRO A 204 18.55 -13.91 -61.16
N PHE A 205 17.75 -14.95 -60.92
CA PHE A 205 16.76 -14.94 -59.77
C PHE A 205 17.26 -15.48 -58.37
N LEU A 206 16.39 -15.36 -57.35
CA LEU A 206 16.61 -15.96 -55.99
C LEU A 206 15.95 -17.32 -55.86
N ILE A 207 16.64 -18.25 -55.21
CA ILE A 207 16.12 -19.63 -55.06
C ILE A 207 15.66 -19.91 -53.63
N HIS A 208 16.51 -19.58 -52.69
CA HIS A 208 16.22 -19.86 -51.31
C HIS A 208 16.51 -18.66 -50.40
N GLN A 209 15.52 -18.31 -49.60
CA GLN A 209 15.68 -17.23 -48.64
C GLN A 209 15.92 -17.78 -47.22
N GLU A 210 17.07 -17.42 -46.64
CA GLU A 210 17.49 -18.00 -45.37
C GLU A 210 16.63 -17.53 -44.23
N SER A 211 15.98 -16.39 -44.42
CA SER A 211 15.80 -15.42 -43.34
C SER A 211 14.34 -15.03 -43.18
N ASN A 212 13.53 -15.39 -44.18
CA ASN A 212 12.08 -15.33 -44.04
C ASN A 212 11.54 -16.46 -43.16
N VAL A 213 10.39 -16.22 -42.54
CA VAL A 213 10.12 -16.76 -41.22
C VAL A 213 9.45 -18.13 -41.31
N ILE A 214 8.84 -18.41 -42.45
CA ILE A 214 8.22 -19.71 -42.69
C ILE A 214 9.27 -20.76 -43.04
N VAL A 215 10.21 -20.39 -43.90
CA VAL A 215 11.25 -21.29 -44.34
C VAL A 215 12.16 -21.59 -43.18
N ARG A 216 12.35 -20.60 -42.34
CA ARG A 216 13.18 -20.77 -41.16
C ARG A 216 12.47 -21.60 -40.08
N ALA A 217 11.18 -21.38 -39.92
CA ALA A 217 10.38 -22.10 -38.93
C ALA A 217 10.30 -23.56 -39.24
N PHE A 218 10.03 -23.88 -40.49
CA PHE A 218 10.02 -25.25 -40.93
C PHE A 218 11.43 -25.88 -40.83
N ARG A 219 12.45 -25.09 -41.13
CA ARG A 219 13.84 -25.60 -41.14
C ARG A 219 14.32 -25.88 -39.73
N ASP A 220 13.88 -25.06 -38.79
CA ASP A 220 14.38 -25.14 -37.42
C ASP A 220 13.44 -25.94 -36.52
N TYR A 221 12.14 -25.82 -36.74
CA TYR A 221 11.17 -26.18 -35.73
C TYR A 221 10.40 -27.46 -36.07
N LEU A 222 10.42 -27.86 -37.34
CA LEU A 222 9.72 -29.08 -37.76
C LEU A 222 10.45 -30.33 -37.39
N ARG A 223 9.70 -31.33 -36.92
CA ARG A 223 10.23 -32.68 -36.73
C ARG A 223 9.10 -33.69 -36.99
N GLN A 224 9.42 -34.97 -36.89
CA GLN A 224 8.44 -36.04 -37.18
C GLN A 224 7.25 -36.06 -36.18
N ASP A 225 7.50 -35.61 -34.95
CA ASP A 225 6.53 -35.69 -33.92
C ASP A 225 5.49 -34.58 -34.02
N ILE A 226 5.57 -33.78 -35.10
CA ILE A 226 4.66 -32.61 -35.22
C ILE A 226 3.43 -32.96 -35.99
N GLY A 227 2.31 -33.01 -35.27
CA GLY A 227 1.04 -33.51 -35.82
C GLY A 227 0.31 -32.54 -36.76
N GLU A 228 0.19 -31.29 -36.34
CA GLU A 228 -0.47 -30.25 -37.15
C GLU A 228 0.37 -29.00 -37.26
N ILE A 229 0.11 -28.23 -38.30
CA ILE A 229 0.60 -26.86 -38.39
C ILE A 229 -0.58 -25.94 -38.62
N LEU A 230 -1.17 -25.40 -37.54
CA LEU A 230 -2.32 -24.47 -37.66
C LEU A 230 -1.86 -23.07 -38.03
N ILE A 231 -2.41 -22.54 -39.11
CA ILE A 231 -2.13 -21.18 -39.55
C ILE A 231 -3.42 -20.38 -39.63
N ASP A 232 -3.44 -19.19 -39.02
CA ASP A 232 -4.69 -18.39 -38.90
C ASP A 232 -4.89 -17.40 -40.03
N ASN A 233 -3.99 -17.40 -41.00
CA ASN A 233 -4.07 -16.49 -42.09
C ASN A 233 -3.94 -17.22 -43.44
N PRO A 234 -4.98 -17.14 -44.30
CA PRO A 234 -5.05 -17.82 -45.59
C PRO A 234 -3.90 -17.46 -46.54
N LYS A 235 -3.63 -16.16 -46.68
CA LYS A 235 -2.58 -15.69 -47.57
C LYS A 235 -1.24 -16.30 -47.20
N VAL A 236 -1.04 -16.55 -45.91
CA VAL A 236 0.18 -17.18 -45.42
C VAL A 236 0.15 -18.70 -45.59
N LEU A 237 -0.97 -19.33 -45.25
CA LEU A 237 -1.11 -20.75 -45.38
C LEU A 237 -0.80 -21.24 -46.79
N GLU A 238 -1.22 -20.46 -47.80
CA GLU A 238 -0.87 -20.74 -49.20
C GLU A 238 0.62 -20.71 -49.45
N LEU A 239 1.28 -19.69 -48.93
CA LEU A 239 2.76 -19.59 -48.97
C LEU A 239 3.46 -20.68 -48.21
N ALA A 240 2.89 -21.07 -47.08
CA ALA A 240 3.40 -22.16 -46.30
C ALA A 240 3.40 -23.53 -47.06
N ARG A 241 2.38 -23.75 -47.91
CA ARG A 241 2.33 -24.96 -48.72
C ARG A 241 3.46 -24.96 -49.72
N GLN A 242 3.61 -23.84 -50.42
CA GLN A 242 4.58 -23.71 -51.46
C GLN A 242 5.98 -23.96 -50.98
N HIS A 243 6.29 -23.42 -49.79
CA HIS A 243 7.59 -23.65 -49.16
C HIS A 243 7.82 -25.14 -48.86
N ILE A 244 6.75 -25.83 -48.45
CA ILE A 244 6.85 -27.24 -48.06
C ILE A 244 7.20 -28.14 -49.25
N ALA A 245 6.63 -27.83 -50.41
CA ALA A 245 6.92 -28.57 -51.65
C ALA A 245 8.30 -28.19 -52.23
N ALA A 246 8.67 -26.93 -52.08
CA ALA A 246 9.99 -26.47 -52.47
C ALA A 246 11.09 -27.04 -51.58
N LEU A 247 10.75 -27.28 -50.32
CA LEU A 247 11.68 -27.92 -49.38
C LEU A 247 11.67 -29.43 -49.55
N GLY A 248 10.62 -29.95 -50.21
CA GLY A 248 10.64 -31.30 -50.73
C GLY A 248 9.95 -32.27 -49.82
N ARG A 249 8.85 -31.83 -49.23
CA ARG A 249 8.14 -32.64 -48.28
C ARG A 249 6.60 -32.46 -48.38
N PRO A 250 6.01 -33.13 -49.38
CA PRO A 250 4.57 -33.24 -49.54
C PRO A 250 3.85 -33.94 -48.36
N ASP A 251 4.52 -34.92 -47.74
CA ASP A 251 3.91 -35.67 -46.62
C ASP A 251 3.44 -34.72 -45.52
N PHE A 252 3.83 -33.44 -45.62
CA PHE A 252 3.48 -32.44 -44.61
C PHE A 252 2.31 -31.54 -45.01
N SER A 253 2.06 -31.44 -46.30
CA SER A 253 0.97 -30.64 -46.77
C SER A 253 -0.36 -31.02 -46.12
N SER A 254 -0.54 -32.33 -45.88
CA SER A 254 -1.75 -32.83 -45.26
C SER A 254 -1.88 -32.33 -43.84
N LYS A 255 -0.74 -32.00 -43.23
CA LYS A 255 -0.71 -31.57 -41.84
C LYS A 255 -0.99 -30.06 -41.69
N ILE A 256 -0.75 -29.29 -42.74
CA ILE A 256 -1.04 -27.85 -42.73
C ILE A 256 -2.53 -27.60 -42.77
N LYS A 257 -3.02 -26.89 -41.77
CA LYS A 257 -4.46 -26.66 -41.62
C LYS A 257 -4.75 -25.21 -41.30
N LEU A 258 -5.88 -24.72 -41.78
CA LEU A 258 -6.26 -23.33 -41.58
C LEU A 258 -7.07 -23.16 -40.32
N TYR A 259 -6.63 -22.25 -39.45
CA TYR A 259 -7.42 -21.84 -38.27
C TYR A 259 -8.38 -20.74 -38.65
N THR A 260 -9.58 -20.79 -38.11
CA THR A 260 -10.66 -19.89 -38.57
C THR A 260 -11.46 -19.31 -37.48
N GLY A 261 -11.38 -19.89 -36.29
CA GLY A 261 -12.09 -19.34 -35.11
C GLY A 261 -11.84 -17.83 -34.94
N GLU A 262 -12.76 -17.14 -34.27
CA GLU A 262 -12.56 -15.73 -33.99
C GLU A 262 -11.81 -15.40 -32.70
N ILE A 263 -11.88 -16.31 -31.73
CA ILE A 263 -10.90 -16.35 -30.66
C ILE A 263 -9.51 -16.55 -31.24
N PRO A 264 -8.55 -15.72 -30.84
CA PRO A 264 -7.24 -15.73 -31.50
C PRO A 264 -6.51 -17.03 -31.30
N LEU A 265 -5.78 -17.46 -32.34
CA LEU A 265 -5.14 -18.75 -32.37
C LEU A 265 -4.41 -19.05 -31.09
N PHE A 266 -3.57 -18.13 -30.65
CA PHE A 266 -2.72 -18.35 -29.52
C PHE A 266 -3.53 -18.34 -28.21
N SER A 267 -4.66 -17.65 -28.21
CA SER A 267 -5.53 -17.60 -27.03
C SER A 267 -6.38 -18.85 -26.91
N HIS A 268 -6.81 -19.38 -28.05
CA HIS A 268 -7.60 -20.63 -28.05
C HIS A 268 -6.81 -21.78 -27.49
N TYR A 269 -5.53 -21.77 -27.71
CA TYR A 269 -4.66 -22.81 -27.23
C TYR A 269 -4.00 -22.48 -25.87
N GLN A 270 -4.31 -21.31 -25.32
CA GLN A 270 -3.86 -20.96 -23.96
C GLN A 270 -2.33 -20.83 -23.86
N ILE A 271 -1.70 -20.21 -24.85
CA ILE A 271 -0.32 -19.97 -24.75
C ILE A 271 0.05 -18.51 -24.49
N GLU A 272 -0.93 -17.59 -24.60
CA GLU A 272 -0.61 -16.18 -24.72
C GLU A 272 -0.01 -15.69 -23.44
N SER A 273 -0.34 -16.41 -22.36
CA SER A 273 0.18 -16.08 -21.01
C SER A 273 1.56 -16.67 -20.79
N GLN A 274 1.76 -17.83 -21.33
CA GLN A 274 3.06 -18.43 -21.30
C GLN A 274 4.07 -17.68 -22.08
N ILE A 275 3.67 -17.20 -23.29
CA ILE A 275 4.43 -16.24 -24.04
C ILE A 275 4.75 -15.01 -23.17
N GLU A 276 3.76 -14.55 -22.39
CA GLU A 276 3.90 -13.33 -21.56
C GLU A 276 4.89 -13.54 -20.45
N SER A 277 5.19 -14.79 -20.18
CA SER A 277 6.05 -15.12 -19.06
C SER A 277 7.51 -14.94 -19.43
N ALA A 278 7.78 -14.91 -20.73
CA ALA A 278 9.12 -14.67 -21.25
C ALA A 278 9.53 -13.20 -21.17
N PHE A 279 8.59 -12.33 -20.79
CA PHE A 279 8.89 -10.95 -20.59
C PHE A 279 8.98 -10.54 -19.16
N GLN A 280 8.81 -11.52 -18.25
CA GLN A 280 8.72 -11.23 -16.81
C GLN A 280 9.99 -11.49 -16.01
N ARG A 281 10.21 -10.69 -14.97
CA ARG A 281 11.38 -10.86 -14.13
C ARG A 281 11.22 -12.16 -13.37
N GLU A 282 10.00 -12.42 -12.91
CA GLU A 282 9.73 -13.53 -12.02
C GLU A 282 8.66 -14.43 -12.65
N VAL A 283 9.04 -15.64 -12.91
CA VAL A 283 8.12 -16.64 -13.42
C VAL A 283 7.84 -17.66 -12.31
N ARG A 284 6.56 -17.92 -12.07
CA ARG A 284 6.14 -18.86 -11.03
C ARG A 284 6.37 -20.30 -11.43
N LEU A 285 6.77 -21.11 -10.45
CA LEU A 285 6.90 -22.56 -10.65
C LEU A 285 5.64 -23.30 -10.22
N PRO A 286 5.37 -24.44 -10.84
CA PRO A 286 4.18 -25.21 -10.63
C PRO A 286 3.81 -25.44 -9.17
N SER A 287 4.80 -25.67 -8.32
CA SER A 287 4.55 -25.98 -6.90
C SER A 287 4.28 -24.76 -6.04
N GLY A 288 4.78 -23.61 -6.49
CA GLY A 288 4.48 -22.35 -5.84
C GLY A 288 5.67 -21.43 -5.71
N GLY A 289 6.88 -22.00 -5.78
CA GLY A 289 8.12 -21.20 -5.86
C GLY A 289 8.24 -20.34 -7.15
N SER A 290 9.40 -19.74 -7.35
CA SER A 290 9.65 -18.92 -8.55
C SER A 290 11.13 -18.79 -8.94
N ILE A 291 11.35 -18.30 -10.16
CA ILE A 291 12.68 -17.92 -10.61
C ILE A 291 12.76 -16.44 -11.03
N VAL A 292 13.78 -15.76 -10.56
CA VAL A 292 13.94 -14.36 -10.82
C VAL A 292 15.11 -14.19 -11.74
N ILE A 293 14.84 -13.70 -12.92
CA ILE A 293 15.87 -13.56 -13.98
C ILE A 293 16.41 -12.09 -14.16
N ASP A 294 17.58 -11.85 -13.62
CA ASP A 294 18.18 -10.59 -13.62
C ASP A 294 19.33 -10.66 -14.55
N SER A 295 19.54 -9.58 -15.27
CA SER A 295 20.57 -9.54 -16.22
C SER A 295 21.52 -8.36 -15.99
N THR A 296 22.82 -8.66 -15.89
CA THR A 296 23.83 -7.66 -15.58
C THR A 296 24.71 -7.35 -16.82
N GLU A 297 25.68 -6.47 -16.66
CA GLU A 297 26.66 -6.23 -17.68
C GLU A 297 27.42 -7.51 -18.02
N ALA A 298 27.86 -8.23 -16.99
CA ALA A 298 28.66 -9.48 -17.17
C ALA A 298 27.81 -10.71 -17.59
N LEU A 299 26.75 -10.98 -16.83
CA LEU A 299 26.08 -12.26 -16.96
C LEU A 299 24.58 -12.14 -16.72
N THR A 300 23.91 -13.28 -16.70
CA THR A 300 22.52 -13.34 -16.29
C THR A 300 22.44 -14.14 -15.03
N ALA A 301 21.87 -13.53 -13.99
CA ALA A 301 21.69 -14.24 -12.69
C ALA A 301 20.28 -14.76 -12.56
N ILE A 302 20.15 -16.02 -12.26
CA ILE A 302 18.83 -16.58 -11.93
C ILE A 302 18.74 -17.08 -10.48
N ASP A 303 17.92 -16.38 -9.69
CA ASP A 303 17.66 -16.73 -8.33
C ASP A 303 16.41 -17.60 -8.25
N ILE A 304 16.35 -18.45 -7.22
CA ILE A 304 15.27 -19.38 -7.06
C ILE A 304 14.71 -19.31 -5.65
N ASN A 305 13.40 -19.08 -5.58
CA ASN A 305 12.69 -18.97 -4.30
C ASN A 305 11.66 -20.04 -4.19
N SER A 306 11.42 -20.53 -2.97
CA SER A 306 10.43 -21.62 -2.78
C SER A 306 9.05 -21.08 -2.37
N ALA A 307 8.13 -21.97 -2.02
CA ALA A 307 6.71 -21.58 -1.81
C ALA A 307 6.41 -21.42 -0.29
N ARG A 308 5.78 -20.30 0.11
CA ARG A 308 5.21 -20.20 1.51
C ARG A 308 6.15 -20.81 2.59
N ASP A 314 8.68 -31.30 4.70
CA ASP A 314 10.11 -31.62 4.64
C ASP A 314 10.90 -30.51 3.90
N ILE A 315 11.89 -29.94 4.58
CA ILE A 315 12.72 -28.87 3.99
C ILE A 315 13.64 -29.38 2.88
N GLU A 316 14.33 -30.49 3.14
CA GLU A 316 15.20 -31.13 2.16
C GLU A 316 14.44 -31.47 0.89
N GLU A 317 13.19 -31.97 1.05
CA GLU A 317 12.39 -32.37 -0.10
C GLU A 317 11.86 -31.15 -0.87
N THR A 318 11.59 -30.07 -0.15
CA THR A 318 11.12 -28.83 -0.77
C THR A 318 12.18 -28.18 -1.62
N ALA A 319 13.32 -27.91 -1.04
CA ALA A 319 14.44 -27.40 -1.77
C ALA A 319 14.77 -28.27 -2.99
N PHE A 320 14.75 -29.59 -2.83
CA PHE A 320 15.06 -30.52 -3.91
C PHE A 320 13.99 -30.40 -4.99
N ASN A 321 12.76 -30.27 -4.55
CA ASN A 321 11.63 -30.24 -5.42
C ASN A 321 11.49 -28.97 -6.20
N THR A 322 11.73 -27.87 -5.53
CA THR A 322 11.68 -26.58 -6.14
C THR A 322 12.81 -26.41 -7.16
N ASN A 323 13.99 -26.96 -6.84
CA ASN A 323 15.14 -26.95 -7.78
C ASN A 323 14.92 -27.74 -9.07
N LEU A 324 14.19 -28.84 -8.96
CA LEU A 324 13.90 -29.63 -10.11
C LEU A 324 12.96 -28.89 -11.02
N GLU A 325 11.95 -28.26 -10.43
CA GLU A 325 11.03 -27.42 -11.19
C GLU A 325 11.75 -26.20 -11.82
N ALA A 326 12.65 -25.59 -11.03
CA ALA A 326 13.46 -24.51 -11.48
C ALA A 326 14.27 -24.93 -12.71
N ALA A 327 14.89 -26.09 -12.62
CA ALA A 327 15.70 -26.58 -13.70
C ALA A 327 14.89 -26.69 -15.03
N ASP A 328 13.64 -27.12 -14.91
CA ASP A 328 12.78 -27.27 -16.05
C ASP A 328 12.33 -25.90 -16.62
N GLU A 329 11.93 -24.99 -15.73
CA GLU A 329 11.46 -23.69 -16.14
C GLU A 329 12.60 -22.87 -16.78
N ILE A 330 13.79 -22.93 -16.15
CA ILE A 330 14.96 -22.14 -16.62
C ILE A 330 15.32 -22.54 -18.02
N ALA A 331 15.17 -23.82 -18.28
CA ALA A 331 15.49 -24.38 -19.55
C ALA A 331 14.67 -23.79 -20.68
N ARG A 332 13.36 -23.71 -20.47
CA ARG A 332 12.50 -23.21 -21.50
C ARG A 332 12.54 -21.66 -21.58
N GLN A 333 12.83 -21.01 -20.44
CA GLN A 333 12.88 -19.59 -20.39
C GLN A 333 14.07 -19.14 -21.20
N LEU A 334 15.06 -20.06 -21.29
CA LEU A 334 16.31 -19.78 -22.01
C LEU A 334 16.09 -19.86 -23.49
N ARG A 335 15.15 -20.72 -23.87
CA ARG A 335 14.67 -20.76 -25.25
C ARG A 335 13.74 -19.61 -25.65
N LEU A 336 12.62 -19.47 -24.93
CA LEU A 336 11.72 -18.42 -25.17
C LEU A 336 12.40 -17.03 -25.19
N ARG A 337 13.24 -16.74 -24.17
CA ARG A 337 13.87 -15.42 -24.06
C ARG A 337 15.00 -15.28 -25.09
N ASP A 338 15.50 -16.43 -25.53
CA ASP A 338 16.66 -16.49 -26.38
C ASP A 338 17.91 -15.96 -25.67
N LEU A 339 18.03 -16.28 -24.39
CA LEU A 339 19.12 -15.73 -23.56
C LEU A 339 20.49 -16.25 -24.07
N GLY A 340 21.49 -15.39 -24.03
CA GLY A 340 22.81 -15.74 -24.52
C GLY A 340 23.90 -15.50 -23.50
N GLY A 341 25.10 -16.02 -23.78
CA GLY A 341 26.31 -15.66 -23.01
C GLY A 341 26.43 -16.46 -21.76
N LEU A 342 26.77 -15.81 -20.65
CA LEU A 342 26.97 -16.51 -19.38
C LEU A 342 25.74 -16.48 -18.50
N ILE A 343 25.44 -17.62 -17.88
CA ILE A 343 24.34 -17.69 -16.99
C ILE A 343 24.74 -18.28 -15.67
N VAL A 344 24.33 -17.63 -14.59
CA VAL A 344 24.56 -18.14 -13.27
C VAL A 344 23.24 -18.46 -12.53
N ILE A 345 23.08 -19.69 -12.11
CA ILE A 345 21.87 -20.11 -11.37
C ILE A 345 22.17 -20.33 -9.91
N ASP A 346 21.60 -19.48 -9.06
CA ASP A 346 21.58 -19.72 -7.64
C ASP A 346 20.45 -20.69 -7.21
N PHE A 347 20.76 -21.99 -7.25
CA PHE A 347 19.81 -22.98 -6.81
C PHE A 347 19.70 -22.91 -5.30
N ILE A 348 18.52 -23.22 -4.78
CA ILE A 348 18.33 -23.37 -3.35
C ILE A 348 19.31 -24.43 -2.81
N ASP A 349 19.85 -24.14 -1.62
CA ASP A 349 20.77 -25.03 -0.95
C ASP A 349 20.26 -26.43 -0.70
N MET A 350 21.10 -27.42 -0.98
CA MET A 350 20.78 -28.78 -0.71
C MET A 350 21.98 -29.42 -0.05
N THR A 351 21.74 -30.14 1.04
CA THR A 351 22.82 -30.79 1.76
C THR A 351 23.28 -32.12 1.15
N PRO A 352 22.34 -32.96 0.63
CA PRO A 352 22.79 -34.23 0.02
C PRO A 352 23.39 -34.03 -1.38
N VAL A 353 24.57 -34.59 -1.59
CA VAL A 353 25.23 -34.48 -2.87
C VAL A 353 24.39 -35.12 -4.02
N ARG A 354 23.63 -36.17 -3.69
CA ARG A 354 22.85 -36.89 -4.69
C ARG A 354 21.77 -36.01 -5.23
N HIS A 355 21.30 -35.07 -4.41
CA HIS A 355 20.35 -34.05 -4.86
C HIS A 355 20.98 -33.08 -5.86
N GLN A 356 22.20 -32.66 -5.57
CA GLN A 356 22.91 -31.76 -6.45
C GLN A 356 23.14 -32.34 -7.83
N ARG A 357 23.46 -33.64 -7.89
CA ARG A 357 23.62 -34.34 -9.14
C ARG A 357 22.29 -34.41 -9.92
N ALA A 358 21.19 -34.64 -9.18
CA ALA A 358 19.88 -34.80 -9.78
C ALA A 358 19.34 -33.47 -10.31
N VAL A 359 19.77 -32.40 -9.67
CA VAL A 359 19.43 -31.07 -10.12
C VAL A 359 20.27 -30.62 -11.33
N GLU A 360 21.51 -31.08 -11.39
CA GLU A 360 22.31 -30.92 -12.58
C GLU A 360 21.78 -31.73 -13.76
N ASN A 361 21.46 -33.00 -13.50
CA ASN A 361 21.00 -33.88 -14.53
C ASN A 361 19.62 -33.57 -15.01
N ARG A 362 18.86 -32.89 -14.17
CA ARG A 362 17.60 -32.34 -14.56
C ARG A 362 17.83 -31.26 -15.62
N LEU A 363 18.74 -30.35 -15.33
CA LEU A 363 18.96 -29.20 -16.18
C LEU A 363 19.54 -29.63 -17.54
N ARG A 364 20.42 -30.64 -17.51
CA ARG A 364 21.05 -31.15 -18.71
C ARG A 364 20.05 -31.83 -19.66
N GLU A 365 19.11 -32.59 -19.09
CA GLU A 365 18.07 -33.21 -19.87
C GLU A 365 17.06 -32.20 -20.36
N ALA A 366 16.91 -31.10 -19.65
CA ALA A 366 15.92 -30.16 -19.99
C ALA A 366 16.41 -29.29 -21.10
N VAL A 367 17.71 -29.13 -21.19
CA VAL A 367 18.29 -28.27 -22.25
C VAL A 367 18.70 -29.09 -23.48
N ARG A 368 18.42 -30.39 -23.43
CA ARG A 368 18.74 -31.31 -24.52
C ARG A 368 18.01 -30.97 -25.80
N GLN A 369 16.81 -30.43 -25.69
CA GLN A 369 16.05 -30.08 -26.85
C GLN A 369 16.43 -28.71 -27.45
N ASP A 370 17.23 -27.93 -26.71
CA ASP A 370 17.64 -26.59 -27.18
C ASP A 370 18.63 -26.71 -28.36
N ARG A 371 18.31 -26.04 -29.48
CA ARG A 371 19.18 -26.01 -30.64
C ARG A 371 20.54 -25.32 -30.32
N ALA A 372 20.54 -24.36 -29.36
CA ALA A 372 21.75 -23.53 -29.06
C ALA A 372 22.86 -24.36 -28.40
N ARG A 373 24.11 -23.98 -28.66
CA ARG A 373 25.28 -24.59 -27.97
C ARG A 373 25.30 -24.22 -26.51
N ILE A 374 25.00 -25.18 -25.67
CA ILE A 374 24.86 -24.96 -24.22
C ILE A 374 25.86 -25.78 -23.42
N GLN A 375 26.52 -25.14 -22.47
CA GLN A 375 27.50 -25.82 -21.64
C GLN A 375 27.27 -25.55 -20.16
N ILE A 376 27.24 -26.63 -19.38
CA ILE A 376 26.77 -26.59 -17.98
C ILE A 376 27.82 -27.19 -17.08
N SER A 377 28.17 -26.48 -16.02
CA SER A 377 29.09 -27.00 -15.00
C SER A 377 28.30 -27.64 -13.83
N HIS A 378 28.94 -27.76 -12.67
CA HIS A 378 28.23 -28.27 -11.49
C HIS A 378 27.75 -27.20 -10.59
N ILE A 379 27.01 -27.65 -9.55
CA ILE A 379 26.72 -26.80 -8.38
C ILE A 379 27.95 -26.72 -7.52
N SER A 380 28.50 -25.51 -7.42
CA SER A 380 29.78 -25.27 -6.76
C SER A 380 29.62 -25.29 -5.26
N ARG A 381 30.70 -25.00 -4.54
CA ARG A 381 30.70 -25.04 -3.10
C ARG A 381 29.97 -23.82 -2.55
N PHE A 382 29.68 -22.89 -3.42
CA PHE A 382 28.89 -21.70 -3.04
C PHE A 382 27.43 -21.87 -3.39
N GLY A 383 27.09 -23.03 -3.99
CA GLY A 383 25.71 -23.32 -4.34
C GLY A 383 25.29 -22.56 -5.59
N LEU A 384 26.24 -22.39 -6.52
CA LEU A 384 25.94 -21.81 -7.81
C LEU A 384 26.20 -22.75 -8.96
N LEU A 385 25.41 -22.60 -10.01
CA LEU A 385 25.65 -23.28 -11.27
C LEU A 385 25.98 -22.27 -12.38
N GLU A 386 27.11 -22.46 -13.03
CA GLU A 386 27.48 -21.65 -14.18
C GLU A 386 27.15 -22.39 -15.46
N MET A 387 26.63 -21.68 -16.42
CA MET A 387 26.41 -22.24 -17.73
C MET A 387 26.48 -21.16 -18.83
N SER A 388 26.60 -21.59 -20.07
CA SER A 388 26.70 -20.70 -21.17
C SER A 388 25.80 -21.13 -22.27
N ARG A 389 25.21 -20.16 -22.97
CA ARG A 389 24.34 -20.42 -24.12
C ARG A 389 24.71 -19.47 -25.28
N GLN A 390 24.77 -20.02 -26.49
CA GLN A 390 24.97 -19.22 -27.66
C GLN A 390 23.62 -18.69 -28.22
N ARG A 391 23.45 -17.36 -28.17
CA ARG A 391 22.24 -16.73 -28.68
C ARG A 391 22.14 -17.04 -30.18
N LEU A 392 21.01 -17.61 -30.59
CA LEU A 392 20.86 -18.10 -31.97
C LEU A 392 20.75 -17.04 -33.09
N SER A 393 20.11 -15.90 -32.80
CA SER A 393 19.98 -14.92 -33.79
C SER A 393 20.73 -13.67 -33.62
N PRO A 394 21.40 -13.30 -34.74
CA PRO A 394 22.05 -12.04 -35.06
C PRO A 394 21.29 -10.81 -34.56
N SER A 395 19.97 -10.75 -34.80
CA SER A 395 19.19 -9.57 -34.38
C SER A 395 18.95 -9.50 -32.86
N LEU A 396 19.90 -8.88 -32.15
CA LEU A 396 19.64 -8.41 -30.78
C LEU A 396 18.71 -7.26 -30.88
N GLY A 397 17.43 -7.55 -30.94
CA GLY A 397 16.44 -6.53 -31.26
C GLY A 397 15.05 -6.92 -30.80
N GLU A 398 14.17 -5.94 -30.75
CA GLU A 398 12.89 -6.13 -30.11
C GLU A 398 11.80 -5.39 -30.87
N SER A 399 10.82 -6.15 -31.34
CA SER A 399 9.90 -5.68 -32.40
C SER A 399 9.18 -4.32 -32.06
N SER A 400 8.59 -4.22 -30.85
CA SER A 400 7.92 -2.98 -30.42
C SER A 400 8.23 -2.64 -28.92
N HIS A 401 9.29 -1.84 -28.73
CA HIS A 401 9.85 -1.56 -27.42
C HIS A 401 10.30 -0.11 -27.34
N HIS A 402 10.64 0.34 -26.13
CA HIS A 402 11.33 1.58 -25.93
C HIS A 402 12.27 1.50 -24.75
N VAL A 403 13.19 2.44 -24.66
CA VAL A 403 14.06 2.56 -23.52
C VAL A 403 13.26 2.49 -22.21
N CYS A 404 13.75 1.69 -21.27
CA CYS A 404 13.25 1.74 -19.94
C CYS A 404 13.53 3.11 -19.30
N PRO A 405 12.47 3.77 -18.82
CA PRO A 405 12.59 5.08 -18.22
C PRO A 405 13.29 5.09 -16.89
N ARG A 406 12.96 4.14 -16.05
CA ARG A 406 13.47 4.16 -14.71
C ARG A 406 14.98 3.95 -14.69
N CYS A 407 15.47 3.07 -15.55
CA CYS A 407 16.89 2.84 -15.63
C CYS A 407 17.52 3.71 -16.66
N SER A 408 16.67 4.49 -17.36
CA SER A 408 17.12 5.45 -18.37
C SER A 408 18.02 4.81 -19.45
N GLY A 409 17.71 3.57 -19.82
CA GLY A 409 18.33 2.92 -20.96
C GLY A 409 19.34 1.87 -20.55
N THR A 410 20.14 2.16 -19.53
CA THR A 410 21.02 1.16 -18.91
C THR A 410 20.25 0.36 -17.87
N GLY A 411 20.64 -0.89 -17.64
CA GLY A 411 19.85 -1.80 -16.83
C GLY A 411 20.11 -1.68 -15.34
N THR A 412 20.69 -0.56 -14.93
CA THR A 412 21.10 -0.37 -13.56
C THR A 412 20.33 0.76 -12.92
N VAL A 413 19.85 0.49 -11.72
CA VAL A 413 19.10 1.48 -10.98
C VAL A 413 19.87 1.75 -9.74
N ARG A 414 20.12 3.04 -9.47
CA ARG A 414 20.99 3.42 -8.37
C ARG A 414 20.30 3.22 -6.97
N ASP A 415 20.94 2.47 -6.10
CA ASP A 415 20.38 2.22 -4.80
C ASP A 415 20.07 3.53 -4.09
N ASN A 416 19.02 3.51 -3.28
CA ASN A 416 18.58 4.73 -2.52
C ASN A 416 19.68 5.32 -1.65
N GLU A 417 20.57 4.45 -1.18
CA GLU A 417 21.76 4.87 -0.47
C GLU A 417 22.55 5.82 -1.32
N SER A 418 23.04 5.29 -2.43
CA SER A 418 24.07 5.96 -3.23
C SER A 418 23.51 7.15 -4.00
N LEU A 419 22.27 7.03 -4.49
CA LEU A 419 21.58 8.15 -5.11
C LEU A 419 21.58 9.30 -4.19
N SER A 420 21.15 9.06 -2.97
CA SER A 420 21.09 10.08 -1.93
C SER A 420 22.42 10.70 -1.67
N LEU A 421 23.40 9.85 -1.42
CA LEU A 421 24.79 10.29 -1.24
C LEU A 421 25.28 11.12 -2.41
N SER A 422 24.78 10.83 -3.60
CA SER A 422 25.20 11.52 -4.80
C SER A 422 24.60 12.92 -4.87
N ILE A 423 23.35 13.01 -4.53
CA ILE A 423 22.67 14.29 -4.47
C ILE A 423 23.25 15.16 -3.32
N LEU A 424 23.62 14.49 -2.24
CA LEU A 424 24.11 15.12 -1.04
C LEU A 424 25.40 15.84 -1.34
N ARG A 425 26.28 15.19 -2.11
CA ARG A 425 27.56 15.81 -2.57
C ARG A 425 27.27 16.90 -3.58
N LEU A 426 26.22 16.70 -4.34
CA LEU A 426 25.80 17.66 -5.33
C LEU A 426 25.20 18.94 -4.70
N ILE A 427 24.42 18.76 -3.63
CA ILE A 427 23.89 19.90 -2.85
C ILE A 427 25.03 20.73 -2.28
N GLU A 428 26.01 20.04 -1.68
CA GLU A 428 27.10 20.73 -1.01
C GLU A 428 27.93 21.51 -1.98
N GLU A 429 28.15 20.94 -3.17
CA GLU A 429 28.88 21.61 -4.26
C GLU A 429 28.18 22.89 -4.75
N GLU A 430 26.87 22.94 -4.59
CA GLU A 430 26.11 24.14 -4.93
C GLU A 430 26.17 25.18 -3.81
N ALA A 431 26.21 24.70 -2.58
CA ALA A 431 26.26 25.56 -1.40
C ALA A 431 27.63 26.24 -1.25
N LEU A 432 28.67 25.60 -1.81
CA LEU A 432 30.04 26.12 -1.75
C LEU A 432 30.20 27.31 -2.65
N LYS A 433 29.43 27.34 -3.73
CA LYS A 433 29.54 28.38 -4.73
C LYS A 433 29.33 29.76 -4.12
N GLU A 434 30.14 30.72 -4.56
CA GLU A 434 30.07 32.11 -4.08
C GLU A 434 28.72 32.73 -4.40
N ASN A 435 28.18 33.49 -3.45
CA ASN A 435 26.95 34.24 -3.66
C ASN A 435 25.69 33.34 -3.58
N THR A 436 25.82 32.19 -2.93
CA THR A 436 24.70 31.29 -2.79
C THR A 436 23.95 31.58 -1.51
N GLN A 437 22.64 31.83 -1.64
CA GLN A 437 21.77 32.03 -0.47
C GLN A 437 21.14 30.68 -0.05
N GLU A 438 20.55 29.99 -1.02
CA GLU A 438 19.85 28.74 -0.75
C GLU A 438 20.12 27.74 -1.84
N VAL A 439 19.83 26.48 -1.53
CA VAL A 439 19.93 25.42 -2.50
C VAL A 439 18.71 24.50 -2.35
N HIS A 440 17.95 24.32 -3.40
CA HIS A 440 16.76 23.48 -3.33
C HIS A 440 16.96 22.15 -4.02
N ALA A 441 16.92 21.08 -3.25
CA ALA A 441 16.89 19.73 -3.79
C ALA A 441 15.43 19.25 -3.87
N ILE A 442 14.93 19.14 -5.08
CA ILE A 442 13.60 18.59 -5.31
C ILE A 442 13.71 17.13 -5.72
N VAL A 443 13.44 16.24 -4.77
CA VAL A 443 13.68 14.81 -4.96
C VAL A 443 12.40 14.03 -4.78
N PRO A 444 12.30 12.85 -5.39
CA PRO A 444 11.24 11.88 -5.10
C PRO A 444 11.07 11.61 -3.59
N VAL A 445 9.89 11.11 -3.21
CA VAL A 445 9.52 11.04 -1.80
C VAL A 445 10.45 10.15 -0.93
N PRO A 446 10.71 8.89 -1.37
CA PRO A 446 11.63 8.03 -0.61
C PRO A 446 13.03 8.63 -0.39
N ILE A 447 13.54 9.36 -1.40
CA ILE A 447 14.84 10.05 -1.34
C ILE A 447 14.82 11.22 -0.31
N ALA A 448 13.79 12.05 -0.36
CA ALA A 448 13.61 13.05 0.65
C ALA A 448 13.47 12.40 2.07
N SER A 449 12.84 11.22 2.14
CA SER A 449 12.74 10.52 3.39
C SER A 449 14.09 10.01 3.85
N TYR A 450 14.85 9.39 2.94
CA TYR A 450 16.16 8.86 3.27
C TYR A 450 17.13 9.97 3.60
N LEU A 451 17.17 11.02 2.76
CA LEU A 451 18.04 12.21 3.00
C LEU A 451 17.80 12.86 4.37
N LEU A 452 16.50 13.03 4.74
CA LEU A 452 16.12 13.92 5.84
C LEU A 452 15.98 13.21 7.11
N ASN A 453 16.23 11.88 7.08
CA ASN A 453 16.29 11.03 8.30
C ASN A 453 17.61 10.32 8.43
N GLU A 454 17.86 9.36 7.56
CA GLU A 454 19.11 8.62 7.56
C GLU A 454 20.32 9.54 7.39
N LYS A 455 20.16 10.57 6.59
CA LYS A 455 21.26 11.43 6.27
C LYS A 455 21.10 12.82 6.89
N ARG A 456 20.23 12.93 7.89
CA ARG A 456 19.93 14.24 8.49
C ARG A 456 21.21 14.89 9.08
N SER A 457 22.07 14.05 9.63
CA SER A 457 23.28 14.50 10.22
C SER A 457 24.12 15.21 9.24
N ALA A 458 24.22 14.64 8.04
CA ALA A 458 25.07 15.19 6.97
C ALA A 458 24.44 16.45 6.32
N VAL A 459 23.11 16.46 6.23
CA VAL A 459 22.39 17.64 5.80
C VAL A 459 22.66 18.85 6.75
N ASN A 460 22.61 18.57 8.07
CA ASN A 460 22.98 19.58 9.09
C ASN A 460 24.44 19.99 9.00
N ALA A 461 25.31 19.04 8.67
CA ALA A 461 26.73 19.29 8.55
C ALA A 461 27.02 20.25 7.44
N ILE A 462 26.26 20.16 6.36
CA ILE A 462 26.43 21.07 5.23
C ILE A 462 26.04 22.49 5.60
N GLU A 463 24.87 22.63 6.19
CA GLU A 463 24.33 23.94 6.55
C GLU A 463 25.19 24.63 7.62
N THR A 464 25.84 23.85 8.48
CA THR A 464 26.62 24.45 9.56
C THR A 464 27.99 24.80 9.07
N ARG A 465 28.47 24.08 8.06
CA ARG A 465 29.74 24.41 7.42
C ARG A 465 29.63 25.55 6.37
N GLN A 466 28.51 25.59 5.65
CA GLN A 466 28.19 26.74 4.80
C GLN A 466 27.31 27.72 5.56
N ASP A 467 27.91 28.41 6.53
CA ASP A 467 27.17 29.27 7.46
C ASP A 467 26.31 30.30 6.70
N GLY A 468 24.99 30.10 6.74
CA GLY A 468 24.05 31.04 6.14
C GLY A 468 23.36 30.51 4.90
N VAL A 469 23.75 29.31 4.48
CA VAL A 469 23.17 28.72 3.28
C VAL A 469 22.04 27.71 3.62
N ARG A 470 20.84 27.98 3.11
CA ARG A 470 19.72 27.13 3.36
C ARG A 470 19.67 25.98 2.40
N CYS A 471 19.72 24.76 2.96
CA CYS A 471 19.49 23.52 2.21
C CYS A 471 18.09 23.11 2.34
N VAL A 472 17.35 23.18 1.23
CA VAL A 472 15.96 22.76 1.23
C VAL A 472 15.79 21.48 0.44
N ILE A 473 15.38 20.40 1.15
CA ILE A 473 15.13 19.12 0.51
C ILE A 473 13.67 18.82 0.57
N VAL A 474 13.00 18.93 -0.57
CA VAL A 474 11.56 18.82 -0.60
C VAL A 474 11.07 17.53 -1.28
N PRO A 475 10.32 16.70 -0.53
CA PRO A 475 9.72 15.52 -1.10
C PRO A 475 8.68 15.90 -2.11
N ASN A 476 8.80 15.36 -3.32
CA ASN A 476 7.86 15.63 -4.40
C ASN A 476 7.27 14.33 -4.97
N ASP A 477 5.99 14.09 -4.71
CA ASP A 477 5.37 12.82 -5.12
C ASP A 477 5.07 12.80 -6.61
N GLN A 478 5.45 13.89 -7.28
CA GLN A 478 5.30 13.99 -8.71
C GLN A 478 6.49 13.40 -9.48
N MET A 479 7.58 13.11 -8.78
CA MET A 479 8.79 12.48 -9.39
C MET A 479 8.97 11.03 -8.93
N GLU A 480 9.65 10.24 -9.76
CA GLU A 480 10.12 8.90 -9.36
C GLU A 480 11.63 8.87 -9.37
N THR A 481 12.21 7.70 -9.09
CA THR A 481 13.40 7.65 -8.29
C THR A 481 14.76 7.96 -9.00
N PRO A 482 14.83 7.76 -10.33
CA PRO A 482 16.04 8.22 -11.07
C PRO A 482 16.14 9.76 -11.14
N HIS A 483 14.99 10.42 -11.24
CA HIS A 483 14.94 11.88 -11.45
C HIS A 483 15.11 12.68 -10.17
N TYR A 484 15.55 13.92 -10.32
CA TYR A 484 15.59 14.90 -9.21
C TYR A 484 16.05 16.24 -9.71
N HIS A 485 16.26 17.16 -8.78
CA HIS A 485 16.68 18.51 -9.11
C HIS A 485 17.44 19.14 -7.98
N VAL A 486 18.49 19.87 -8.33
CA VAL A 486 19.25 20.65 -7.36
C VAL A 486 19.44 22.06 -7.90
N LEU A 487 18.68 22.99 -7.36
CA LEU A 487 18.65 24.36 -7.84
C LEU A 487 19.33 25.29 -6.86
N ARG A 488 20.06 26.27 -7.42
CA ARG A 488 20.83 27.24 -6.62
C ARG A 488 20.10 28.60 -6.56
N VAL A 489 19.99 29.14 -5.36
CA VAL A 489 19.30 30.40 -5.17
C VAL A 489 20.30 31.44 -4.70
N ARG A 490 20.62 32.39 -5.61
CA ARG A 490 21.62 33.42 -5.34
C ARG A 490 21.11 34.39 -4.28
N LYS A 491 22.05 35.04 -3.58
CA LYS A 491 21.70 35.99 -2.53
C LYS A 491 20.83 37.12 -3.08
N GLY A 492 19.61 37.22 -2.57
CA GLY A 492 18.70 38.29 -2.94
C GLY A 492 17.47 37.83 -3.70
N GLU A 493 17.57 36.70 -4.38
CA GLU A 493 16.47 36.22 -5.20
C GLU A 493 15.69 35.10 -4.55
N GLU A 494 15.83 34.97 -3.23
CA GLU A 494 15.04 34.02 -2.46
C GLU A 494 13.67 34.59 -2.13
N THR A 495 12.67 33.73 -2.20
CA THR A 495 11.28 34.11 -1.89
C THR A 495 10.88 33.50 -0.55
N PRO A 496 9.76 33.96 0.03
CA PRO A 496 9.31 33.37 1.27
C PRO A 496 8.41 32.13 1.04
N THR A 497 8.56 31.50 -0.11
CA THR A 497 7.75 30.34 -0.47
C THR A 497 7.94 29.22 0.50
N LEU A 498 6.88 28.49 0.79
CA LEU A 498 6.96 27.31 1.65
C LEU A 498 7.68 26.14 0.96
N SER A 499 8.41 25.37 1.76
CA SER A 499 9.20 24.24 1.25
C SER A 499 8.43 23.37 0.25
N TYR A 500 7.18 23.01 0.58
CA TYR A 500 6.41 22.06 -0.24
C TYR A 500 5.72 22.74 -1.44
N MET A 501 5.72 24.08 -1.43
CA MET A 501 5.11 24.83 -2.54
C MET A 501 6.17 25.28 -3.56
N LEU A 502 7.38 24.77 -3.41
CA LEU A 502 8.47 25.09 -4.30
C LEU A 502 8.43 24.33 -5.61
N PRO A 503 8.18 23.02 -5.55
CA PRO A 503 8.15 22.27 -6.81
C PRO A 503 7.30 22.98 -7.87
N LYS A 504 6.15 23.54 -7.43
CA LYS A 504 5.34 24.43 -8.29
C LYS A 504 6.10 25.69 -8.68
N LEU A 505 6.71 26.36 -7.69
CA LEU A 505 7.46 27.62 -7.94
C LEU A 505 8.50 27.41 -9.04
N HIS A 506 9.23 26.33 -8.93
CA HIS A 506 10.27 26.00 -9.90
C HIS A 506 9.71 25.30 -11.16
N GLU A 507 8.38 25.06 -11.16
CA GLU A 507 7.65 24.71 -12.41
C GLU A 507 7.98 25.72 -13.50
N GLU A 508 8.54 26.88 -13.09
CA GLU A 508 9.10 27.85 -14.04
C GLU A 508 10.60 27.96 -13.90
N MET B 1 54.22 7.96 3.40
CA MET B 1 53.89 7.82 4.85
C MET B 1 52.46 7.52 5.00
N LYS B 2 52.16 6.72 5.98
CA LYS B 2 50.82 6.34 6.19
C LYS B 2 50.20 7.20 7.28
N ARG B 3 48.99 7.69 7.01
CA ARG B 3 48.28 8.54 7.93
C ARG B 3 46.89 8.01 8.14
N MET B 4 46.32 8.28 9.30
CA MET B 4 44.91 8.05 9.57
C MET B 4 44.23 9.41 9.74
N LEU B 5 43.57 9.86 8.69
CA LEU B 5 42.81 11.09 8.73
C LEU B 5 41.43 10.88 9.35
N ILE B 6 41.03 11.73 10.31
CA ILE B 6 39.74 11.58 10.98
C ILE B 6 38.92 12.86 10.89
N ASN B 7 37.98 12.88 9.97
CA ASN B 7 37.07 13.99 9.81
C ASN B 7 35.89 13.88 10.76
N ALA B 8 35.73 14.86 11.66
CA ALA B 8 34.72 14.79 12.70
C ALA B 8 33.97 16.11 12.89
N THR B 9 33.88 16.92 11.84
CA THR B 9 33.16 18.20 11.93
C THR B 9 31.69 18.02 11.61
N LEU B 14 30.97 10.63 11.59
CA LEU B 14 32.42 10.50 11.82
C LEU B 14 33.14 9.56 10.79
N ARG B 15 34.10 10.12 10.05
CA ARG B 15 34.78 9.39 8.94
C ARG B 15 36.29 9.23 9.21
N VAL B 16 36.79 8.03 8.93
CA VAL B 16 38.18 7.66 9.21
C VAL B 16 38.76 7.06 7.93
N ALA B 17 39.81 7.69 7.41
CA ALA B 17 40.46 7.21 6.19
C ALA B 17 41.91 6.97 6.40
N LEU B 18 42.37 5.80 5.98
CA LEU B 18 43.81 5.50 5.97
C LEU B 18 44.45 5.89 4.65
N VAL B 19 45.46 6.76 4.72
CA VAL B 19 46.06 7.33 3.52
C VAL B 19 47.55 7.04 3.46
N ASP B 20 47.94 6.21 2.50
CA ASP B 20 49.31 6.22 1.98
C ASP B 20 49.42 7.10 0.73
N GLY B 21 50.48 7.89 0.66
CA GLY B 21 50.59 9.08 1.49
C GLY B 21 49.91 10.29 0.88
N GLN B 22 49.41 10.12 -0.34
CA GLN B 22 48.22 10.83 -0.79
C GLN B 22 47.31 9.92 -1.60
N ARG B 23 47.47 8.62 -1.43
CA ARG B 23 46.49 7.65 -1.91
C ARG B 23 45.64 7.11 -0.77
N LEU B 24 44.38 6.81 -1.07
CA LEU B 24 43.41 6.42 -0.05
C LEU B 24 43.12 4.93 -0.11
N TYR B 25 43.61 4.18 0.88
CA TYR B 25 43.70 2.71 0.79
C TYR B 25 42.75 1.95 1.73
N ASP B 26 41.99 2.69 2.55
CA ASP B 26 40.98 2.11 3.43
C ASP B 26 40.12 3.22 4.00
N LEU B 27 38.82 2.94 4.17
CA LEU B 27 37.86 3.96 4.62
C LEU B 27 36.90 3.40 5.58
N ASP B 28 36.52 4.17 6.60
CA ASP B 28 35.45 3.74 7.51
C ASP B 28 34.54 4.87 7.86
N ILE B 29 33.24 4.64 7.73
CA ILE B 29 32.28 5.70 7.98
C ILE B 29 31.28 5.33 9.06
N HIS B 34 22.07 2.99 17.18
CA HIS B 34 22.91 1.89 17.62
C HIS B 34 23.69 2.28 18.88
N GLU B 35 23.01 2.28 20.03
CA GLU B 35 23.71 2.37 21.31
C GLU B 35 24.23 1.00 21.71
N GLN B 36 25.55 0.85 21.62
CA GLN B 36 26.19 -0.47 21.62
C GLN B 36 26.61 -0.89 23.06
N LYS B 37 26.32 -2.14 23.42
CA LYS B 37 26.88 -2.71 24.66
C LYS B 37 27.60 -4.09 24.54
N LYS B 38 27.15 -5.00 23.64
CA LYS B 38 27.82 -6.33 23.53
C LYS B 38 29.31 -6.10 23.58
N ALA B 39 30.01 -6.88 24.36
CA ALA B 39 31.52 -6.77 24.47
C ALA B 39 32.05 -5.48 25.12
N ASN B 40 31.23 -4.84 25.94
CA ASN B 40 31.75 -3.86 26.91
C ASN B 40 32.25 -4.57 28.16
N ILE B 41 33.23 -3.96 28.81
CA ILE B 41 33.82 -4.57 30.01
C ILE B 41 33.62 -3.66 31.22
N TYR B 42 33.11 -4.22 32.29
CA TYR B 42 32.86 -3.48 33.52
C TYR B 42 33.57 -4.17 34.66
N LYS B 43 33.91 -3.43 35.69
CA LYS B 43 33.98 -4.00 37.05
C LYS B 43 32.58 -4.03 37.77
N GLY B 44 32.20 -5.15 38.34
CA GLY B 44 30.84 -5.33 38.83
C GLY B 44 30.82 -5.92 40.22
N LYS B 45 29.84 -5.52 41.01
CA LYS B 45 29.61 -6.14 42.31
C LYS B 45 28.48 -7.15 42.22
N ILE B 46 28.66 -8.28 42.88
CA ILE B 46 27.64 -9.33 42.88
C ILE B 46 26.44 -8.94 43.73
N THR B 47 25.29 -8.76 43.09
CA THR B 47 24.08 -8.32 43.78
C THR B 47 23.50 -9.42 44.62
N ARG B 48 23.20 -10.55 43.99
CA ARG B 48 22.66 -11.70 44.70
C ARG B 48 22.86 -13.02 43.97
N ILE B 49 22.95 -14.10 44.75
CA ILE B 49 23.28 -15.44 44.24
C ILE B 49 22.03 -16.32 44.17
N GLU B 50 21.92 -17.13 43.12
CA GLU B 50 20.79 -18.04 42.95
C GLU B 50 21.23 -19.49 42.71
N PRO B 51 21.27 -20.30 43.78
CA PRO B 51 21.71 -21.66 43.64
C PRO B 51 20.75 -22.46 42.82
N SER B 52 19.55 -21.93 42.67
CA SER B 52 18.48 -22.58 41.92
C SER B 52 18.72 -22.52 40.41
N LEU B 53 19.28 -21.40 39.95
CA LEU B 53 19.60 -21.21 38.52
C LEU B 53 21.08 -21.42 38.21
N GLU B 54 21.83 -21.90 39.19
CA GLU B 54 23.25 -22.02 39.10
C GLU B 54 23.86 -20.73 38.43
N ALA B 55 23.46 -19.57 38.97
CA ALA B 55 23.84 -18.29 38.42
C ALA B 55 23.86 -17.17 39.49
N ALA B 56 24.37 -16.02 39.11
CA ALA B 56 24.35 -14.87 39.99
C ALA B 56 24.02 -13.58 39.24
N PHE B 57 23.67 -12.54 40.00
CA PHE B 57 23.32 -11.26 39.43
C PHE B 57 24.41 -10.20 39.75
N VAL B 58 24.74 -9.39 38.75
CA VAL B 58 25.83 -8.43 38.89
C VAL B 58 25.35 -7.00 38.60
N ASP B 59 25.70 -6.09 39.48
CA ASP B 59 25.54 -4.68 39.23
C ASP B 59 26.76 -4.15 38.52
N TYR B 60 26.65 -3.95 37.24
CA TYR B 60 27.71 -3.33 36.48
C TYR B 60 27.45 -1.85 36.23
N GLY B 61 26.51 -1.29 36.99
CA GLY B 61 26.07 0.08 36.78
C GLY B 61 24.62 0.21 36.33
N ALA B 62 24.25 -0.50 35.23
CA ALA B 62 22.94 -0.29 34.53
C ALA B 62 21.75 -0.37 35.50
N GLU B 63 20.63 0.22 35.09
CA GLU B 63 19.42 0.22 35.91
C GLU B 63 18.92 -1.21 36.15
N ARG B 64 19.35 -2.14 35.30
CA ARG B 64 19.02 -3.54 35.45
C ARG B 64 20.31 -4.36 35.65
N HIS B 65 20.23 -5.37 36.52
CA HIS B 65 21.37 -6.24 36.83
C HIS B 65 21.65 -7.28 35.76
N GLY B 66 22.93 -7.51 35.47
CA GLY B 66 23.33 -8.55 34.53
C GLY B 66 23.17 -9.95 35.11
N PHE B 67 23.31 -10.95 34.23
CA PHE B 67 23.09 -12.33 34.59
C PHE B 67 24.40 -13.14 34.32
N LEU B 68 24.99 -13.65 35.40
CA LEU B 68 26.25 -14.41 35.31
C LEU B 68 26.04 -15.88 35.74
N PRO B 69 25.83 -16.78 34.75
CA PRO B 69 25.70 -18.19 35.01
C PRO B 69 27.03 -18.80 35.46
N LEU B 70 26.96 -19.97 36.13
CA LEU B 70 28.16 -20.58 36.73
C LEU B 70 29.22 -20.92 35.65
N LYS B 71 28.75 -21.31 34.48
CA LYS B 71 29.62 -21.76 33.41
C LYS B 71 30.50 -20.64 32.88
N GLU B 72 30.26 -19.41 33.36
CA GLU B 72 31.00 -18.23 32.90
C GLU B 72 32.00 -17.67 33.93
N ILE B 73 32.08 -18.29 35.10
CA ILE B 73 33.01 -17.86 36.12
C ILE B 73 34.38 -18.55 35.97
N ALA B 74 35.44 -17.76 35.94
CA ALA B 74 36.79 -18.29 35.74
C ALA B 74 37.32 -18.93 37.01
N ARG B 75 38.19 -19.93 36.84
CA ARG B 75 38.90 -20.54 37.96
C ARG B 75 39.61 -19.48 38.80
N GLU B 76 39.95 -18.36 38.17
CA GLU B 76 40.52 -17.22 38.88
C GLU B 76 39.63 -16.82 40.06
N TYR B 77 38.35 -17.18 39.99
CA TYR B 77 37.42 -16.93 41.07
C TYR B 77 37.07 -18.20 41.82
N PHE B 78 37.85 -19.26 41.60
CA PHE B 78 37.57 -20.57 42.16
C PHE B 78 38.73 -21.07 43.00
N PRO B 79 38.47 -22.11 43.79
CA PRO B 79 39.49 -22.68 44.68
C PRO B 79 39.82 -24.12 44.31
N ALA B 80 38.91 -25.04 44.61
CA ALA B 80 38.78 -26.27 43.85
C ALA B 80 37.39 -26.39 43.24
N ARG B 87 31.47 -31.00 40.91
CA ARG B 87 30.58 -29.96 40.40
C ARG B 87 29.94 -29.15 41.53
N PRO B 88 30.30 -27.85 41.60
CA PRO B 88 30.00 -27.05 42.81
C PRO B 88 28.65 -26.30 42.70
N ASN B 89 28.03 -25.98 43.84
CA ASN B 89 26.92 -25.02 43.87
C ASN B 89 27.43 -23.60 43.86
N ILE B 90 26.80 -22.76 43.07
CA ILE B 90 27.28 -21.41 42.91
C ILE B 90 27.30 -20.64 44.26
N LYS B 91 26.54 -21.16 45.25
CA LYS B 91 26.50 -20.60 46.62
C LYS B 91 27.81 -20.80 47.35
N ASP B 92 28.57 -21.82 46.93
CA ASP B 92 29.86 -22.12 47.56
C ASP B 92 30.98 -21.30 46.92
N VAL B 93 30.71 -20.73 45.75
CA VAL B 93 31.74 -20.05 44.97
C VAL B 93 31.82 -18.54 45.25
N LEU B 94 30.68 -17.87 45.16
CA LEU B 94 30.67 -16.43 45.22
C LEU B 94 30.14 -15.91 46.56
N ARG B 95 30.69 -14.78 47.02
CA ARG B 95 30.09 -14.00 48.11
C ARG B 95 29.26 -12.86 47.54
N GLU B 96 28.19 -12.50 48.22
CA GLU B 96 27.40 -11.35 47.85
C GLU B 96 28.23 -10.05 47.99
N GLY B 97 28.20 -9.22 46.96
CA GLY B 97 28.91 -7.94 46.97
C GLY B 97 30.40 -8.08 46.66
N GLN B 98 30.76 -9.22 46.09
CA GLN B 98 32.13 -9.49 45.66
C GLN B 98 32.41 -8.88 44.29
N GLU B 99 33.53 -8.15 44.17
CA GLU B 99 33.84 -7.43 42.93
C GLU B 99 34.38 -8.41 41.87
N VAL B 100 34.15 -8.07 40.59
CA VAL B 100 34.42 -9.00 39.49
C VAL B 100 34.46 -8.28 38.15
N ILE B 101 35.50 -8.59 37.34
CA ILE B 101 35.67 -8.01 35.98
C ILE B 101 34.81 -8.77 35.00
N VAL B 102 33.88 -8.03 34.36
CA VAL B 102 32.74 -8.62 33.71
C VAL B 102 32.58 -8.07 32.28
N GLN B 103 32.36 -8.97 31.33
CA GLN B 103 32.06 -8.58 29.95
C GLN B 103 30.65 -8.99 29.53
N ILE B 104 30.02 -8.17 28.68
CA ILE B 104 28.69 -8.47 28.19
C ILE B 104 28.75 -9.44 27.03
N ASP B 105 28.11 -10.63 27.21
CA ASP B 105 28.00 -11.61 26.14
C ASP B 105 26.83 -11.23 25.21
N LYS B 106 25.73 -10.80 25.79
CA LYS B 106 24.50 -10.56 25.04
C LYS B 106 23.75 -9.32 25.57
N GLU B 107 23.39 -8.43 24.65
CA GLU B 107 22.64 -7.21 24.97
C GLU B 107 21.37 -7.52 25.77
N GLU B 108 20.77 -6.47 26.40
CA GLU B 108 19.51 -6.62 27.16
C GLU B 108 18.32 -6.86 26.26
N ARG B 109 17.63 -7.97 26.45
CA ARG B 109 16.48 -8.30 25.63
C ARG B 109 15.25 -8.47 26.45
N GLY B 110 14.22 -7.70 26.13
CA GLY B 110 12.95 -7.77 26.85
C GLY B 110 13.08 -7.52 28.35
N ASN B 111 12.78 -8.55 29.13
CA ASN B 111 12.81 -8.43 30.58
C ASN B 111 14.14 -8.75 31.20
N LYS B 112 14.78 -9.79 30.71
CA LYS B 112 16.06 -10.17 31.22
C LYS B 112 17.02 -8.97 31.25
N GLY B 113 17.89 -8.92 32.28
CA GLY B 113 19.15 -8.13 32.21
C GLY B 113 20.13 -8.74 31.20
N ALA B 114 21.41 -8.35 31.28
CA ALA B 114 22.38 -8.69 30.20
C ALA B 114 23.23 -9.97 30.53
N ALA B 115 23.44 -10.85 29.53
CA ALA B 115 24.28 -12.03 29.71
C ALA B 115 25.74 -11.62 29.93
N LEU B 116 26.31 -12.04 31.07
CA LEU B 116 27.63 -11.65 31.44
C LEU B 116 28.52 -12.85 31.54
N THR B 117 29.81 -12.66 31.26
CA THR B 117 30.81 -13.69 31.46
C THR B 117 32.06 -13.09 32.04
N THR B 118 32.74 -13.83 32.92
CA THR B 118 34.03 -13.39 33.45
C THR B 118 35.16 -13.68 32.47
N PHE B 119 34.92 -14.70 31.61
CA PHE B 119 35.85 -15.05 30.55
C PHE B 119 35.92 -13.90 29.53
N ILE B 120 36.78 -12.95 29.81
CA ILE B 120 36.89 -11.80 28.98
C ILE B 120 37.58 -12.14 27.66
N SER B 121 37.15 -11.47 26.58
CA SER B 121 37.80 -11.60 25.31
C SER B 121 38.03 -10.23 24.69
N LEU B 122 39.27 -9.98 24.25
CA LEU B 122 39.66 -8.72 23.57
C LEU B 122 39.97 -8.99 22.12
N ALA B 123 39.08 -8.54 21.24
CA ALA B 123 39.27 -8.75 19.79
C ALA B 123 40.12 -7.64 19.16
N GLY B 124 41.12 -8.03 18.39
CA GLY B 124 41.91 -7.07 17.62
C GLY B 124 41.51 -7.07 16.17
N SER B 125 42.47 -6.92 15.30
CA SER B 125 42.21 -7.05 13.91
C SER B 125 42.31 -8.47 13.49
N TYR B 126 43.30 -9.17 14.04
CA TYR B 126 43.62 -10.52 13.63
C TYR B 126 43.48 -11.52 14.79
N LEU B 127 43.50 -11.01 16.02
CA LEU B 127 43.58 -11.82 17.19
C LEU B 127 42.43 -11.53 18.14
N VAL B 128 41.97 -12.57 18.85
CA VAL B 128 41.10 -12.39 20.02
C VAL B 128 41.79 -12.95 21.23
N LEU B 129 42.28 -12.07 22.09
CA LEU B 129 42.91 -12.50 23.31
C LEU B 129 41.84 -12.92 24.38
N MET B 130 41.98 -14.13 24.93
CA MET B 130 41.15 -14.57 26.06
C MET B 130 42.01 -14.61 27.29
N PRO B 131 42.34 -13.45 27.85
CA PRO B 131 43.41 -13.36 28.83
C PRO B 131 43.05 -14.13 30.02
N ASN B 132 41.79 -14.51 30.09
CA ASN B 132 41.22 -15.11 31.27
C ASN B 132 41.30 -16.62 31.25
N ASN B 133 41.13 -17.22 30.08
CA ASN B 133 41.19 -18.66 29.96
C ASN B 133 42.03 -19.18 28.78
N PRO B 134 42.97 -20.11 29.08
CA PRO B 134 43.81 -20.73 28.07
C PRO B 134 43.12 -21.92 27.35
N ARG B 135 41.96 -22.36 27.85
CA ARG B 135 41.33 -23.61 27.37
C ARG B 135 40.72 -23.44 26.00
N ALA B 136 40.66 -22.20 25.51
CA ALA B 136 39.98 -21.91 24.27
C ALA B 136 40.80 -21.11 23.24
N GLY B 137 41.78 -21.69 22.62
CA GLY B 137 42.49 -20.96 21.58
C GLY B 137 42.84 -21.84 20.44
N GLY B 138 43.20 -21.24 19.32
CA GLY B 138 43.59 -22.03 18.14
C GLY B 138 43.10 -21.36 16.88
N ILE B 139 43.33 -21.99 15.76
CA ILE B 139 42.97 -21.42 14.52
C ILE B 139 41.62 -21.95 14.11
N SER B 140 40.80 -21.15 13.59
CA SER B 140 39.47 -21.55 13.50
C SER B 140 39.22 -22.45 12.38
N ARG B 141 38.11 -23.07 12.48
CA ARG B 141 37.77 -24.02 11.56
C ARG B 141 37.47 -23.47 10.19
N ARG B 142 37.21 -22.14 10.11
CA ARG B 142 36.86 -21.52 8.84
C ARG B 142 38.02 -21.52 7.89
N ILE B 143 39.23 -21.61 8.44
CA ILE B 143 40.44 -21.37 7.68
C ILE B 143 40.96 -22.64 7.05
N GLU B 144 41.01 -22.65 5.71
CA GLU B 144 41.37 -23.85 4.98
C GLU B 144 42.83 -24.23 5.23
N GLY B 145 43.17 -25.48 4.93
CA GLY B 145 44.39 -26.09 5.43
C GLY B 145 45.63 -25.45 4.88
N ASP B 146 45.59 -25.10 3.60
CA ASP B 146 46.77 -24.58 2.91
C ASP B 146 47.09 -23.15 3.37
N ASP B 147 46.06 -22.39 3.69
CA ASP B 147 46.24 -21.12 4.38
C ASP B 147 46.72 -21.34 5.81
N ARG B 148 46.03 -22.21 6.54
CA ARG B 148 46.29 -22.40 7.97
C ARG B 148 47.69 -22.95 8.20
N THR B 149 48.21 -23.71 7.24
CA THR B 149 49.46 -24.42 7.41
C THR B 149 50.53 -23.53 8.03
N GLU B 150 50.63 -22.31 7.53
CA GLU B 150 51.65 -21.36 7.99
C GLU B 150 51.17 -20.62 9.23
N LEU B 151 49.86 -20.47 9.37
CA LEU B 151 49.28 -19.88 10.55
C LEU B 151 49.49 -20.76 11.82
N LYS B 152 49.48 -22.09 11.64
CA LYS B 152 49.73 -23.04 12.76
C LYS B 152 51.18 -22.91 13.21
N GLU B 153 52.02 -22.43 12.29
CA GLU B 153 53.43 -22.20 12.56
C GLU B 153 53.66 -20.80 13.15
N ALA B 154 52.93 -19.81 12.64
CA ALA B 154 53.08 -18.41 13.09
C ALA B 154 52.52 -18.17 14.49
N LEU B 155 51.40 -18.85 14.80
CA LEU B 155 50.74 -18.74 16.13
C LEU B 155 51.60 -19.36 17.26
N ALA B 156 52.24 -20.50 16.97
CA ALA B 156 53.13 -21.16 17.92
C ALA B 156 54.36 -20.32 18.25
N SER B 157 54.64 -19.32 17.38
CA SER B 157 55.83 -18.46 17.53
C SER B 157 55.58 -17.15 18.35
N LEU B 158 54.32 -16.84 18.60
CA LEU B 158 53.96 -15.65 19.39
C LEU B 158 54.12 -15.88 20.89
N GLU B 159 54.62 -14.86 21.59
CA GLU B 159 54.90 -14.98 23.01
C GLU B 159 53.64 -14.67 23.87
N LEU B 160 52.86 -15.72 24.15
CA LEU B 160 51.64 -15.57 24.95
C LEU B 160 51.90 -16.01 26.39
N PRO B 161 51.53 -15.14 27.37
CA PRO B 161 51.68 -15.47 28.81
C PRO B 161 50.94 -16.75 29.20
N GLU B 162 51.39 -17.41 30.25
CA GLU B 162 50.95 -18.79 30.56
C GLU B 162 49.43 -18.94 30.75
N GLY B 163 48.84 -18.05 31.54
CA GLY B 163 47.45 -18.22 31.99
C GLY B 163 46.39 -17.82 30.97
N MET B 164 46.80 -17.61 29.71
CA MET B 164 45.87 -17.10 28.67
C MET B 164 45.96 -17.76 27.31
N GLY B 165 44.90 -17.67 26.55
CA GLY B 165 44.83 -18.26 25.26
C GLY B 165 44.45 -17.24 24.20
N LEU B 166 44.71 -17.60 22.94
CA LEU B 166 44.40 -16.72 21.76
C LEU B 166 43.41 -17.41 20.78
N ILE B 167 42.86 -16.61 19.87
CA ILE B 167 42.30 -17.14 18.63
C ILE B 167 42.77 -16.28 17.49
N VAL B 168 43.18 -16.92 16.39
CA VAL B 168 43.47 -16.21 15.14
C VAL B 168 42.22 -16.11 14.28
N ARG B 169 41.72 -14.89 14.16
CA ARG B 169 40.53 -14.60 13.38
C ARG B 169 40.72 -15.01 11.91
N THR B 170 39.63 -15.20 11.19
CA THR B 170 39.70 -15.46 9.76
C THR B 170 40.50 -14.34 9.11
N ALA B 171 40.41 -13.14 9.70
CA ALA B 171 41.09 -11.95 9.18
C ALA B 171 42.58 -12.10 9.21
N GLY B 172 43.07 -12.79 10.21
CA GLY B 172 44.52 -13.02 10.36
C GLY B 172 45.18 -13.60 9.10
N VAL B 173 44.35 -13.91 8.11
CA VAL B 173 44.70 -14.92 7.13
C VAL B 173 45.92 -14.57 6.25
N GLY B 174 46.14 -13.30 5.96
CA GLY B 174 47.17 -12.89 4.97
C GLY B 174 48.43 -12.24 5.55
N LYS B 175 48.44 -12.06 6.86
CA LYS B 175 49.47 -11.28 7.52
C LYS B 175 50.64 -12.15 7.87
N SER B 176 51.59 -11.61 8.61
CA SER B 176 52.79 -12.34 8.97
C SER B 176 52.85 -12.47 10.48
N ALA B 177 53.81 -13.27 10.97
CA ALA B 177 53.98 -13.49 12.41
C ALA B 177 54.43 -12.19 13.12
N GLU B 178 55.18 -11.36 12.38
CA GLU B 178 55.65 -10.07 12.91
C GLU B 178 54.50 -9.08 13.03
N ALA B 179 53.55 -9.16 12.11
CA ALA B 179 52.36 -8.33 12.15
C ALA B 179 51.33 -8.79 13.22
N LEU B 180 51.30 -10.09 13.49
CA LEU B 180 50.45 -10.66 14.54
C LEU B 180 50.98 -10.29 15.94
N GLN B 181 52.29 -10.37 16.11
CA GLN B 181 52.95 -10.00 17.36
C GLN B 181 52.63 -8.55 17.74
N TRP B 182 52.44 -7.71 16.72
CA TRP B 182 52.06 -6.31 16.94
C TRP B 182 50.62 -6.21 17.42
N ASP B 183 49.74 -7.04 16.87
CA ASP B 183 48.35 -7.08 17.28
C ASP B 183 48.19 -7.66 18.68
N LEU B 184 48.87 -8.78 18.95
CA LEU B 184 48.78 -9.47 20.27
C LEU B 184 49.27 -8.60 21.41
N SER B 185 50.28 -7.79 21.13
CA SER B 185 50.87 -6.92 22.15
C SER B 185 49.94 -5.77 22.51
N PHE B 186 49.20 -5.29 21.53
CA PHE B 186 48.20 -4.25 21.77
C PHE B 186 47.04 -4.72 22.63
N ARG B 187 46.69 -6.02 22.51
CA ARG B 187 45.69 -6.64 23.40
C ARG B 187 46.25 -6.80 24.81
N LEU B 188 47.51 -7.18 24.91
CA LEU B 188 48.15 -7.37 26.20
C LEU B 188 48.27 -6.05 26.98
N LYS B 189 48.73 -5.00 26.29
CA LYS B 189 48.83 -3.63 26.86
C LYS B 189 47.47 -3.15 27.35
N HIS B 190 46.42 -3.42 26.56
CA HIS B 190 45.06 -3.08 26.92
C HIS B 190 44.58 -3.87 28.14
N TRP B 191 44.83 -5.18 28.14
CA TRP B 191 44.37 -6.05 29.23
C TRP B 191 44.97 -5.64 30.55
N GLU B 192 46.21 -5.19 30.52
CA GLU B 192 46.87 -4.70 31.71
C GLU B 192 46.15 -3.50 32.28
N ALA B 193 45.86 -2.55 31.40
CA ALA B 193 45.20 -1.33 31.76
C ALA B 193 43.79 -1.62 32.24
N ILE B 194 43.19 -2.70 31.72
CA ILE B 194 41.85 -3.11 32.11
C ILE B 194 41.82 -3.58 33.56
N LYS B 195 42.85 -4.31 33.98
CA LYS B 195 42.94 -4.78 35.35
C LYS B 195 43.67 -3.81 36.29
N LYS B 196 44.26 -2.76 35.72
CA LYS B 196 44.81 -1.66 36.51
C LYS B 196 43.72 -0.65 36.89
N ALA B 197 42.79 -0.42 35.98
CA ALA B 197 41.67 0.49 36.22
C ALA B 197 40.65 -0.14 37.15
N ALA B 198 40.74 -1.46 37.28
CA ALA B 198 39.81 -2.23 38.14
C ALA B 198 40.34 -2.34 39.54
N GLU B 199 41.66 -2.40 39.68
CA GLU B 199 42.29 -2.45 40.99
C GLU B 199 42.32 -1.08 41.67
N SER B 200 41.83 -0.06 40.97
CA SER B 200 42.02 1.32 41.40
C SER B 200 40.67 2.04 41.72
N ARG B 201 39.61 1.29 42.01
CA ARG B 201 38.28 1.90 42.22
C ARG B 201 37.28 0.93 42.94
N PRO B 202 36.25 1.49 43.61
CA PRO B 202 35.05 0.72 43.97
C PRO B 202 34.33 0.15 42.74
N ALA B 203 33.30 -0.66 42.98
CA ALA B 203 32.97 -1.76 42.09
C ALA B 203 32.02 -1.53 40.83
N PRO B 204 31.05 -0.62 40.92
CA PRO B 204 29.94 -0.61 39.91
C PRO B 204 30.22 -0.08 38.44
N PHE B 205 31.45 0.41 38.15
CA PHE B 205 31.71 1.25 36.90
C PHE B 205 31.95 0.51 35.54
N LEU B 206 32.02 1.30 34.45
CA LEU B 206 32.39 0.82 33.11
C LEU B 206 33.87 0.97 32.89
N ILE B 207 34.52 -0.08 32.37
CA ILE B 207 35.96 -0.03 32.08
C ILE B 207 36.24 0.19 30.59
N HIS B 208 35.60 -0.61 29.73
CA HIS B 208 35.85 -0.55 28.32
C HIS B 208 34.59 -0.46 27.51
N GLN B 209 34.55 0.51 26.62
CA GLN B 209 33.45 0.68 25.70
C GLN B 209 33.84 0.11 24.32
N GLU B 210 33.12 -0.90 23.87
CA GLU B 210 33.52 -1.63 22.66
C GLU B 210 33.47 -0.72 21.44
N SER B 211 32.45 0.14 21.38
CA SER B 211 32.12 0.87 20.17
C SER B 211 32.02 2.36 20.43
N ASN B 212 33.15 2.99 20.75
CA ASN B 212 33.52 4.26 20.15
C ASN B 212 34.15 4.08 18.78
N VAL B 213 33.79 4.94 17.84
CA VAL B 213 34.37 4.92 16.50
C VAL B 213 35.84 5.30 16.52
N ILE B 214 36.26 5.97 17.60
CA ILE B 214 37.68 6.21 17.85
C ILE B 214 38.36 4.96 18.38
N VAL B 215 37.73 4.31 19.36
CA VAL B 215 38.24 3.08 19.90
C VAL B 215 38.23 1.96 18.86
N ARG B 216 37.19 1.93 18.05
CA ARG B 216 37.09 0.96 16.99
C ARG B 216 38.14 1.20 15.89
N ALA B 217 38.32 2.47 15.48
CA ALA B 217 39.27 2.86 14.41
C ALA B 217 40.70 2.49 14.75
N PHE B 218 41.09 2.78 15.97
CA PHE B 218 42.38 2.36 16.47
C PHE B 218 42.48 0.81 16.64
N ARG B 219 41.36 0.17 17.03
CA ARG B 219 41.33 -1.26 17.25
C ARG B 219 41.38 -2.01 15.92
N ASP B 220 40.87 -1.38 14.88
CA ASP B 220 40.74 -2.02 13.57
C ASP B 220 41.79 -1.54 12.53
N TYR B 221 42.20 -0.28 12.64
CA TYR B 221 42.91 0.37 11.54
C TYR B 221 44.37 0.76 11.80
N LEU B 222 44.78 0.77 13.05
CA LEU B 222 46.20 0.99 13.39
C LEU B 222 47.07 -0.21 13.03
N ARG B 223 48.26 0.05 12.51
CA ARG B 223 49.35 -0.96 12.44
C ARG B 223 50.66 -0.23 12.56
N GLN B 224 51.77 -0.95 12.70
CA GLN B 224 53.01 -0.27 13.01
C GLN B 224 53.49 0.61 11.91
N ASP B 225 52.91 0.43 10.72
CA ASP B 225 53.33 1.18 9.52
C ASP B 225 52.59 2.53 9.37
N ILE B 226 51.76 2.89 10.36
CA ILE B 226 51.02 4.16 10.28
C ILE B 226 51.80 5.32 10.92
N GLY B 227 52.28 6.22 10.05
CA GLY B 227 53.15 7.33 10.47
C GLY B 227 52.45 8.41 11.31
N GLU B 228 51.34 8.93 10.81
CA GLU B 228 50.57 10.00 11.51
C GLU B 228 49.13 9.67 11.63
N ILE B 229 48.45 10.36 12.50
CA ILE B 229 46.98 10.28 12.56
C ILE B 229 46.42 11.70 12.59
N LEU B 230 46.19 12.28 11.43
CA LEU B 230 45.70 13.65 11.38
C LEU B 230 44.25 13.71 11.74
N ILE B 231 43.90 14.61 12.63
CA ILE B 231 42.51 14.83 13.00
C ILE B 231 42.15 16.30 12.86
N ASP B 232 41.03 16.57 12.19
CA ASP B 232 40.60 17.96 11.87
C ASP B 232 39.70 18.59 12.94
N ASN B 233 39.38 17.82 13.98
CA ASN B 233 38.54 18.31 15.06
C ASN B 233 39.22 18.25 16.45
N PRO B 234 39.45 19.45 17.08
CA PRO B 234 40.14 19.53 18.38
C PRO B 234 39.44 18.74 19.46
N LYS B 235 38.14 18.91 19.56
CA LYS B 235 37.37 18.23 20.60
C LYS B 235 37.56 16.72 20.53
N VAL B 236 37.76 16.21 19.33
CA VAL B 236 37.90 14.77 19.11
C VAL B 236 39.36 14.34 19.34
N LEU B 237 40.30 15.17 18.90
CA LEU B 237 41.73 14.85 19.03
C LEU B 237 42.09 14.57 20.45
N GLU B 238 41.52 15.37 21.35
CA GLU B 238 41.72 15.18 22.79
C GLU B 238 41.18 13.84 23.28
N LEU B 239 39.98 13.49 22.82
CA LEU B 239 39.38 12.17 23.14
C LEU B 239 40.22 11.06 22.57
N ALA B 240 40.85 11.33 21.44
CA ALA B 240 41.67 10.34 20.73
C ALA B 240 42.94 9.99 21.49
N ARG B 241 43.53 11.00 22.13
CA ARG B 241 44.74 10.77 22.94
C ARG B 241 44.42 9.95 24.17
N GLN B 242 43.34 10.32 24.86
CA GLN B 242 42.85 9.60 26.02
C GLN B 242 42.62 8.12 25.70
N HIS B 243 41.98 7.85 24.57
CA HIS B 243 41.71 6.47 24.15
C HIS B 243 42.98 5.72 23.89
N ILE B 244 43.99 6.44 23.39
CA ILE B 244 45.29 5.83 23.13
C ILE B 244 46.01 5.44 24.42
N ALA B 245 45.96 6.31 25.41
CA ALA B 245 46.53 6.02 26.73
C ALA B 245 45.72 4.94 27.47
N ALA B 246 44.40 4.97 27.31
CA ALA B 246 43.50 3.95 27.88
C ALA B 246 43.72 2.59 27.23
N LEU B 247 43.96 2.61 25.91
CA LEU B 247 44.31 1.41 25.16
C LEU B 247 45.77 0.99 25.44
N GLY B 248 46.55 1.89 26.04
CA GLY B 248 47.85 1.55 26.61
C GLY B 248 49.02 1.71 25.66
N ARG B 249 48.95 2.70 24.76
CA ARG B 249 50.01 2.88 23.74
C ARG B 249 50.46 4.35 23.59
N PRO B 250 51.28 4.82 24.56
CA PRO B 250 51.76 6.21 24.59
C PRO B 250 52.76 6.53 23.46
N ASP B 251 53.29 5.48 22.82
CA ASP B 251 54.19 5.64 21.67
C ASP B 251 53.47 6.23 20.43
N PHE B 252 52.14 6.33 20.49
CA PHE B 252 51.37 6.83 19.37
C PHE B 252 50.81 8.25 19.57
N SER B 253 50.86 8.73 20.82
CA SER B 253 50.40 10.11 21.15
C SER B 253 51.15 11.17 20.36
N SER B 254 52.46 10.95 20.19
CA SER B 254 53.30 11.83 19.42
C SER B 254 52.85 11.89 17.96
N LYS B 255 52.25 10.78 17.48
CA LYS B 255 51.90 10.64 16.08
C LYS B 255 50.54 11.21 15.77
N ILE B 256 49.68 11.34 16.79
CA ILE B 256 48.39 12.04 16.62
C ILE B 256 48.61 13.55 16.47
N LYS B 257 48.13 14.11 15.35
CA LYS B 257 48.35 15.51 15.05
C LYS B 257 47.04 16.20 14.67
N LEU B 258 46.95 17.49 14.99
CA LEU B 258 45.79 18.29 14.61
C LEU B 258 45.96 18.89 13.21
N TYR B 259 45.04 18.57 12.32
CA TYR B 259 44.92 19.29 11.05
C TYR B 259 44.20 20.62 11.23
N THR B 260 44.61 21.63 10.46
CA THR B 260 44.28 23.01 10.76
C THR B 260 43.95 23.78 9.49
N GLY B 261 44.39 23.27 8.36
CA GLY B 261 44.17 23.95 7.06
C GLY B 261 42.70 24.23 6.77
N GLU B 262 42.44 25.26 5.96
CA GLU B 262 41.09 25.65 5.60
C GLU B 262 40.47 24.72 4.52
N ILE B 263 41.30 24.26 3.61
CA ILE B 263 40.93 23.14 2.75
C ILE B 263 40.63 21.88 3.65
N PRO B 264 39.42 21.32 3.52
CA PRO B 264 39.01 20.13 4.26
C PRO B 264 40.05 19.01 4.24
N LEU B 265 40.12 18.27 5.35
CA LEU B 265 41.09 17.24 5.57
C LEU B 265 41.14 16.26 4.43
N PHE B 266 39.96 15.78 4.03
CA PHE B 266 39.86 14.79 2.96
C PHE B 266 40.14 15.36 1.54
N SER B 267 40.01 16.68 1.38
CA SER B 267 40.27 17.34 0.08
C SER B 267 41.70 17.73 -0.10
N HIS B 268 42.38 18.04 1.00
CA HIS B 268 43.82 18.30 0.96
C HIS B 268 44.60 17.07 0.60
N TYR B 269 44.12 15.91 1.00
CA TYR B 269 44.77 14.70 0.67
C TYR B 269 44.21 14.04 -0.61
N GLN B 270 43.22 14.71 -1.24
CA GLN B 270 42.67 14.29 -2.56
C GLN B 270 41.99 12.94 -2.56
N ILE B 271 41.40 12.56 -1.44
CA ILE B 271 40.79 11.26 -1.32
C ILE B 271 39.25 11.29 -1.54
N GLU B 272 38.70 12.50 -1.61
CA GLU B 272 37.28 12.66 -1.60
C GLU B 272 36.64 12.06 -2.86
N SER B 273 37.37 12.12 -3.98
CA SER B 273 36.91 11.56 -5.23
C SER B 273 37.04 10.04 -5.22
N GLN B 274 38.04 9.57 -4.51
CA GLN B 274 38.24 8.15 -4.36
C GLN B 274 37.19 7.51 -3.48
N ILE B 275 36.82 8.22 -2.42
CA ILE B 275 35.68 7.88 -1.61
C ILE B 275 34.42 7.85 -2.46
N GLU B 276 34.32 8.79 -3.40
CA GLU B 276 33.16 8.87 -4.32
C GLU B 276 33.08 7.68 -5.29
N SER B 277 34.16 6.96 -5.43
CA SER B 277 34.21 5.90 -6.38
C SER B 277 33.52 4.68 -5.84
N ALA B 278 33.36 4.61 -4.51
CA ALA B 278 32.76 3.43 -3.87
C ALA B 278 31.26 3.46 -4.04
N PHE B 279 30.75 4.53 -4.70
CA PHE B 279 29.34 4.64 -5.01
C PHE B 279 29.07 4.60 -6.49
N GLN B 280 30.08 4.29 -7.29
CA GLN B 280 29.93 4.24 -8.74
C GLN B 280 29.77 2.85 -9.29
N ARG B 281 29.02 2.72 -10.37
CA ARG B 281 28.78 1.41 -11.00
C ARG B 281 30.04 1.01 -11.76
N GLU B 282 30.65 1.99 -12.43
CA GLU B 282 31.86 1.74 -13.27
C GLU B 282 33.05 2.48 -12.77
N VAL B 283 34.13 1.76 -12.54
CA VAL B 283 35.35 2.35 -11.92
C VAL B 283 36.52 2.16 -12.86
N ARG B 284 37.08 3.28 -13.34
CA ARG B 284 38.20 3.25 -14.37
C ARG B 284 39.39 2.61 -13.76
N LEU B 285 40.02 1.72 -14.52
CA LEU B 285 41.31 1.11 -14.12
C LEU B 285 42.44 1.98 -14.63
N PRO B 286 43.63 1.85 -14.04
CA PRO B 286 44.77 2.72 -14.35
C PRO B 286 45.16 2.77 -15.85
N SER B 287 44.98 1.68 -16.55
CA SER B 287 45.39 1.60 -17.94
C SER B 287 44.35 2.14 -18.92
N GLY B 288 43.10 2.17 -18.50
CA GLY B 288 42.03 2.71 -19.33
C GLY B 288 40.76 1.91 -19.26
N GLY B 289 40.89 0.61 -18.95
CA GLY B 289 39.74 -0.29 -18.83
C GLY B 289 38.91 0.05 -17.61
N SER B 290 37.95 -0.79 -17.28
CA SER B 290 37.09 -0.53 -16.12
C SER B 290 36.47 -1.79 -15.53
N ILE B 291 35.84 -1.62 -14.37
CA ILE B 291 35.06 -2.65 -13.77
C ILE B 291 33.59 -2.18 -13.53
N VAL B 292 32.63 -3.03 -13.89
CA VAL B 292 31.21 -2.70 -13.71
C VAL B 292 30.65 -3.58 -12.64
N ILE B 293 30.31 -2.95 -11.51
CA ILE B 293 29.79 -3.64 -10.37
C ILE B 293 28.27 -3.58 -10.34
N ASP B 294 27.64 -4.66 -10.77
CA ASP B 294 26.18 -4.81 -10.64
C ASP B 294 25.82 -5.79 -9.53
N SER B 295 24.72 -5.52 -8.86
CA SER B 295 24.29 -6.43 -7.86
C SER B 295 22.88 -6.84 -8.11
N THR B 296 22.62 -8.12 -7.80
CA THR B 296 21.32 -8.70 -7.97
C THR B 296 20.78 -9.11 -6.60
N GLU B 297 19.71 -9.88 -6.64
CA GLU B 297 19.14 -10.49 -5.45
C GLU B 297 20.10 -11.49 -4.81
N ALA B 298 20.68 -12.38 -5.65
CA ALA B 298 21.50 -13.50 -5.17
C ALA B 298 22.96 -13.07 -4.90
N LEU B 299 23.54 -12.29 -5.80
CA LEU B 299 25.00 -12.08 -5.82
C LEU B 299 25.42 -10.71 -6.39
N THR B 300 26.71 -10.48 -6.46
CA THR B 300 27.26 -9.29 -7.06
C THR B 300 28.06 -9.69 -8.26
N ALA B 301 27.59 -9.29 -9.42
CA ALA B 301 28.32 -9.51 -10.68
C ALA B 301 29.26 -8.37 -11.00
N ILE B 302 30.53 -8.70 -11.23
CA ILE B 302 31.50 -7.75 -11.64
C ILE B 302 32.06 -8.06 -13.00
N ASP B 303 31.78 -7.19 -13.95
CA ASP B 303 32.31 -7.33 -15.29
C ASP B 303 33.52 -6.49 -15.45
N ILE B 304 34.40 -6.92 -16.36
CA ILE B 304 35.67 -6.24 -16.63
C ILE B 304 35.75 -5.89 -18.12
N ASN B 305 36.03 -4.64 -18.43
CA ASN B 305 36.26 -4.23 -19.82
C ASN B 305 37.67 -3.68 -19.94
N SER B 306 38.27 -3.83 -21.12
CA SER B 306 39.61 -3.26 -21.38
C SER B 306 39.59 -1.91 -22.12
N ALA B 307 40.75 -1.43 -22.50
CA ALA B 307 40.86 -0.04 -22.97
C ALA B 307 40.58 0.35 -24.46
N ARG B 308 41.48 0.09 -25.40
CA ARG B 308 41.33 0.78 -26.72
C ARG B 308 41.68 -0.08 -27.93
N GLY B 313 49.70 -3.41 -29.75
CA GLY B 313 48.42 -3.96 -29.29
C GLY B 313 48.41 -5.50 -29.19
N ASP B 314 49.25 -6.03 -28.30
CA ASP B 314 49.18 -7.45 -27.96
C ASP B 314 47.88 -7.79 -27.21
N ILE B 315 47.08 -8.71 -27.78
CA ILE B 315 45.73 -9.08 -27.20
C ILE B 315 45.84 -9.82 -25.84
N GLU B 316 46.57 -10.91 -25.87
CA GLU B 316 46.78 -11.71 -24.70
C GLU B 316 47.37 -10.89 -23.55
N GLU B 317 48.26 -9.92 -23.88
CA GLU B 317 48.90 -9.10 -22.87
C GLU B 317 47.90 -8.12 -22.30
N THR B 318 46.96 -7.66 -23.15
CA THR B 318 45.98 -6.67 -22.74
C THR B 318 45.00 -7.30 -21.81
N ALA B 319 44.56 -8.49 -22.16
CA ALA B 319 43.63 -9.23 -21.33
C ALA B 319 44.23 -9.62 -19.99
N PHE B 320 45.45 -10.09 -20.01
CA PHE B 320 46.16 -10.40 -18.81
C PHE B 320 46.38 -9.17 -17.95
N ASN B 321 46.86 -8.08 -18.57
CA ASN B 321 47.23 -6.89 -17.85
C ASN B 321 45.99 -6.12 -17.28
N THR B 322 44.86 -6.22 -17.98
CA THR B 322 43.64 -5.58 -17.55
C THR B 322 43.06 -6.31 -16.41
N ASN B 323 43.20 -7.64 -16.46
CA ASN B 323 42.72 -8.53 -15.35
C ASN B 323 43.46 -8.38 -14.06
N LEU B 324 44.75 -8.18 -14.15
CA LEU B 324 45.56 -7.88 -13.02
C LEU B 324 45.14 -6.56 -12.32
N GLU B 325 44.98 -5.48 -13.11
CA GLU B 325 44.49 -4.23 -12.58
C GLU B 325 43.08 -4.39 -11.95
N ALA B 326 42.26 -5.19 -12.60
CA ALA B 326 40.94 -5.47 -12.14
C ALA B 326 41.03 -6.12 -10.77
N ALA B 327 41.84 -7.17 -10.67
CA ALA B 327 41.98 -7.90 -9.40
C ALA B 327 42.37 -6.97 -8.24
N ASP B 328 43.22 -5.96 -8.53
CA ASP B 328 43.64 -5.02 -7.54
C ASP B 328 42.51 -4.05 -7.16
N GLU B 329 41.76 -3.60 -8.17
CA GLU B 329 40.70 -2.60 -7.97
C GLU B 329 39.49 -3.22 -7.25
N ILE B 330 39.21 -4.47 -7.62
CA ILE B 330 38.09 -5.21 -7.05
C ILE B 330 38.29 -5.45 -5.52
N ALA B 331 39.54 -5.70 -5.16
CA ALA B 331 39.90 -5.96 -3.80
C ALA B 331 39.65 -4.76 -2.90
N ARG B 332 40.02 -3.56 -3.39
CA ARG B 332 39.86 -2.36 -2.61
C ARG B 332 38.39 -1.79 -2.65
N GLN B 333 37.72 -2.05 -3.77
CA GLN B 333 36.36 -1.69 -3.92
C GLN B 333 35.52 -2.47 -2.98
N LEU B 334 35.95 -3.76 -2.74
CA LEU B 334 35.26 -4.67 -1.79
C LEU B 334 35.36 -4.20 -0.39
N ARG B 335 36.50 -3.61 -0.06
CA ARG B 335 36.67 -2.92 1.22
C ARG B 335 35.89 -1.61 1.36
N LEU B 336 36.13 -0.67 0.45
CA LEU B 336 35.44 0.60 0.47
C LEU B 336 33.91 0.50 0.45
N ARG B 337 33.38 -0.33 -0.46
CA ARG B 337 31.97 -0.58 -0.51
C ARG B 337 31.46 -1.40 0.72
N ASP B 338 32.36 -2.15 1.32
CA ASP B 338 31.99 -3.09 2.32
C ASP B 338 31.01 -4.15 1.76
N LEU B 339 31.24 -4.57 0.49
CA LEU B 339 30.44 -5.63 -0.16
C LEU B 339 30.44 -6.97 0.63
N GLY B 340 29.24 -7.60 0.73
CA GLY B 340 29.08 -8.82 1.47
C GLY B 340 28.52 -9.92 0.60
N GLY B 341 28.60 -11.16 1.09
CA GLY B 341 27.95 -12.31 0.47
C GLY B 341 28.72 -12.87 -0.71
N LEU B 342 27.99 -13.12 -1.79
CA LEU B 342 28.48 -13.83 -2.94
C LEU B 342 28.97 -12.81 -4.09
N ILE B 343 30.14 -13.06 -4.63
CA ILE B 343 30.65 -12.24 -5.69
C ILE B 343 31.15 -13.05 -6.86
N VAL B 344 30.67 -12.72 -8.04
CA VAL B 344 31.11 -13.36 -9.24
C VAL B 344 31.87 -12.36 -10.15
N ILE B 345 33.12 -12.69 -10.47
CA ILE B 345 33.94 -11.84 -11.29
C ILE B 345 34.11 -12.46 -12.67
N ASP B 346 33.66 -11.72 -13.68
CA ASP B 346 33.86 -12.13 -15.05
C ASP B 346 35.12 -11.52 -15.59
N PHE B 347 36.25 -12.18 -15.33
CA PHE B 347 37.54 -11.72 -15.87
C PHE B 347 37.53 -11.81 -17.39
N ILE B 348 38.29 -10.93 -18.06
CA ILE B 348 38.51 -11.03 -19.49
C ILE B 348 39.15 -12.35 -19.76
N ASP B 349 38.72 -12.97 -20.84
CA ASP B 349 39.23 -14.28 -21.27
C ASP B 349 40.72 -14.37 -21.52
N MET B 350 41.36 -15.37 -20.94
CA MET B 350 42.79 -15.60 -21.15
C MET B 350 43.01 -17.04 -21.59
N THR B 351 43.77 -17.24 -22.67
CA THR B 351 44.01 -18.59 -23.20
C THR B 351 45.11 -19.37 -22.45
N PRO B 352 46.17 -18.68 -22.00
CA PRO B 352 47.19 -19.39 -21.20
C PRO B 352 46.75 -19.63 -19.75
N VAL B 353 46.92 -20.86 -19.28
CA VAL B 353 46.58 -21.21 -17.92
C VAL B 353 47.46 -20.47 -16.88
N ARG B 354 48.68 -20.14 -17.28
CA ARG B 354 49.62 -19.45 -16.40
C ARG B 354 49.20 -18.04 -16.11
N HIS B 355 48.43 -17.45 -17.02
CA HIS B 355 47.82 -16.18 -16.76
C HIS B 355 46.67 -16.29 -15.77
N GLN B 356 45.94 -17.40 -15.84
CA GLN B 356 44.78 -17.64 -14.98
C GLN B 356 45.13 -17.87 -13.53
N ARG B 357 46.28 -18.49 -13.30
CA ARG B 357 46.81 -18.60 -11.96
C ARG B 357 47.34 -17.24 -11.42
N ALA B 358 47.97 -16.45 -12.30
CA ALA B 358 48.53 -15.16 -11.92
C ALA B 358 47.44 -14.16 -11.58
N VAL B 359 46.32 -14.22 -12.29
CA VAL B 359 45.20 -13.42 -12.02
C VAL B 359 44.51 -13.79 -10.72
N GLU B 360 44.48 -15.10 -10.41
CA GLU B 360 43.98 -15.58 -9.11
C GLU B 360 44.85 -15.16 -7.97
N ASN B 361 46.14 -15.35 -8.12
CA ASN B 361 47.08 -15.00 -7.10
C ASN B 361 47.20 -13.50 -6.87
N ARG B 362 46.90 -12.74 -7.90
CA ARG B 362 46.86 -11.32 -7.78
C ARG B 362 45.72 -10.98 -6.83
N LEU B 363 44.58 -11.68 -7.01
CA LEU B 363 43.36 -11.39 -6.24
C LEU B 363 43.55 -11.81 -4.77
N ARG B 364 44.32 -12.89 -4.58
CA ARG B 364 44.58 -13.42 -3.25
C ARG B 364 45.52 -12.53 -2.46
N GLU B 365 46.52 -11.99 -3.13
CA GLU B 365 47.45 -11.05 -2.51
C GLU B 365 46.86 -9.66 -2.31
N ALA B 366 45.90 -9.28 -3.15
CA ALA B 366 45.26 -8.00 -3.04
C ALA B 366 44.22 -7.98 -1.90
N VAL B 367 43.62 -9.14 -1.61
CA VAL B 367 42.62 -9.23 -0.54
C VAL B 367 43.24 -9.58 0.77
N ARG B 368 44.55 -9.81 0.76
CA ARG B 368 45.24 -10.31 1.92
C ARG B 368 45.20 -9.33 3.11
N GLN B 369 44.97 -8.04 2.81
CA GLN B 369 44.92 -7.02 3.86
C GLN B 369 43.48 -6.68 4.32
N ASP B 370 42.48 -7.30 3.69
CA ASP B 370 41.09 -7.16 4.09
C ASP B 370 40.82 -7.99 5.37
N ARG B 371 40.21 -7.33 6.36
CA ARG B 371 39.90 -7.96 7.62
C ARG B 371 38.78 -8.96 7.46
N ALA B 372 37.92 -8.75 6.46
CA ALA B 372 36.75 -9.59 6.24
C ALA B 372 37.16 -11.03 5.89
N ARG B 373 36.35 -12.03 6.34
CA ARG B 373 36.54 -13.44 5.92
C ARG B 373 36.20 -13.63 4.41
N ILE B 374 37.23 -13.90 3.63
CA ILE B 374 37.09 -13.97 2.16
C ILE B 374 37.53 -15.33 1.68
N GLN B 375 36.75 -15.92 0.78
CA GLN B 375 37.11 -17.21 0.19
C GLN B 375 36.99 -17.21 -1.29
N ILE B 376 38.05 -17.66 -1.97
CA ILE B 376 38.20 -17.45 -3.42
C ILE B 376 38.46 -18.77 -4.11
N SER B 377 37.67 -19.05 -5.15
CA SER B 377 37.89 -20.24 -6.00
C SER B 377 38.74 -19.88 -7.20
N HIS B 378 38.62 -20.68 -8.28
CA HIS B 378 39.42 -20.45 -9.50
C HIS B 378 38.65 -19.78 -10.57
N ILE B 379 39.36 -19.43 -11.64
CA ILE B 379 38.72 -19.11 -12.91
C ILE B 379 38.21 -20.41 -13.55
N SER B 380 36.91 -20.57 -13.59
CA SER B 380 36.29 -21.76 -14.12
C SER B 380 36.45 -21.88 -15.62
N ARG B 381 35.90 -22.96 -16.19
CA ARG B 381 35.97 -23.19 -17.63
C ARG B 381 35.20 -22.11 -18.43
N PHE B 382 34.40 -21.32 -17.73
CA PHE B 382 33.56 -20.31 -18.36
C PHE B 382 34.22 -19.00 -18.22
N GLY B 383 35.25 -18.97 -17.40
CA GLY B 383 36.01 -17.74 -17.21
C GLY B 383 35.43 -16.87 -16.14
N LEU B 384 34.82 -17.50 -15.15
CA LEU B 384 34.29 -16.78 -14.00
C LEU B 384 35.06 -17.09 -12.72
N LEU B 385 35.10 -16.12 -11.82
CA LEU B 385 35.64 -16.36 -10.51
C LEU B 385 34.62 -16.09 -9.43
N GLU B 386 34.29 -17.16 -8.68
CA GLU B 386 33.38 -17.09 -7.54
C GLU B 386 34.16 -16.84 -6.24
N MET B 387 33.64 -15.96 -5.40
CA MET B 387 34.24 -15.64 -4.14
C MET B 387 33.20 -15.08 -3.19
N SER B 388 33.51 -15.10 -1.90
CA SER B 388 32.57 -14.66 -0.86
C SER B 388 33.25 -13.73 0.09
N ARG B 389 32.49 -12.86 0.72
CA ARG B 389 33.04 -11.87 1.64
C ARG B 389 32.03 -11.51 2.69
N GLN B 390 32.47 -11.47 3.94
CA GLN B 390 31.59 -11.06 5.07
C GLN B 390 31.61 -9.53 5.20
N ARG B 391 30.49 -8.88 4.95
CA ARG B 391 30.36 -7.49 5.36
C ARG B 391 30.64 -7.42 6.85
N LEU B 392 31.52 -6.53 7.22
CA LEU B 392 31.98 -6.50 8.60
C LEU B 392 30.99 -5.90 9.57
N SER B 393 30.09 -5.06 9.06
CA SER B 393 29.33 -4.14 9.91
C SER B 393 27.89 -4.63 10.09
N PRO B 394 27.49 -4.80 11.34
CA PRO B 394 26.07 -5.02 11.66
C PRO B 394 25.15 -4.34 10.65
N SER B 395 25.46 -3.10 10.30
CA SER B 395 24.85 -2.45 9.15
C SER B 395 24.72 -3.41 7.98
N LEU B 396 23.49 -3.55 7.47
CA LEU B 396 23.24 -4.37 6.29
C LEU B 396 23.62 -3.63 5.01
N GLY B 397 24.48 -4.24 4.21
CA GLY B 397 25.14 -3.54 3.14
C GLY B 397 24.22 -3.26 2.02
N GLU B 398 24.20 -2.02 1.58
CA GLU B 398 23.50 -1.68 0.36
C GLU B 398 24.47 -1.72 -0.75
N SER B 399 24.24 -2.62 -1.67
CA SER B 399 25.07 -2.71 -2.82
C SER B 399 24.98 -1.40 -3.63
N SER B 400 26.13 -0.84 -3.93
CA SER B 400 26.23 0.41 -4.61
C SER B 400 25.15 0.60 -5.70
N HIS B 401 25.17 -0.25 -6.72
CA HIS B 401 24.10 -0.26 -7.74
C HIS B 401 23.43 -1.63 -7.82
N HIS B 402 22.36 -1.72 -8.62
CA HIS B 402 21.69 -3.00 -8.81
C HIS B 402 20.66 -3.02 -9.94
N VAL B 403 20.32 -4.22 -10.37
CA VAL B 403 19.40 -4.46 -11.47
C VAL B 403 18.14 -3.61 -11.36
N CYS B 404 17.82 -2.94 -12.45
CA CYS B 404 16.56 -2.23 -12.62
C CYS B 404 15.37 -3.20 -12.53
N PRO B 405 14.34 -2.83 -11.74
CA PRO B 405 13.18 -3.64 -11.51
C PRO B 405 12.16 -3.54 -12.62
N ARG B 406 12.16 -2.40 -13.32
CA ARG B 406 11.32 -2.20 -14.50
C ARG B 406 11.78 -3.07 -15.65
N CYS B 407 13.08 -3.42 -15.65
CA CYS B 407 13.74 -4.12 -16.79
C CYS B 407 14.11 -5.57 -16.56
N SER B 408 14.63 -5.88 -15.37
CA SER B 408 15.45 -7.07 -15.18
C SER B 408 16.81 -6.81 -15.84
N GLY B 409 17.06 -5.54 -16.15
CA GLY B 409 18.35 -5.11 -16.61
C GLY B 409 18.52 -5.33 -18.11
N THR B 410 17.44 -5.15 -18.86
CA THR B 410 17.51 -5.17 -20.32
C THR B 410 17.78 -3.76 -20.93
N GLY B 411 17.29 -2.73 -20.24
CA GLY B 411 17.30 -1.36 -20.76
C GLY B 411 16.10 -1.13 -21.66
N THR B 412 15.36 -2.21 -21.91
CA THR B 412 14.24 -2.24 -22.88
C THR B 412 12.94 -2.55 -22.16
N VAL B 413 11.86 -1.86 -22.56
CA VAL B 413 10.49 -2.15 -22.04
C VAL B 413 9.48 -2.24 -23.23
N ARG B 414 8.57 -3.25 -23.22
CA ARG B 414 7.48 -3.34 -24.26
C ARG B 414 6.70 -2.00 -24.37
N ASP B 415 6.20 -1.67 -25.57
CA ASP B 415 5.30 -0.49 -25.73
C ASP B 415 3.93 -0.76 -25.08
N ASN B 416 3.16 0.30 -24.84
CA ASN B 416 1.86 0.14 -24.18
C ASN B 416 0.84 -0.56 -25.07
N GLU B 417 1.09 -0.57 -26.37
CA GLU B 417 0.11 -1.04 -27.32
C GLU B 417 0.27 -2.50 -27.45
N SER B 418 1.51 -2.92 -27.67
CA SER B 418 1.87 -4.30 -27.82
C SER B 418 1.59 -5.01 -26.54
N LEU B 419 1.61 -4.25 -25.49
CA LEU B 419 1.48 -4.76 -24.18
C LEU B 419 0.00 -4.94 -23.81
N SER B 420 -0.79 -3.95 -24.09
CA SER B 420 -2.22 -4.09 -23.98
C SER B 420 -2.76 -5.26 -24.84
N LEU B 421 -2.37 -5.30 -26.14
CA LEU B 421 -2.82 -6.36 -27.06
C LEU B 421 -2.48 -7.69 -26.50
N SER B 422 -1.34 -7.75 -25.80
CA SER B 422 -0.86 -8.99 -25.20
C SER B 422 -1.74 -9.39 -24.01
N ILE B 423 -2.09 -8.42 -23.20
CA ILE B 423 -2.96 -8.63 -22.05
C ILE B 423 -4.36 -8.94 -22.52
N LEU B 424 -4.78 -8.26 -23.59
CA LEU B 424 -6.07 -8.53 -24.21
C LEU B 424 -6.27 -10.03 -24.42
N ARG B 425 -5.42 -10.63 -25.25
CA ARG B 425 -5.52 -12.05 -25.56
C ARG B 425 -5.37 -12.90 -24.30
N LEU B 426 -4.52 -12.44 -23.38
CA LEU B 426 -4.36 -13.11 -22.09
C LEU B 426 -5.66 -13.13 -21.32
N ILE B 427 -6.39 -12.02 -21.36
CA ILE B 427 -7.72 -11.95 -20.75
C ILE B 427 -8.69 -12.94 -21.39
N GLU B 428 -8.77 -12.91 -22.71
CA GLU B 428 -9.66 -13.78 -23.43
C GLU B 428 -9.32 -15.23 -23.20
N GLU B 429 -8.02 -15.56 -23.09
CA GLU B 429 -7.57 -16.96 -22.80
C GLU B 429 -8.10 -17.47 -21.43
N GLU B 430 -8.25 -16.57 -20.49
CA GLU B 430 -8.74 -16.91 -19.20
C GLU B 430 -10.24 -17.06 -19.23
N ALA B 431 -10.90 -16.19 -19.97
CA ALA B 431 -12.37 -16.18 -20.04
C ALA B 431 -12.90 -17.39 -20.78
N LEU B 432 -12.03 -18.03 -21.54
CA LEU B 432 -12.42 -19.18 -22.34
C LEU B 432 -12.33 -20.47 -21.54
N LYS B 433 -11.65 -20.40 -20.39
CA LYS B 433 -11.53 -21.55 -19.50
C LYS B 433 -12.87 -21.90 -18.87
N GLU B 434 -13.18 -23.19 -18.87
CA GLU B 434 -14.45 -23.66 -18.34
C GLU B 434 -14.60 -23.26 -16.90
N ASN B 435 -15.82 -22.92 -16.51
CA ASN B 435 -16.14 -22.64 -15.13
C ASN B 435 -15.68 -21.25 -14.68
N THR B 436 -15.41 -20.37 -15.64
CA THR B 436 -14.93 -19.01 -15.35
C THR B 436 -16.09 -18.04 -15.21
N GLN B 437 -16.15 -17.34 -14.09
CA GLN B 437 -17.17 -16.34 -13.84
C GLN B 437 -16.69 -14.95 -14.28
N GLU B 438 -15.50 -14.58 -13.82
CA GLU B 438 -14.94 -13.28 -14.11
C GLU B 438 -13.46 -13.42 -14.41
N VAL B 439 -12.90 -12.44 -15.06
CA VAL B 439 -11.45 -12.32 -15.18
C VAL B 439 -10.99 -10.87 -14.84
N HIS B 440 -10.10 -10.76 -13.84
CA HIS B 440 -9.64 -9.44 -13.38
C HIS B 440 -8.23 -9.09 -13.91
N ALA B 441 -8.15 -8.06 -14.73
CA ALA B 441 -6.91 -7.57 -15.22
C ALA B 441 -6.56 -6.35 -14.38
N ILE B 442 -5.52 -6.48 -13.57
CA ILE B 442 -5.00 -5.37 -12.76
C ILE B 442 -3.74 -4.80 -13.43
N VAL B 443 -3.92 -3.67 -14.10
CA VAL B 443 -2.91 -3.13 -15.01
C VAL B 443 -2.53 -1.72 -14.60
N PRO B 444 -1.41 -1.25 -15.09
CA PRO B 444 -0.98 0.11 -14.82
C PRO B 444 -1.95 1.09 -15.44
N VAL B 445 -1.97 2.32 -14.92
CA VAL B 445 -3.02 3.26 -15.24
C VAL B 445 -3.15 3.57 -16.76
N PRO B 446 -2.03 3.89 -17.46
CA PRO B 446 -2.08 4.15 -18.89
C PRO B 446 -2.49 2.92 -19.73
N ILE B 447 -2.26 1.70 -19.18
CA ILE B 447 -2.71 0.43 -19.81
C ILE B 447 -4.24 0.25 -19.70
N ALA B 448 -4.79 0.49 -18.52
CA ALA B 448 -6.26 0.48 -18.37
C ALA B 448 -6.90 1.56 -19.26
N SER B 449 -6.24 2.72 -19.35
CA SER B 449 -6.66 3.81 -20.21
C SER B 449 -6.67 3.38 -21.65
N TYR B 450 -5.60 2.77 -22.10
CA TYR B 450 -5.54 2.33 -23.49
C TYR B 450 -6.51 1.18 -23.78
N LEU B 451 -6.61 0.23 -22.85
CA LEU B 451 -7.49 -0.94 -23.00
C LEU B 451 -8.96 -0.56 -23.04
N LEU B 452 -9.35 0.38 -22.18
CA LEU B 452 -10.75 0.66 -21.97
C LEU B 452 -11.21 1.85 -22.81
N ASN B 453 -10.31 2.38 -23.62
CA ASN B 453 -10.66 3.43 -24.60
C ASN B 453 -10.39 3.03 -26.05
N GLU B 454 -9.12 3.01 -26.42
CA GLU B 454 -8.71 2.55 -27.74
C GLU B 454 -9.17 1.10 -28.01
N LYS B 455 -9.17 0.25 -26.99
CA LYS B 455 -9.50 -1.16 -27.19
C LYS B 455 -10.82 -1.57 -26.55
N ARG B 456 -11.67 -0.60 -26.27
CA ARG B 456 -12.97 -0.88 -25.63
C ARG B 456 -13.79 -1.86 -26.46
N SER B 457 -13.81 -1.63 -27.78
CA SER B 457 -14.49 -2.52 -28.72
C SER B 457 -14.11 -3.96 -28.55
N ALA B 458 -12.81 -4.20 -28.46
CA ALA B 458 -12.28 -5.51 -28.33
C ALA B 458 -12.56 -6.12 -26.94
N VAL B 459 -12.61 -5.27 -25.90
CA VAL B 459 -12.96 -5.73 -24.56
C VAL B 459 -14.40 -6.13 -24.54
N ASN B 460 -15.25 -5.33 -25.19
CA ASN B 460 -16.67 -5.68 -25.37
C ASN B 460 -16.87 -7.00 -26.12
N ALA B 461 -16.07 -7.20 -27.19
CA ALA B 461 -16.13 -8.40 -28.03
C ALA B 461 -15.86 -9.66 -27.26
N ILE B 462 -14.99 -9.58 -26.27
CA ILE B 462 -14.68 -10.70 -25.45
C ILE B 462 -15.86 -11.05 -24.57
N GLU B 463 -16.44 -10.04 -23.96
CA GLU B 463 -17.50 -10.27 -23.04
C GLU B 463 -18.72 -10.80 -23.73
N THR B 464 -18.90 -10.41 -24.99
CA THR B 464 -20.09 -10.79 -25.73
C THR B 464 -19.93 -12.14 -26.38
N ARG B 465 -18.69 -12.52 -26.61
CA ARG B 465 -18.38 -13.86 -27.07
C ARG B 465 -18.29 -14.88 -25.94
N GLN B 466 -17.85 -14.43 -24.77
CA GLN B 466 -17.92 -15.26 -23.57
C GLN B 466 -19.12 -14.85 -22.72
N ASP B 467 -20.31 -15.12 -23.25
CA ASP B 467 -21.55 -14.71 -22.62
C ASP B 467 -21.58 -15.11 -21.14
N GLY B 468 -21.52 -14.10 -20.27
CA GLY B 468 -21.65 -14.32 -18.83
C GLY B 468 -20.34 -14.09 -18.06
N VAL B 469 -19.24 -13.89 -18.79
CA VAL B 469 -17.93 -13.66 -18.17
C VAL B 469 -17.59 -12.17 -18.07
N ARG B 470 -17.45 -11.69 -16.83
CA ARG B 470 -17.14 -10.31 -16.58
C ARG B 470 -15.65 -10.05 -16.73
N CYS B 471 -15.31 -9.17 -17.68
CA CYS B 471 -13.94 -8.69 -17.85
C CYS B 471 -13.73 -7.41 -17.10
N VAL B 472 -12.93 -7.46 -16.03
CA VAL B 472 -12.67 -6.29 -15.21
C VAL B 472 -11.24 -5.82 -15.37
N ILE B 473 -11.09 -4.68 -16.02
CA ILE B 473 -9.79 -4.08 -16.20
C ILE B 473 -9.66 -2.88 -15.29
N VAL B 474 -8.89 -3.04 -14.20
CA VAL B 474 -8.78 -2.01 -13.19
C VAL B 474 -7.45 -1.28 -13.21
N PRO B 475 -7.48 0.06 -13.46
CA PRO B 475 -6.29 0.88 -13.40
C PRO B 475 -5.73 0.95 -11.99
N ASN B 476 -4.43 0.68 -11.86
CA ASN B 476 -3.79 0.58 -10.56
C ASN B 476 -2.57 1.47 -10.55
N ASP B 477 -2.68 2.60 -9.88
CA ASP B 477 -1.58 3.59 -9.87
C ASP B 477 -0.42 3.15 -8.95
N GLN B 478 -0.53 1.94 -8.40
CA GLN B 478 0.53 1.37 -7.64
C GLN B 478 1.49 0.55 -8.49
N MET B 479 1.11 0.27 -9.74
CA MET B 479 1.99 -0.45 -10.69
C MET B 479 2.47 0.48 -11.79
N GLU B 480 3.63 0.17 -12.37
CA GLU B 480 4.01 0.76 -13.64
C GLU B 480 4.22 -0.29 -14.76
N THR B 481 4.70 0.14 -15.93
CA THR B 481 4.18 -0.37 -17.19
C THR B 481 4.61 -1.79 -17.72
N PRO B 482 5.79 -2.31 -17.32
CA PRO B 482 6.04 -3.73 -17.67
C PRO B 482 5.16 -4.71 -16.87
N HIS B 483 4.82 -4.34 -15.62
CA HIS B 483 4.05 -5.22 -14.70
C HIS B 483 2.56 -5.18 -14.96
N TYR B 484 1.90 -6.32 -14.69
CA TYR B 484 0.41 -6.40 -14.66
C TYR B 484 -0.02 -7.66 -13.96
N HIS B 485 -1.30 -7.98 -14.10
CA HIS B 485 -1.85 -9.14 -13.49
C HIS B 485 -3.11 -9.56 -14.11
N VAL B 486 -3.27 -10.86 -14.38
CA VAL B 486 -4.56 -11.35 -14.92
C VAL B 486 -5.08 -12.53 -14.10
N LEU B 487 -6.12 -12.27 -13.29
CA LEU B 487 -6.64 -13.26 -12.35
C LEU B 487 -7.95 -13.83 -12.83
N ARG B 488 -8.17 -15.11 -12.54
CA ARG B 488 -9.37 -15.81 -12.98
C ARG B 488 -10.29 -16.06 -11.76
N VAL B 489 -11.57 -15.72 -11.90
CA VAL B 489 -12.53 -15.91 -10.83
C VAL B 489 -13.53 -16.96 -11.23
N ARG B 490 -13.48 -18.11 -10.54
CA ARG B 490 -14.36 -19.27 -10.83
C ARG B 490 -15.80 -18.98 -10.44
N LYS B 491 -16.74 -19.66 -11.10
CA LYS B 491 -18.17 -19.50 -10.80
C LYS B 491 -18.44 -19.80 -9.33
N GLY B 492 -18.95 -18.81 -8.60
CA GLY B 492 -19.34 -19.01 -7.21
C GLY B 492 -18.42 -18.36 -6.18
N GLU B 493 -17.21 -18.02 -6.60
CA GLU B 493 -16.27 -17.37 -5.68
C GLU B 493 -16.04 -15.88 -5.98
N GLU B 494 -16.97 -15.28 -6.70
CA GLU B 494 -16.93 -13.84 -6.94
C GLU B 494 -17.52 -13.08 -5.76
N THR B 495 -16.92 -11.92 -5.45
CA THR B 495 -17.38 -11.05 -4.36
C THR B 495 -17.99 -9.81 -4.91
N PRO B 496 -18.75 -9.08 -4.09
CA PRO B 496 -19.36 -7.88 -4.61
C PRO B 496 -18.46 -6.68 -4.47
N THR B 497 -17.15 -6.91 -4.56
CA THR B 497 -16.15 -5.85 -4.36
C THR B 497 -16.15 -4.92 -5.53
N LEU B 498 -15.91 -3.65 -5.25
CA LEU B 498 -15.86 -2.63 -6.28
C LEU B 498 -14.61 -2.78 -7.14
N SER B 499 -14.73 -2.42 -8.41
CA SER B 499 -13.61 -2.58 -9.37
C SER B 499 -12.28 -2.00 -8.85
N TYR B 500 -12.31 -0.74 -8.40
CA TYR B 500 -11.10 -0.08 -7.98
C TYR B 500 -10.52 -0.60 -6.66
N MET B 501 -11.21 -1.54 -6.03
CA MET B 501 -10.80 -2.04 -4.70
C MET B 501 -10.38 -3.46 -4.81
N LEU B 502 -10.16 -3.92 -6.03
CA LEU B 502 -9.69 -5.28 -6.27
C LEU B 502 -8.15 -5.48 -6.08
N PRO B 503 -7.34 -4.49 -6.52
CA PRO B 503 -5.93 -4.63 -6.27
C PRO B 503 -5.67 -4.87 -4.79
N LYS B 504 -6.47 -4.23 -3.92
CA LYS B 504 -6.22 -4.30 -2.48
C LYS B 504 -6.74 -5.60 -1.90
N LEU B 505 -7.72 -6.19 -2.57
CA LEU B 505 -8.30 -7.44 -2.13
C LEU B 505 -7.47 -8.63 -2.61
N HIS B 506 -6.92 -8.52 -3.81
CA HIS B 506 -6.04 -9.54 -4.36
C HIS B 506 -4.62 -9.37 -3.86
N GLU B 507 -4.38 -8.29 -3.11
CA GLU B 507 -3.10 -8.08 -2.44
C GLU B 507 -2.52 -9.40 -1.94
N GLU B 508 -3.36 -10.24 -1.36
CA GLU B 508 -2.91 -11.49 -0.77
C GLU B 508 -2.19 -12.35 -1.80
N ALA B 509 -2.78 -12.47 -2.98
CA ALA B 509 -2.40 -13.51 -3.93
C ALA B 509 -1.29 -13.04 -4.86
N MET B 510 -1.48 -11.89 -5.48
CA MET B 510 -0.71 -11.51 -6.66
C MET B 510 0.79 -11.44 -6.31
N ALA B 511 1.13 -11.89 -5.11
CA ALA B 511 2.45 -11.61 -4.54
C ALA B 511 3.49 -12.61 -5.03
N LEU B 512 4.57 -12.09 -5.61
CA LEU B 512 5.65 -12.94 -6.09
C LEU B 512 6.61 -13.31 -4.96
N PRO B 513 6.95 -14.60 -4.87
CA PRO B 513 7.99 -15.06 -3.95
C PRO B 513 9.37 -14.32 -4.13
N MET C 1 -6.56 9.67 41.32
CA MET C 1 -6.58 11.03 41.86
C MET C 1 -6.92 12.05 40.78
N LYS C 2 -7.90 12.90 41.07
CA LYS C 2 -8.28 13.91 40.17
C LYS C 2 -7.42 15.14 40.49
N ARG C 3 -6.78 15.68 39.45
CA ARG C 3 -5.97 16.90 39.57
C ARG C 3 -6.38 18.01 38.66
N MET C 4 -5.98 19.20 39.05
CA MET C 4 -6.07 20.33 38.14
C MET C 4 -4.69 20.77 37.81
N LEU C 5 -4.24 20.48 36.60
CA LEU C 5 -2.92 21.00 36.12
C LEU C 5 -3.08 22.33 35.43
N ILE C 6 -2.22 23.25 35.79
CA ILE C 6 -2.30 24.60 35.22
C ILE C 6 -1.00 25.02 34.61
N ASN C 7 -0.96 24.96 33.29
CA ASN C 7 0.23 25.36 32.51
C ASN C 7 0.22 26.83 32.20
N ALA C 8 1.22 27.54 32.70
CA ALA C 8 1.19 28.98 32.70
C ALA C 8 2.51 29.53 32.29
N THR C 9 3.39 28.68 31.74
CA THR C 9 4.73 29.14 31.32
C THR C 9 4.61 29.92 30.00
N GLN C 10 3.36 29.87 29.43
CA GLN C 10 3.06 30.36 28.03
C GLN C 10 1.96 31.44 28.05
N GLN C 11 2.18 32.52 27.28
CA GLN C 11 1.37 33.75 27.42
C GLN C 11 0.45 33.94 26.22
N LEU C 14 -2.51 30.93 29.08
CA LEU C 14 -2.74 30.11 30.29
C LEU C 14 -3.74 28.93 30.01
N ARG C 15 -3.32 27.69 30.29
CA ARG C 15 -4.16 26.48 30.06
C ARG C 15 -4.38 25.70 31.33
N VAL C 16 -5.62 25.30 31.52
CA VAL C 16 -6.04 24.60 32.72
C VAL C 16 -6.67 23.32 32.33
N ALA C 17 -6.09 22.22 32.81
CA ALA C 17 -6.57 20.83 32.43
C ALA C 17 -6.93 20.02 33.66
N LEU C 18 -8.16 19.52 33.70
CA LEU C 18 -8.57 18.61 34.78
C LEU C 18 -8.21 17.23 34.38
N VAL C 19 -7.44 16.60 35.19
CA VAL C 19 -6.88 15.30 34.86
C VAL C 19 -7.15 14.22 35.94
N ASP C 20 -7.81 13.14 35.53
CA ASP C 20 -8.09 11.98 36.43
C ASP C 20 -7.14 10.85 36.12
N GLY C 21 -6.18 10.68 36.98
CA GLY C 21 -5.07 9.77 36.72
C GLY C 21 -4.13 10.30 35.63
N GLN C 22 -4.34 9.85 34.41
CA GLN C 22 -3.78 10.51 33.24
C GLN C 22 -4.82 10.68 32.13
N ARG C 23 -6.09 10.73 32.52
CA ARG C 23 -7.14 10.93 31.59
C ARG C 23 -7.56 12.43 31.63
N LEU C 24 -7.16 13.20 30.62
CA LEU C 24 -7.61 14.50 30.49
C LEU C 24 -9.14 14.34 30.33
N TYR C 25 -9.91 14.98 31.24
CA TYR C 25 -11.35 15.01 31.04
C TYR C 25 -12.01 16.35 30.96
N ASP C 26 -11.22 17.44 31.17
CA ASP C 26 -11.71 18.78 30.84
C ASP C 26 -10.56 19.67 30.57
N LEU C 27 -10.75 20.68 29.69
CA LEU C 27 -9.68 21.60 29.38
C LEU C 27 -10.22 23.03 29.31
N ASP C 28 -9.41 23.99 29.74
CA ASP C 28 -9.73 25.36 29.51
C ASP C 28 -8.51 26.11 29.01
N ILE C 29 -8.68 26.88 27.95
CA ILE C 29 -7.62 27.71 27.51
C ILE C 29 -8.10 29.11 27.53
N GLU C 30 -8.12 29.69 28.72
CA GLU C 30 -8.59 31.03 28.77
C GLU C 30 -7.50 31.99 28.43
N SER C 31 -7.79 32.79 27.42
CA SER C 31 -6.87 33.84 26.97
C SER C 31 -7.58 35.18 27.05
N PRO C 32 -7.11 36.06 27.96
CA PRO C 32 -7.89 37.20 28.45
C PRO C 32 -7.70 38.51 27.62
N GLY C 33 -8.72 38.87 26.84
CA GLY C 33 -8.91 40.26 26.42
C GLY C 33 -9.62 41.08 27.51
N LYS C 37 -15.17 43.59 32.22
CA LYS C 37 -16.41 44.33 32.13
C LYS C 37 -17.16 44.31 33.45
N LYS C 38 -17.74 43.15 33.79
CA LYS C 38 -19.16 43.06 34.07
C LYS C 38 -19.41 42.96 35.57
N ALA C 39 -18.98 41.85 36.17
CA ALA C 39 -19.45 41.46 37.50
C ALA C 39 -18.30 41.47 38.51
N ASN C 40 -17.60 42.60 38.58
CA ASN C 40 -16.66 42.84 39.67
C ASN C 40 -17.34 43.43 40.90
N ILE C 41 -16.83 43.08 42.07
CA ILE C 41 -17.40 43.57 43.35
C ILE C 41 -16.39 44.50 44.07
N TYR C 42 -16.88 45.65 44.51
CA TYR C 42 -16.06 46.62 45.21
C TYR C 42 -16.71 47.02 46.53
N LYS C 43 -15.89 47.50 47.48
CA LYS C 43 -16.39 48.44 48.50
C LYS C 43 -16.22 49.88 47.95
N GLY C 44 -17.30 50.68 48.02
CA GLY C 44 -17.32 52.00 47.39
C GLY C 44 -17.91 53.06 48.31
N LYS C 45 -17.33 54.25 48.27
CA LYS C 45 -17.84 55.39 49.04
C LYS C 45 -18.79 56.20 48.17
N ILE C 46 -19.92 56.61 48.74
CA ILE C 46 -20.88 57.41 48.02
C ILE C 46 -20.38 58.81 47.87
N THR C 47 -20.12 59.19 46.62
CA THR C 47 -19.50 60.45 46.28
C THR C 47 -20.50 61.60 46.38
N ARG C 48 -21.68 61.41 45.81
CA ARG C 48 -22.68 62.46 45.74
C ARG C 48 -24.05 61.96 45.29
N ILE C 49 -25.11 62.54 45.88
CA ILE C 49 -26.47 62.04 45.69
C ILE C 49 -27.26 62.96 44.77
N GLU C 50 -28.05 62.37 43.89
CA GLU C 50 -28.86 63.12 42.97
C GLU C 50 -30.33 62.75 43.10
N PRO C 51 -31.12 63.54 43.85
CA PRO C 51 -32.55 63.32 43.92
C PRO C 51 -33.21 63.54 42.56
N SER C 52 -32.53 64.27 41.68
CA SER C 52 -33.02 64.57 40.34
C SER C 52 -33.10 63.32 39.46
N LEU C 53 -32.07 62.49 39.52
CA LEU C 53 -32.04 61.27 38.75
C LEU C 53 -32.41 60.04 39.57
N GLU C 54 -32.91 60.28 40.80
CA GLU C 54 -33.21 59.20 41.77
C GLU C 54 -32.08 58.18 41.88
N ALA C 55 -30.86 58.69 41.94
CA ALA C 55 -29.64 57.87 41.85
C ALA C 55 -28.50 58.52 42.65
N ALA C 56 -27.38 57.81 42.79
CA ALA C 56 -26.20 58.35 43.47
C ALA C 56 -24.94 57.98 42.71
N PHE C 57 -23.81 58.57 43.09
CA PHE C 57 -22.52 58.28 42.45
C PHE C 57 -21.52 57.63 43.42
N VAL C 58 -20.87 56.55 42.96
CA VAL C 58 -20.00 55.76 43.83
C VAL C 58 -18.54 55.75 43.36
N ASP C 59 -17.62 55.99 44.29
CA ASP C 59 -16.20 55.80 44.04
C ASP C 59 -15.81 54.34 44.39
N TYR C 60 -15.68 53.49 43.35
CA TYR C 60 -15.11 52.11 43.54
C TYR C 60 -13.62 52.03 43.18
N GLY C 61 -13.00 53.20 43.00
CA GLY C 61 -11.57 53.28 42.81
C GLY C 61 -11.14 53.33 41.35
N ALA C 62 -12.12 53.45 40.44
CA ALA C 62 -11.84 53.80 39.05
C ALA C 62 -11.72 55.30 38.87
N GLU C 63 -11.09 55.72 37.78
CA GLU C 63 -10.87 57.14 37.52
C GLU C 63 -12.18 57.83 37.25
N ARG C 64 -13.22 57.04 37.10
CA ARG C 64 -14.56 57.54 36.83
C ARG C 64 -15.58 56.86 37.81
N HIS C 65 -16.50 57.65 38.37
CA HIS C 65 -17.42 57.15 39.37
C HIS C 65 -18.52 56.39 38.73
N GLY C 66 -18.96 55.35 39.42
CA GLY C 66 -20.07 54.52 38.98
C GLY C 66 -21.40 55.15 39.32
N PHE C 67 -22.47 54.56 38.79
CA PHE C 67 -23.82 55.13 38.85
C PHE C 67 -24.78 54.16 39.53
N LEU C 68 -25.28 54.55 40.68
CA LEU C 68 -26.11 53.66 41.49
C LEU C 68 -27.53 54.17 41.59
N PRO C 69 -28.44 53.67 40.72
CA PRO C 69 -29.85 54.06 40.77
C PRO C 69 -30.54 53.60 42.04
N LEU C 70 -31.66 54.23 42.38
CA LEU C 70 -32.40 53.89 43.60
C LEU C 70 -32.92 52.46 43.59
N LYS C 71 -33.41 52.03 42.42
CA LYS C 71 -33.95 50.68 42.26
C LYS C 71 -32.95 49.58 42.60
N GLU C 72 -31.68 49.96 42.80
CA GLU C 72 -30.60 48.99 43.00
C GLU C 72 -30.10 48.95 44.42
N ILE C 73 -30.62 49.84 45.25
CA ILE C 73 -30.23 49.89 46.67
C ILE C 73 -31.02 48.89 47.48
N ALA C 74 -30.30 48.04 48.22
CA ALA C 74 -30.93 47.00 49.04
C ALA C 74 -31.63 47.60 50.26
N ARG C 75 -32.67 46.91 50.73
CA ARG C 75 -33.35 47.29 51.97
C ARG C 75 -32.36 47.30 53.15
N GLU C 76 -31.29 46.51 53.02
CA GLU C 76 -30.22 46.47 54.01
C GLU C 76 -29.59 47.85 54.24
N TYR C 77 -29.57 48.67 53.19
CA TYR C 77 -28.94 50.00 53.25
C TYR C 77 -29.96 51.09 53.47
N PHE C 78 -31.24 50.71 53.59
CA PHE C 78 -32.32 51.70 53.80
C PHE C 78 -32.70 51.84 55.27
N ARG C 87 -43.04 56.37 48.27
CA ARG C 87 -41.79 56.09 47.54
C ARG C 87 -40.75 57.20 47.83
N PRO C 88 -39.56 56.79 48.34
CA PRO C 88 -38.60 57.74 48.94
C PRO C 88 -37.73 58.44 47.91
N ASN C 89 -37.19 59.61 48.28
CA ASN C 89 -36.13 60.24 47.50
C ASN C 89 -34.77 59.67 47.89
N ILE C 90 -33.85 59.62 46.92
CA ILE C 90 -32.53 59.01 47.16
C ILE C 90 -31.76 59.80 48.22
N LYS C 91 -32.14 61.07 48.36
CA LYS C 91 -31.56 61.96 49.38
C LYS C 91 -31.84 61.49 50.82
N ASP C 92 -32.94 60.75 51.00
CA ASP C 92 -33.38 60.32 52.34
C ASP C 92 -32.74 59.02 52.75
N VAL C 93 -32.24 58.28 51.77
CA VAL C 93 -31.75 56.90 52.00
C VAL C 93 -30.25 56.90 52.29
N LEU C 94 -29.48 57.56 51.43
CA LEU C 94 -28.02 57.49 51.52
C LEU C 94 -27.45 58.74 52.16
N ARG C 95 -26.38 58.56 52.93
CA ARG C 95 -25.53 59.70 53.35
C ARG C 95 -24.24 59.81 52.49
N GLU C 96 -23.90 61.06 52.09
CA GLU C 96 -22.71 61.30 51.29
C GLU C 96 -21.47 60.76 52.03
N GLY C 97 -20.68 59.94 51.33
CA GLY C 97 -19.46 59.37 51.92
C GLY C 97 -19.73 58.09 52.68
N GLN C 98 -20.87 57.50 52.42
CA GLN C 98 -21.27 56.24 53.04
C GLN C 98 -20.68 55.08 52.30
N GLU C 99 -20.14 54.11 53.02
CA GLU C 99 -19.49 52.92 52.41
C GLU C 99 -20.51 51.85 52.09
N VAL C 100 -20.28 51.12 51.00
CA VAL C 100 -21.31 50.22 50.46
C VAL C 100 -20.67 49.15 49.55
N ILE C 101 -21.06 47.89 49.72
CA ILE C 101 -20.60 46.81 48.84
C ILE C 101 -21.34 46.84 47.52
N VAL C 102 -20.59 46.91 46.43
CA VAL C 102 -21.13 47.31 45.14
C VAL C 102 -20.63 46.38 44.04
N GLN C 103 -21.56 45.93 43.18
CA GLN C 103 -21.22 45.11 42.00
C GLN C 103 -21.54 45.88 40.68
N ILE C 104 -20.70 45.72 39.67
CA ILE C 104 -20.93 46.31 38.35
C ILE C 104 -21.97 45.53 37.56
N ASP C 105 -23.01 46.22 37.14
CA ASP C 105 -24.02 45.68 36.23
C ASP C 105 -23.53 45.78 34.77
N LYS C 106 -23.05 46.95 34.38
CA LYS C 106 -22.68 47.20 32.99
C LYS C 106 -21.38 47.95 32.86
N GLU C 107 -20.51 47.50 31.96
CA GLU C 107 -19.19 48.10 31.79
C GLU C 107 -19.30 49.59 31.34
N GLU C 108 -18.28 50.38 31.64
CA GLU C 108 -18.27 51.80 31.24
C GLU C 108 -18.42 51.97 29.74
N ARG C 109 -19.43 52.74 29.35
CA ARG C 109 -19.70 52.99 27.96
C ARG C 109 -19.66 54.47 27.66
N GLY C 110 -18.84 54.85 26.69
CA GLY C 110 -18.74 56.27 26.26
C GLY C 110 -18.34 57.22 27.38
N ASN C 111 -19.25 58.13 27.72
CA ASN C 111 -19.02 59.09 28.80
C ASN C 111 -19.45 58.60 30.19
N LYS C 112 -20.60 57.93 30.27
CA LYS C 112 -21.12 57.42 31.53
C LYS C 112 -20.06 56.63 32.28
N GLY C 113 -20.10 56.71 33.62
CA GLY C 113 -19.52 55.67 34.47
C GLY C 113 -20.34 54.40 34.47
N ALA C 114 -19.81 53.39 35.11
CA ALA C 114 -20.40 52.06 35.10
C ALA C 114 -21.73 51.99 35.89
N ALA C 115 -22.65 51.13 35.45
CA ALA C 115 -23.88 50.87 36.19
C ALA C 115 -23.55 50.00 37.38
N LEU C 116 -24.05 50.38 38.55
CA LEU C 116 -23.75 49.65 39.78
C LEU C 116 -25.00 49.18 40.50
N THR C 117 -24.92 48.01 41.13
CA THR C 117 -25.98 47.53 41.99
C THR C 117 -25.48 46.99 43.32
N THR C 118 -26.22 47.26 44.39
CA THR C 118 -25.91 46.71 45.72
C THR C 118 -26.62 45.34 45.99
N PHE C 119 -27.53 44.97 45.08
CA PHE C 119 -28.01 43.58 44.86
C PHE C 119 -26.74 43.03 44.28
N ILE C 120 -26.19 42.02 44.95
CA ILE C 120 -24.93 41.39 44.53
C ILE C 120 -25.36 39.93 44.15
N SER C 121 -24.76 39.43 43.08
CA SER C 121 -25.01 38.09 42.63
C SER C 121 -23.68 37.34 42.35
N LEU C 122 -23.54 36.16 42.96
CA LEU C 122 -22.35 35.35 42.82
C LEU C 122 -22.68 34.15 41.95
N ALA C 123 -22.25 34.21 40.68
CA ALA C 123 -22.43 33.08 39.74
C ALA C 123 -21.46 31.92 39.99
N GLY C 124 -22.03 30.74 40.08
CA GLY C 124 -21.26 29.53 40.14
C GLY C 124 -21.45 28.75 38.85
N SER C 125 -21.27 27.42 38.92
CA SER C 125 -21.42 26.55 37.74
C SER C 125 -22.90 26.26 37.47
N TYR C 126 -23.67 26.07 38.56
CA TYR C 126 -25.09 25.68 38.47
C TYR C 126 -25.99 26.73 39.12
N LEU C 127 -25.40 27.55 40.00
CA LEU C 127 -26.17 28.44 40.89
C LEU C 127 -25.72 29.88 40.75
N VAL C 128 -26.66 30.80 40.85
CA VAL C 128 -26.35 32.21 41.10
C VAL C 128 -26.94 32.64 42.44
N LEU C 129 -26.07 32.86 43.43
CA LEU C 129 -26.49 33.31 44.76
C LEU C 129 -26.74 34.82 44.76
N MET C 130 -27.96 35.22 45.08
CA MET C 130 -28.31 36.60 45.36
C MET C 130 -28.38 36.79 46.87
N PRO C 131 -27.22 36.80 47.55
CA PRO C 131 -27.21 36.77 49.01
C PRO C 131 -27.84 38.00 49.57
N ASN C 132 -28.07 38.98 48.69
CA ASN C 132 -28.54 40.30 49.09
C ASN C 132 -30.04 40.41 49.07
N ASN C 133 -30.68 39.73 48.13
CA ASN C 133 -32.15 39.79 47.97
C ASN C 133 -32.82 38.46 47.70
N PRO C 134 -33.88 38.15 48.45
CA PRO C 134 -34.60 36.90 48.35
C PRO C 134 -35.77 36.98 47.37
N ARG C 135 -36.04 38.15 46.83
CA ARG C 135 -37.21 38.33 45.99
C ARG C 135 -37.05 37.77 44.59
N ALA C 136 -35.80 37.61 44.15
CA ALA C 136 -35.51 36.97 42.87
C ALA C 136 -34.99 35.55 43.07
N GLY C 137 -35.59 34.61 42.35
CA GLY C 137 -35.16 33.22 42.42
C GLY C 137 -36.17 32.27 41.80
N GLY C 138 -35.82 30.99 41.74
CA GLY C 138 -36.75 29.97 41.32
C GLY C 138 -36.51 29.51 39.89
N ILE C 139 -37.52 28.93 39.26
CA ILE C 139 -37.32 28.22 38.00
C ILE C 139 -37.98 28.92 36.83
N SER C 140 -37.30 28.94 35.69
CA SER C 140 -37.99 28.77 34.42
C SER C 140 -37.26 29.45 33.27
N ARG C 148 -37.65 20.21 34.56
CA ARG C 148 -37.72 21.12 35.68
C ARG C 148 -38.42 20.48 36.86
N THR C 149 -38.97 19.30 36.65
CA THR C 149 -39.76 18.64 37.67
C THR C 149 -38.94 18.25 38.89
N GLU C 150 -37.73 17.76 38.66
CA GLU C 150 -36.85 17.36 39.74
C GLU C 150 -36.00 18.51 40.28
N LEU C 151 -35.77 19.53 39.44
CA LEU C 151 -35.02 20.72 39.85
C LEU C 151 -35.79 21.54 40.88
N LYS C 152 -37.13 21.54 40.73
CA LYS C 152 -38.02 22.19 41.70
C LYS C 152 -38.02 21.45 43.02
N GLU C 153 -37.76 20.14 42.96
CA GLU C 153 -37.66 19.32 44.15
C GLU C 153 -36.30 19.44 44.78
N ALA C 154 -35.27 19.58 43.94
CA ALA C 154 -33.90 19.64 44.40
C ALA C 154 -33.53 21.01 45.00
N LEU C 155 -34.03 22.08 44.38
CA LEU C 155 -33.77 23.45 44.87
C LEU C 155 -34.44 23.68 46.25
N ALA C 156 -35.60 23.05 46.47
CA ALA C 156 -36.33 23.15 47.75
C ALA C 156 -35.62 22.41 48.88
N SER C 157 -34.70 21.52 48.53
CA SER C 157 -33.98 20.74 49.51
C SER C 157 -32.69 21.40 50.00
N LEU C 158 -32.22 22.45 49.29
CA LEU C 158 -30.95 23.15 49.63
C LEU C 158 -31.11 24.10 50.82
N GLU C 159 -30.12 24.11 51.72
CA GLU C 159 -30.17 24.92 52.93
C GLU C 159 -29.67 26.37 52.69
N LEU C 160 -30.59 27.22 52.27
CA LEU C 160 -30.30 28.61 51.93
C LEU C 160 -30.70 29.55 53.09
N PRO C 161 -29.76 30.40 53.55
CA PRO C 161 -30.04 31.35 54.66
C PRO C 161 -31.22 32.29 54.35
N GLU C 162 -31.94 32.74 55.37
CA GLU C 162 -33.22 33.39 55.17
C GLU C 162 -33.15 34.61 54.24
N GLY C 163 -32.19 35.48 54.48
CA GLY C 163 -32.20 36.78 53.88
C GLY C 163 -31.90 36.78 52.40
N MET C 164 -31.69 35.60 51.83
CA MET C 164 -31.14 35.51 50.44
C MET C 164 -31.92 34.63 49.50
N GLY C 165 -31.69 34.82 48.21
CA GLY C 165 -32.33 34.02 47.17
C GLY C 165 -31.29 33.44 46.24
N LEU C 166 -31.71 32.47 45.40
CA LEU C 166 -30.78 31.73 44.47
C LEU C 166 -31.47 31.44 43.13
N ILE C 167 -30.68 31.37 42.06
CA ILE C 167 -31.19 30.92 40.76
C ILE C 167 -30.49 29.67 40.29
N VAL C 168 -31.26 28.72 39.76
CA VAL C 168 -30.68 27.55 39.16
C VAL C 168 -30.39 27.81 37.67
N ARG C 169 -29.12 27.74 37.29
CA ARG C 169 -28.71 28.04 35.93
C ARG C 169 -29.31 27.07 34.93
N THR C 170 -29.10 27.32 33.64
CA THR C 170 -29.45 26.37 32.60
C THR C 170 -28.60 25.10 32.65
N ALA C 171 -27.31 25.28 32.91
CA ALA C 171 -26.49 24.20 33.45
C ALA C 171 -27.31 23.26 34.33
N GLY C 172 -28.05 23.83 35.26
CA GLY C 172 -28.50 23.10 36.43
C GLY C 172 -29.60 22.11 36.11
N VAL C 173 -29.93 21.99 34.83
CA VAL C 173 -30.51 20.77 34.29
C VAL C 173 -29.75 19.54 34.76
N GLY C 174 -28.43 19.59 34.67
CA GLY C 174 -27.58 18.48 35.06
C GLY C 174 -26.96 18.66 36.42
N LYS C 175 -27.81 18.83 37.43
CA LYS C 175 -27.36 18.79 38.82
C LYS C 175 -28.17 17.80 39.64
N SER C 176 -27.48 16.98 40.42
CA SER C 176 -28.09 16.33 41.59
C SER C 176 -28.19 17.33 42.68
N ALA C 177 -28.95 17.00 43.71
CA ALA C 177 -29.08 17.84 44.86
C ALA C 177 -27.77 17.90 45.67
N GLU C 178 -27.07 16.77 45.76
CA GLU C 178 -25.84 16.69 46.51
C GLU C 178 -24.77 17.51 45.85
N ALA C 179 -24.84 17.57 44.52
CA ALA C 179 -23.93 18.38 43.71
C ALA C 179 -24.24 19.87 43.78
N LEU C 180 -25.52 20.21 43.88
CA LEU C 180 -25.94 21.58 44.03
C LEU C 180 -25.51 22.16 45.36
N GLN C 181 -25.66 21.36 46.42
CA GLN C 181 -25.27 21.75 47.75
C GLN C 181 -23.78 22.12 47.78
N TRP C 182 -22.99 21.43 46.97
CA TRP C 182 -21.53 21.67 46.87
C TRP C 182 -21.23 22.99 46.17
N ASP C 183 -22.10 23.39 45.26
CA ASP C 183 -21.96 24.67 44.57
C ASP C 183 -22.43 25.83 45.44
N LEU C 184 -23.61 25.66 46.05
CA LEU C 184 -24.21 26.70 46.91
C LEU C 184 -23.32 27.07 48.06
N SER C 185 -22.58 26.12 48.59
CA SER C 185 -21.81 26.35 49.78
C SER C 185 -20.56 27.08 49.43
N PHE C 186 -20.08 26.84 48.22
CA PHE C 186 -18.92 27.58 47.66
C PHE C 186 -19.24 29.07 47.36
N ARG C 187 -20.49 29.35 47.06
CA ARG C 187 -20.95 30.70 46.96
C ARG C 187 -21.06 31.37 48.35
N LEU C 188 -21.54 30.62 49.35
CA LEU C 188 -21.71 31.14 50.70
C LEU C 188 -20.35 31.45 51.35
N LYS C 189 -19.39 30.56 51.11
CA LYS C 189 -18.06 30.71 51.69
C LYS C 189 -17.39 31.94 51.11
N HIS C 190 -17.68 32.19 49.83
CA HIS C 190 -17.16 33.35 49.12
C HIS C 190 -17.82 34.63 49.63
N TRP C 191 -19.14 34.60 49.77
CA TRP C 191 -19.89 35.76 50.24
C TRP C 191 -19.46 36.21 51.66
N GLU C 192 -19.16 35.25 52.53
CA GLU C 192 -18.70 35.57 53.88
C GLU C 192 -17.42 36.34 53.84
N ALA C 193 -16.56 35.94 52.90
CA ALA C 193 -15.25 36.49 52.76
C ALA C 193 -15.30 37.83 52.07
N ILE C 194 -16.34 38.03 51.27
CA ILE C 194 -16.56 39.30 50.62
C ILE C 194 -16.86 40.39 51.65
N LYS C 195 -17.78 40.10 52.56
CA LYS C 195 -18.16 41.08 53.57
C LYS C 195 -17.14 41.14 54.72
N LYS C 196 -16.27 40.14 54.80
CA LYS C 196 -15.23 40.13 55.81
C LYS C 196 -14.12 41.03 55.37
N ALA C 197 -13.90 41.06 54.07
CA ALA C 197 -12.88 41.94 53.45
C ALA C 197 -13.37 43.38 53.31
N ALA C 198 -14.69 43.57 53.33
CA ALA C 198 -15.26 44.88 53.35
C ALA C 198 -15.18 45.47 54.73
N GLU C 199 -15.50 44.67 55.75
CA GLU C 199 -15.56 45.15 57.16
C GLU C 199 -14.17 45.58 57.69
N SER C 200 -13.14 45.28 56.93
CA SER C 200 -11.80 45.29 57.46
C SER C 200 -11.00 46.43 56.94
N ARG C 201 -11.61 47.28 56.12
CA ARG C 201 -10.84 48.31 55.41
C ARG C 201 -11.66 49.62 55.19
N PRO C 202 -10.96 50.77 54.96
CA PRO C 202 -11.58 51.99 54.35
C PRO C 202 -12.12 51.72 52.94
N ALA C 203 -12.81 52.69 52.36
CA ALA C 203 -13.92 52.39 51.48
C ALA C 203 -13.72 52.25 49.93
N PRO C 204 -12.60 52.81 49.35
CA PRO C 204 -12.51 52.86 47.82
C PRO C 204 -12.07 51.61 46.99
N PHE C 205 -11.73 50.46 47.65
CA PHE C 205 -10.99 49.30 46.99
C PHE C 205 -11.82 48.24 46.18
N LEU C 206 -11.11 47.32 45.53
CA LEU C 206 -11.72 46.16 44.80
C LEU C 206 -11.73 44.88 45.68
N ILE C 207 -12.85 44.17 45.69
CA ILE C 207 -12.98 42.98 46.56
C ILE C 207 -12.85 41.75 45.75
N HIS C 208 -13.65 41.65 44.70
CA HIS C 208 -13.66 40.43 43.85
C HIS C 208 -13.54 40.74 42.32
N GLN C 209 -12.62 40.08 41.66
CA GLN C 209 -12.40 40.28 40.25
C GLN C 209 -12.99 39.11 39.52
N GLU C 210 -13.99 39.37 38.68
CA GLU C 210 -14.85 38.32 38.16
C GLU C 210 -14.09 37.42 37.18
N SER C 211 -13.01 37.95 36.61
CA SER C 211 -12.73 37.77 35.20
C SER C 211 -11.28 37.34 34.97
N ASN C 212 -10.41 37.74 35.88
CA ASN C 212 -9.00 37.33 35.83
C ASN C 212 -8.85 35.82 35.85
N VAL C 213 -8.26 35.27 34.80
CA VAL C 213 -8.75 34.04 34.18
C VAL C 213 -8.54 32.85 35.10
N ILE C 214 -7.85 33.07 36.21
CA ILE C 214 -7.71 32.06 37.25
C ILE C 214 -9.00 31.89 38.04
N VAL C 215 -9.75 32.99 38.16
CA VAL C 215 -10.98 32.99 38.95
C VAL C 215 -12.03 32.06 38.35
N ARG C 216 -12.07 32.01 37.02
CA ARG C 216 -13.00 31.17 36.33
C ARG C 216 -12.69 29.68 36.55
N ALA C 217 -11.43 29.31 36.40
CA ALA C 217 -11.02 27.95 36.62
C ALA C 217 -11.36 27.43 38.08
N PHE C 218 -11.03 28.23 39.10
CA PHE C 218 -11.29 27.83 40.47
C PHE C 218 -12.81 27.77 40.70
N ARG C 219 -13.52 28.59 39.95
CA ARG C 219 -14.96 28.72 40.12
C ARG C 219 -15.69 27.58 39.45
N ASP C 220 -15.07 27.05 38.40
CA ASP C 220 -15.67 25.98 37.56
C ASP C 220 -15.06 24.61 37.72
N TYR C 221 -13.80 24.56 38.14
CA TYR C 221 -13.07 23.32 38.13
C TYR C 221 -12.63 22.76 39.52
N LEU C 222 -12.59 23.59 40.56
CA LEU C 222 -12.23 23.12 41.86
C LEU C 222 -13.36 22.30 42.47
N ARG C 223 -12.99 21.27 43.22
CA ARG C 223 -13.94 20.57 44.07
C ARG C 223 -13.19 19.72 45.09
N GLN C 224 -13.94 19.07 45.96
CA GLN C 224 -13.39 18.65 47.28
C GLN C 224 -12.34 17.58 47.09
N ASP C 225 -12.36 17.03 45.90
CA ASP C 225 -11.48 15.90 45.54
C ASP C 225 -10.17 16.34 44.74
N ILE C 226 -9.91 17.63 44.67
CA ILE C 226 -8.73 18.06 44.10
C ILE C 226 -7.57 18.16 45.11
N GLY C 227 -6.57 17.29 44.94
CA GLY C 227 -5.45 17.18 45.87
C GLY C 227 -4.50 18.31 45.72
N GLU C 228 -4.17 18.64 44.46
CA GLU C 228 -3.16 19.60 44.17
C GLU C 228 -3.61 20.49 43.09
N ILE C 229 -3.00 21.67 42.99
CA ILE C 229 -3.03 22.47 41.80
C ILE C 229 -1.60 22.84 41.50
N LEU C 230 -1.02 22.15 40.55
CA LEU C 230 0.30 22.49 40.11
C LEU C 230 0.27 23.64 39.08
N ILE C 231 1.13 24.65 39.28
CA ILE C 231 1.29 25.73 38.34
C ILE C 231 2.77 25.89 37.92
N ASP C 232 3.02 25.93 36.63
CA ASP C 232 4.39 26.03 36.17
C ASP C 232 4.98 27.47 36.15
N ASN C 233 4.16 28.48 36.49
CA ASN C 233 4.57 29.90 36.38
C ASN C 233 4.38 30.60 37.70
N PRO C 234 5.47 31.00 38.33
CA PRO C 234 5.50 31.80 39.57
C PRO C 234 4.60 33.10 39.51
N LYS C 235 4.82 33.99 38.53
CA LYS C 235 4.03 35.22 38.42
C LYS C 235 2.54 34.88 38.62
N VAL C 236 2.12 33.73 38.05
CA VAL C 236 0.72 33.31 38.02
C VAL C 236 0.31 32.65 39.33
N LEU C 237 1.17 31.81 39.86
CA LEU C 237 0.91 31.14 41.16
C LEU C 237 0.61 32.11 42.34
N GLU C 238 1.45 33.14 42.49
CA GLU C 238 1.15 34.27 43.39
C GLU C 238 -0.26 34.82 43.17
N LEU C 239 -0.62 35.10 41.89
CA LEU C 239 -1.94 35.64 41.54
C LEU C 239 -3.00 34.61 41.89
N ALA C 240 -2.62 33.34 41.80
CA ALA C 240 -3.56 32.20 42.06
C ALA C 240 -3.90 32.02 43.54
N ARG C 241 -2.97 32.32 44.39
CA ARG C 241 -3.22 32.29 45.82
C ARG C 241 -4.04 33.49 46.35
N GLN C 242 -3.64 34.71 45.96
CA GLN C 242 -4.44 35.89 46.23
C GLN C 242 -5.94 35.60 45.90
N HIS C 243 -6.18 34.89 44.78
CA HIS C 243 -7.56 34.68 44.30
C HIS C 243 -8.28 33.67 45.09
N ILE C 244 -7.53 32.82 45.73
CA ILE C 244 -8.11 31.82 46.61
C ILE C 244 -8.55 32.42 47.98
N ALA C 245 -7.66 33.22 48.58
CA ALA C 245 -8.01 33.98 49.77
C ALA C 245 -9.18 34.95 49.49
N ALA C 246 -9.18 35.60 48.31
CA ALA C 246 -10.25 36.53 47.95
C ALA C 246 -11.52 35.76 47.76
N LEU C 247 -11.40 34.53 47.28
CA LEU C 247 -12.56 33.60 47.10
C LEU C 247 -12.85 32.98 48.41
N GLY C 248 -11.93 33.15 49.33
CA GLY C 248 -12.18 32.83 50.71
C GLY C 248 -12.05 31.36 51.01
N ARG C 249 -10.90 30.77 50.68
CA ARG C 249 -10.62 29.35 51.05
C ARG C 249 -9.16 29.10 51.34
N PRO C 250 -8.67 29.56 52.50
CA PRO C 250 -7.24 29.54 52.81
C PRO C 250 -6.75 28.14 53.07
N ASP C 251 -7.69 27.23 53.22
CA ASP C 251 -7.37 25.80 53.34
C ASP C 251 -6.81 25.16 52.05
N PHE C 252 -6.91 25.87 50.93
CA PHE C 252 -6.36 25.38 49.66
C PHE C 252 -4.98 25.96 49.35
N SER C 253 -4.60 27.06 50.03
CA SER C 253 -3.34 27.73 49.74
C SER C 253 -2.21 26.76 49.83
N SER C 254 -2.37 25.79 50.71
CA SER C 254 -1.35 24.79 50.97
C SER C 254 -1.30 23.74 49.87
N LYS C 255 -2.39 23.64 49.12
CA LYS C 255 -2.48 22.67 48.02
C LYS C 255 -2.00 23.20 46.62
N ILE C 256 -1.97 24.54 46.43
CA ILE C 256 -1.35 25.12 45.27
C ILE C 256 0.18 24.96 45.36
N LYS C 257 0.79 24.38 44.32
CA LYS C 257 2.22 24.12 44.31
C LYS C 257 2.91 24.52 43.03
N LEU C 258 4.17 24.95 43.12
CA LEU C 258 4.92 25.37 41.95
C LEU C 258 5.53 24.18 41.32
N TYR C 259 5.18 23.93 40.07
CA TYR C 259 5.95 23.01 39.24
C TYR C 259 7.27 23.67 38.83
N THR C 260 8.33 22.84 38.73
CA THR C 260 9.68 23.36 38.46
C THR C 260 10.54 22.58 37.45
N GLY C 261 10.17 21.32 37.20
CA GLY C 261 10.86 20.49 36.20
C GLY C 261 11.02 21.12 34.81
N GLU C 262 12.10 20.74 34.12
CA GLU C 262 12.40 21.29 32.80
C GLU C 262 11.49 20.69 31.75
N ILE C 263 11.10 19.43 31.98
CA ILE C 263 10.02 18.79 31.22
C ILE C 263 8.68 19.55 31.44
N PRO C 264 8.07 20.06 30.34
CA PRO C 264 6.87 20.85 30.52
C PRO C 264 5.76 20.11 31.32
N LEU C 265 4.98 20.88 32.10
CA LEU C 265 4.00 20.30 33.07
C LEU C 265 3.10 19.28 32.41
N PHE C 266 2.56 19.62 31.24
CA PHE C 266 1.55 18.81 30.59
C PHE C 266 2.20 17.61 29.94
N SER C 267 3.50 17.70 29.69
CA SER C 267 4.25 16.56 29.15
C SER C 267 4.70 15.62 30.25
N HIS C 268 5.02 16.18 31.42
CA HIS C 268 5.41 15.33 32.53
C HIS C 268 4.26 14.49 32.97
N TYR C 269 3.06 15.06 32.86
CA TYR C 269 1.86 14.35 33.26
C TYR C 269 1.19 13.60 32.07
N GLN C 270 1.89 13.54 30.94
CA GLN C 270 1.46 12.69 29.80
C GLN C 270 0.10 13.08 29.13
N ILE C 271 -0.37 14.30 29.34
CA ILE C 271 -1.71 14.67 28.89
C ILE C 271 -1.74 15.36 27.55
N GLU C 272 -0.59 15.72 27.03
CA GLU C 272 -0.52 16.54 25.78
C GLU C 272 -1.11 15.80 24.54
N SER C 273 -0.93 14.48 24.49
CA SER C 273 -1.53 13.67 23.43
C SER C 273 -3.02 13.55 23.63
N GLN C 274 -3.46 13.39 24.88
CA GLN C 274 -4.89 13.22 25.18
C GLN C 274 -5.60 14.53 24.85
N ILE C 275 -4.93 15.64 25.13
CA ILE C 275 -5.40 17.00 24.69
C ILE C 275 -5.52 17.05 23.15
N GLU C 276 -4.56 16.48 22.50
CA GLU C 276 -4.58 16.42 21.06
C GLU C 276 -5.59 15.44 20.46
N SER C 277 -6.18 14.55 21.29
CA SER C 277 -7.16 13.58 20.80
C SER C 277 -8.46 14.28 20.42
N ALA C 278 -8.64 15.49 20.94
CA ALA C 278 -9.96 16.19 20.87
C ALA C 278 -10.14 16.72 19.48
N PHE C 279 -9.09 16.59 18.68
CA PHE C 279 -9.05 17.18 17.31
C PHE C 279 -9.23 16.09 16.25
N GLN C 280 -9.13 14.84 16.66
CA GLN C 280 -9.18 13.70 15.72
C GLN C 280 -10.60 13.35 15.36
N ARG C 281 -10.74 12.64 14.27
CA ARG C 281 -12.00 12.05 13.87
C ARG C 281 -12.30 10.67 14.51
N GLU C 282 -11.28 9.80 14.63
CA GLU C 282 -11.40 8.57 15.37
C GLU C 282 -10.51 8.59 16.63
N VAL C 283 -11.06 8.13 17.76
CA VAL C 283 -10.29 7.99 18.98
C VAL C 283 -10.31 6.50 19.39
N ARG C 284 -9.15 5.92 19.61
CA ARG C 284 -9.09 4.54 20.02
C ARG C 284 -9.48 4.31 21.47
N LEU C 285 -10.22 3.25 21.70
CA LEU C 285 -10.63 2.88 23.04
C LEU C 285 -9.56 1.95 23.69
N PRO C 286 -9.45 1.99 25.02
CA PRO C 286 -8.55 1.11 25.75
C PRO C 286 -8.47 -0.35 25.21
N SER C 287 -9.60 -1.02 25.00
CA SER C 287 -9.59 -2.43 24.63
C SER C 287 -9.16 -2.67 23.18
N GLY C 288 -9.30 -1.65 22.36
CA GLY C 288 -8.82 -1.69 20.98
C GLY C 288 -9.79 -1.15 19.95
N GLY C 289 -11.07 -1.14 20.29
CA GLY C 289 -12.07 -0.54 19.41
C GLY C 289 -11.85 0.97 19.26
N SER C 290 -12.87 1.67 18.77
CA SER C 290 -12.77 3.13 18.56
C SER C 290 -14.14 3.86 18.45
N ILE C 291 -14.11 5.17 18.49
CA ILE C 291 -15.28 5.96 18.23
C ILE C 291 -15.01 6.98 17.14
N VAL C 292 -15.99 7.13 16.25
CA VAL C 292 -15.87 8.04 15.12
C VAL C 292 -16.86 9.16 15.26
N ILE C 293 -16.33 10.39 15.40
CA ILE C 293 -17.15 11.54 15.70
C ILE C 293 -17.31 12.39 14.46
N ASP C 294 -18.41 12.16 13.75
CA ASP C 294 -18.77 12.92 12.49
C ASP C 294 -19.92 13.90 12.70
N SER C 295 -19.75 15.11 12.23
CA SER C 295 -20.73 16.16 12.49
C SER C 295 -21.31 16.60 11.23
N THR C 296 -22.61 16.59 11.21
CA THR C 296 -23.39 17.03 10.03
C THR C 296 -23.99 18.42 10.21
N GLU C 297 -25.06 18.66 9.44
CA GLU C 297 -25.76 19.91 9.46
C GLU C 297 -26.71 19.93 10.59
N ALA C 298 -27.38 18.81 10.77
CA ALA C 298 -28.34 18.63 11.89
C ALA C 298 -27.71 18.22 13.23
N LEU C 299 -26.80 17.24 13.21
CA LEU C 299 -26.31 16.64 14.45
C LEU C 299 -24.88 16.07 14.43
N THR C 300 -24.45 15.57 15.58
CA THR C 300 -23.21 14.91 15.68
C THR C 300 -23.52 13.43 15.80
N ALA C 301 -23.07 12.68 14.82
CA ALA C 301 -23.19 11.24 14.83
C ALA C 301 -21.89 10.57 15.34
N ILE C 302 -21.99 9.84 16.44
CA ILE C 302 -20.87 9.09 16.94
C ILE C 302 -21.08 7.60 16.69
N ASP C 303 -20.23 7.02 15.81
CA ASP C 303 -20.25 5.58 15.52
C ASP C 303 -19.22 4.87 16.37
N ILE C 304 -19.49 3.59 16.68
CA ILE C 304 -18.59 2.78 17.55
C ILE C 304 -18.22 1.47 16.92
N ASN C 305 -16.90 1.26 16.76
CA ASN C 305 -16.35 0.04 16.15
C ASN C 305 -15.57 -0.71 17.18
N SER C 306 -15.61 -2.05 17.13
CA SER C 306 -14.87 -2.87 18.13
C SER C 306 -13.47 -3.31 17.64
N ALA C 307 -12.79 -4.06 18.49
CA ALA C 307 -11.43 -4.47 18.23
C ALA C 307 -11.39 -5.58 17.22
N GLY C 313 -12.81 -15.66 23.03
CA GLY C 313 -13.65 -14.47 22.98
C GLY C 313 -15.15 -14.78 22.84
N ASP C 314 -15.97 -13.79 23.22
CA ASP C 314 -17.44 -13.86 23.18
C ASP C 314 -17.94 -12.56 22.54
N ILE C 315 -18.80 -12.67 21.53
CA ILE C 315 -19.27 -11.48 20.79
C ILE C 315 -20.21 -10.61 21.62
N GLU C 316 -21.10 -11.24 22.40
CA GLU C 316 -22.02 -10.51 23.26
C GLU C 316 -21.24 -9.71 24.33
N GLU C 317 -20.16 -10.29 24.80
CA GLU C 317 -19.33 -9.65 25.80
C GLU C 317 -18.46 -8.55 25.20
N THR C 318 -17.97 -8.75 23.99
CA THR C 318 -17.19 -7.72 23.28
C THR C 318 -18.03 -6.47 22.99
N ALA C 319 -19.16 -6.65 22.34
CA ALA C 319 -20.05 -5.54 22.03
C ALA C 319 -20.35 -4.74 23.33
N PHE C 320 -20.59 -5.48 24.40
CA PHE C 320 -21.00 -4.86 25.67
C PHE C 320 -19.86 -4.09 26.25
N ASN C 321 -18.72 -4.71 26.22
CA ASN C 321 -17.56 -4.18 26.83
C ASN C 321 -16.92 -2.99 26.06
N THR C 322 -17.03 -3.00 24.72
CA THR C 322 -16.59 -1.85 23.88
C THR C 322 -17.56 -0.63 24.09
N ASN C 323 -18.86 -0.90 24.09
CA ASN C 323 -19.85 0.11 24.32
C ASN C 323 -19.62 0.81 25.67
N LEU C 324 -19.22 0.06 26.68
CA LEU C 324 -19.01 0.66 28.03
C LEU C 324 -17.89 1.65 27.95
N GLU C 325 -16.83 1.24 27.27
CA GLU C 325 -15.61 2.11 27.05
C GLU C 325 -15.93 3.31 26.14
N ALA C 326 -16.63 3.05 25.04
CA ALA C 326 -17.23 4.11 24.23
C ALA C 326 -17.94 5.20 25.10
N ALA C 327 -18.97 4.79 25.83
CA ALA C 327 -19.69 5.70 26.69
C ALA C 327 -18.71 6.59 27.51
N ASP C 328 -17.73 5.93 28.15
CA ASP C 328 -16.72 6.64 28.97
C ASP C 328 -16.00 7.68 28.11
N GLU C 329 -15.45 7.23 26.98
CA GLU C 329 -14.69 8.10 26.06
C GLU C 329 -15.51 9.25 25.41
N ILE C 330 -16.63 8.91 24.80
CA ILE C 330 -17.55 9.92 24.30
C ILE C 330 -17.78 11.03 25.35
N ALA C 331 -18.03 10.65 26.60
CA ALA C 331 -18.39 11.59 27.64
C ALA C 331 -17.36 12.71 27.76
N ARG C 332 -16.09 12.35 27.69
CA ARG C 332 -14.99 13.29 27.93
C ARG C 332 -14.65 13.96 26.67
N GLN C 333 -14.80 13.27 25.56
CA GLN C 333 -14.65 13.94 24.22
C GLN C 333 -15.64 15.08 24.08
N LEU C 334 -16.91 14.85 24.43
CA LEU C 334 -17.88 15.97 24.48
C LEU C 334 -17.31 17.14 25.27
N ARG C 335 -16.70 16.84 26.48
CA ARG C 335 -16.15 17.92 27.34
C ARG C 335 -14.96 18.56 26.61
N LEU C 336 -14.02 17.71 26.11
CA LEU C 336 -12.70 18.27 25.54
C LEU C 336 -12.98 19.06 24.29
N ARG C 337 -13.89 18.57 23.51
CA ARG C 337 -14.25 19.23 22.20
C ARG C 337 -15.13 20.44 22.38
N ASP C 338 -15.87 20.47 23.50
CA ASP C 338 -16.96 21.45 23.70
C ASP C 338 -18.00 21.37 22.62
N LEU C 339 -18.38 20.14 22.29
CA LEU C 339 -19.55 19.88 21.41
C LEU C 339 -20.83 20.35 22.01
N GLY C 340 -21.68 20.82 21.13
CA GLY C 340 -22.95 21.32 21.52
C GLY C 340 -24.11 20.85 20.63
N GLY C 341 -25.32 20.95 21.14
CA GLY C 341 -26.49 20.62 20.37
C GLY C 341 -26.90 19.16 20.51
N LEU C 342 -27.13 18.53 19.37
CA LEU C 342 -27.78 17.21 19.29
C LEU C 342 -26.78 16.11 18.96
N ILE C 343 -26.74 15.06 19.77
CA ILE C 343 -25.78 13.98 19.56
C ILE C 343 -26.50 12.67 19.49
N VAL C 344 -26.19 11.90 18.44
CA VAL C 344 -26.75 10.56 18.28
C VAL C 344 -25.60 9.47 18.31
N ILE C 345 -25.69 8.57 19.25
CA ILE C 345 -24.66 7.56 19.40
C ILE C 345 -25.13 6.20 18.89
N ASP C 346 -24.43 5.66 17.92
CA ASP C 346 -24.77 4.32 17.39
C ASP C 346 -23.92 3.33 18.11
N PHE C 347 -24.38 2.97 19.28
CA PHE C 347 -23.73 1.88 20.02
C PHE C 347 -23.81 0.61 19.29
N ILE C 348 -22.80 -0.24 19.53
CA ILE C 348 -22.77 -1.58 18.97
C ILE C 348 -23.92 -2.36 19.50
N ASP C 349 -24.54 -3.09 18.61
CA ASP C 349 -25.78 -3.72 18.88
C ASP C 349 -25.63 -4.73 20.06
N MET C 350 -26.53 -4.65 21.01
CA MET C 350 -26.58 -5.64 22.10
C MET C 350 -27.94 -6.26 22.26
N THR C 351 -28.01 -7.61 22.24
CA THR C 351 -29.33 -8.28 22.20
C THR C 351 -29.96 -8.33 23.57
N PRO C 352 -29.13 -8.37 24.63
CA PRO C 352 -29.70 -8.39 25.99
C PRO C 352 -30.10 -7.04 26.43
N VAL C 353 -31.32 -6.93 26.99
CA VAL C 353 -31.88 -5.61 27.40
C VAL C 353 -31.17 -5.07 28.62
N ARG C 354 -30.59 -5.95 29.37
CA ARG C 354 -29.84 -5.54 30.58
C ARG C 354 -28.54 -4.80 30.31
N HIS C 355 -27.85 -5.21 29.25
CA HIS C 355 -26.64 -4.49 28.76
C HIS C 355 -27.05 -3.08 28.28
N GLN C 356 -28.18 -3.00 27.52
CA GLN C 356 -28.63 -1.74 27.00
C GLN C 356 -28.74 -0.73 28.17
N ARG C 357 -29.28 -1.20 29.28
CA ARG C 357 -29.51 -0.31 30.45
C ARG C 357 -28.17 0.04 31.12
N ALA C 358 -27.26 -0.88 31.09
CA ALA C 358 -25.97 -0.68 31.75
C ALA C 358 -25.08 0.25 30.95
N VAL C 359 -25.15 0.17 29.60
CA VAL C 359 -24.45 1.15 28.73
C VAL C 359 -25.05 2.54 28.90
N GLU C 360 -26.41 2.62 28.94
CA GLU C 360 -27.12 3.91 29.29
C GLU C 360 -26.58 4.46 30.60
N ASN C 361 -26.69 3.67 31.64
CA ASN C 361 -26.32 4.14 33.02
C ASN C 361 -24.85 4.51 33.08
N ARG C 362 -24.07 3.87 32.24
CA ARG C 362 -22.65 4.18 32.20
C ARG C 362 -22.41 5.56 31.60
N LEU C 363 -22.99 5.80 30.42
CA LEU C 363 -22.97 7.15 29.87
C LEU C 363 -23.46 8.19 30.91
N ARG C 364 -24.65 7.97 31.53
CA ARG C 364 -25.23 8.96 32.51
C ARG C 364 -24.21 9.31 33.62
N GLU C 365 -23.55 8.28 34.15
CA GLU C 365 -22.65 8.50 35.31
C GLU C 365 -21.41 9.22 34.88
N ALA C 366 -21.01 9.00 33.65
CA ALA C 366 -19.71 9.48 33.19
C ALA C 366 -19.79 10.98 32.66
N VAL C 367 -20.97 11.40 32.24
CA VAL C 367 -21.24 12.83 31.97
C VAL C 367 -21.60 13.59 33.24
N ARG C 368 -21.80 12.84 34.34
CA ARG C 368 -22.33 13.43 35.65
C ARG C 368 -21.42 14.58 36.10
N GLN C 369 -20.12 14.44 35.86
CA GLN C 369 -19.17 15.52 36.08
C GLN C 369 -19.31 16.77 35.22
N ASP C 370 -19.78 16.58 33.99
CA ASP C 370 -19.77 17.65 33.00
C ASP C 370 -20.48 18.85 33.64
N ARG C 371 -20.06 20.04 33.25
CA ARG C 371 -20.74 21.29 33.70
C ARG C 371 -21.89 21.72 32.83
N ALA C 372 -21.89 21.29 31.61
CA ALA C 372 -22.96 21.64 30.66
C ALA C 372 -24.36 21.02 30.99
N ARG C 373 -25.38 21.54 30.31
CA ARG C 373 -26.70 21.00 30.37
C ARG C 373 -26.82 19.77 29.44
N ILE C 374 -27.02 18.55 30.02
CA ILE C 374 -27.03 17.33 29.23
C ILE C 374 -28.30 16.57 29.42
N GLN C 375 -28.90 16.11 28.32
CA GLN C 375 -30.02 15.22 28.40
C GLN C 375 -29.86 13.98 27.58
N ILE C 376 -30.27 12.82 28.16
CA ILE C 376 -29.99 11.53 27.59
C ILE C 376 -31.23 10.65 27.53
N SER C 377 -31.51 10.07 26.35
CA SER C 377 -32.59 9.10 26.20
C SER C 377 -32.02 7.65 26.32
N HIS C 378 -32.71 6.66 25.79
CA HIS C 378 -32.14 5.27 25.75
C HIS C 378 -31.57 4.89 24.47
N ILE C 379 -31.32 3.58 24.41
CA ILE C 379 -31.07 2.92 23.20
C ILE C 379 -32.38 2.48 22.51
N SER C 380 -32.63 3.00 21.31
CA SER C 380 -33.88 2.79 20.65
C SER C 380 -33.99 1.32 20.06
N ARG C 381 -35.18 0.94 19.62
CA ARG C 381 -35.32 -0.22 18.78
C ARG C 381 -34.23 -0.29 17.63
N PHE C 382 -33.71 0.87 17.19
CA PHE C 382 -32.79 0.92 16.11
C PHE C 382 -31.39 0.85 16.63
N GLY C 383 -31.27 0.77 17.95
CA GLY C 383 -29.99 0.67 18.61
C GLY C 383 -29.25 2.00 18.81
N LEU C 384 -29.97 3.12 18.68
CA LEU C 384 -29.34 4.45 18.68
C LEU C 384 -29.66 5.12 20.02
N LEU C 385 -28.73 5.93 20.49
CA LEU C 385 -28.93 6.75 21.68
C LEU C 385 -28.90 8.28 21.36
N GLU C 386 -30.00 8.96 21.66
CA GLU C 386 -30.07 10.41 21.45
C GLU C 386 -29.74 11.15 22.74
N MET C 387 -28.96 12.21 22.60
CA MET C 387 -28.64 13.07 23.73
C MET C 387 -28.31 14.51 23.25
N SER C 388 -28.46 15.46 24.16
CA SER C 388 -28.21 16.89 23.86
C SER C 388 -27.24 17.49 24.86
N ARG C 389 -26.42 18.40 24.39
CA ARG C 389 -25.49 19.10 25.25
C ARG C 389 -25.44 20.59 24.92
N GLN C 390 -25.44 21.42 25.95
CA GLN C 390 -25.36 22.86 25.77
C GLN C 390 -23.92 23.29 25.76
N ARG C 391 -23.52 23.88 24.65
CA ARG C 391 -22.16 24.43 24.47
C ARG C 391 -21.87 25.47 25.56
N LEU C 392 -20.72 25.35 26.29
CA LEU C 392 -20.49 26.18 27.50
C LEU C 392 -20.06 27.57 27.14
N SER C 393 -19.50 27.71 25.99
CA SER C 393 -19.05 29.04 25.56
C SER C 393 -19.09 29.21 24.12
N HIS C 401 -6.99 27.48 10.37
CA HIS C 401 -8.03 26.75 9.62
C HIS C 401 -8.24 27.32 8.24
N HIS C 402 -8.95 26.57 7.40
CA HIS C 402 -9.13 26.97 6.00
C HIS C 402 -9.99 25.97 5.20
N VAL C 403 -10.64 26.47 4.17
CA VAL C 403 -11.58 25.68 3.42
C VAL C 403 -11.03 24.29 3.16
N CYS C 404 -11.77 23.26 3.54
CA CYS C 404 -11.37 21.88 3.25
C CYS C 404 -11.35 21.62 1.73
N PRO C 405 -10.15 21.31 1.18
CA PRO C 405 -10.04 21.07 -0.27
C PRO C 405 -11.15 20.18 -0.82
N ARG C 406 -11.55 19.20 -0.03
CA ARG C 406 -12.04 17.98 -0.58
C ARG C 406 -13.51 17.97 -0.73
N CYS C 407 -14.20 18.80 0.06
CA CYS C 407 -15.68 18.97 -0.08
C CYS C 407 -16.03 20.42 -0.41
N SER C 408 -15.03 21.18 -0.84
CA SER C 408 -15.18 22.60 -1.05
C SER C 408 -15.84 23.27 0.16
N GLY C 409 -15.53 22.78 1.35
CA GLY C 409 -15.89 23.46 2.58
C GLY C 409 -17.37 23.35 2.94
N THR C 410 -18.03 22.31 2.46
CA THR C 410 -19.32 21.92 3.00
C THR C 410 -19.21 20.61 3.76
N GLY C 411 -20.32 20.13 4.27
CA GLY C 411 -20.31 18.91 5.09
C GLY C 411 -19.89 17.64 4.36
N THR C 412 -20.02 17.65 3.02
CA THR C 412 -20.27 16.37 2.26
C THR C 412 -19.37 16.15 1.03
N VAL C 413 -18.88 14.93 0.92
CA VAL C 413 -18.27 14.44 -0.29
C VAL C 413 -19.18 13.41 -0.83
N ARG C 414 -19.11 13.20 -2.13
CA ARG C 414 -19.99 12.29 -2.79
C ARG C 414 -19.47 10.86 -2.78
N ASP C 415 -20.37 9.90 -2.89
CA ASP C 415 -19.98 8.51 -3.17
C ASP C 415 -19.42 8.39 -4.56
N ASN C 416 -18.43 7.50 -4.70
CA ASN C 416 -17.87 7.17 -6.01
C ASN C 416 -18.94 6.74 -7.01
N GLU C 417 -19.91 6.00 -6.50
CA GLU C 417 -21.11 5.66 -7.26
C GLU C 417 -21.88 6.93 -7.77
N SER C 418 -22.36 7.73 -6.81
CA SER C 418 -23.17 8.91 -7.12
C SER C 418 -22.39 9.95 -7.95
N LEU C 419 -21.10 10.08 -7.63
CA LEU C 419 -20.23 10.95 -8.34
C LEU C 419 -20.10 10.50 -9.77
N SER C 420 -19.84 9.21 -9.93
CA SER C 420 -19.75 8.61 -11.27
C SER C 420 -21.01 8.82 -12.07
N LEU C 421 -22.15 8.50 -11.46
CA LEU C 421 -23.46 8.69 -12.08
C LEU C 421 -23.66 10.13 -12.48
N SER C 422 -23.07 11.03 -11.71
CA SER C 422 -23.20 12.44 -11.93
C SER C 422 -22.40 12.87 -13.15
N ILE C 423 -21.16 12.41 -13.22
CA ILE C 423 -20.31 12.66 -14.37
C ILE C 423 -20.88 12.00 -15.63
N LEU C 424 -21.46 10.83 -15.44
CA LEU C 424 -22.07 10.08 -16.51
C LEU C 424 -23.22 10.86 -17.18
N ARG C 425 -24.10 11.44 -16.39
CA ARG C 425 -25.16 12.29 -16.95
C ARG C 425 -24.56 13.55 -17.61
N LEU C 426 -23.48 14.02 -17.03
CA LEU C 426 -22.81 15.20 -17.49
C LEU C 426 -22.12 14.92 -18.81
N ILE C 427 -21.50 13.74 -18.93
CA ILE C 427 -20.87 13.32 -20.19
C ILE C 427 -21.89 13.29 -21.30
N GLU C 428 -23.05 12.70 -21.02
CA GLU C 428 -24.12 12.58 -22.03
C GLU C 428 -24.65 13.94 -22.47
N GLU C 429 -24.79 14.84 -21.53
CA GLU C 429 -25.23 16.19 -21.81
C GLU C 429 -24.29 16.94 -22.74
N GLU C 430 -23.01 16.61 -22.68
CA GLU C 430 -22.02 17.20 -23.56
C GLU C 430 -22.06 16.57 -24.95
N ALA C 431 -22.34 15.27 -24.98
CA ALA C 431 -22.39 14.51 -26.22
C ALA C 431 -23.63 14.86 -27.04
N LEU C 432 -24.67 15.31 -26.37
CA LEU C 432 -25.90 15.70 -27.04
C LEU C 432 -25.73 16.99 -27.84
N LYS C 433 -24.84 17.87 -27.38
CA LYS C 433 -24.70 19.21 -27.97
C LYS C 433 -24.32 19.11 -29.42
N GLU C 434 -24.83 20.06 -30.22
CA GLU C 434 -24.62 20.06 -31.66
C GLU C 434 -23.18 20.33 -31.97
N ASN C 435 -22.65 19.62 -32.97
CA ASN C 435 -21.29 19.86 -33.44
C ASN C 435 -20.22 19.22 -32.52
N THR C 436 -20.62 18.22 -31.76
CA THR C 436 -19.69 17.52 -30.85
C THR C 436 -19.07 16.30 -31.53
N GLN C 437 -17.75 16.26 -31.56
CA GLN C 437 -17.03 15.10 -32.05
C GLN C 437 -16.68 14.09 -30.86
N GLU C 438 -16.16 14.63 -29.77
CA GLU C 438 -15.73 13.85 -28.68
C GLU C 438 -16.02 14.53 -27.37
N VAL C 439 -16.14 13.75 -26.32
CA VAL C 439 -16.21 14.28 -24.98
C VAL C 439 -15.21 13.59 -24.05
N HIS C 440 -14.29 14.35 -23.50
CA HIS C 440 -13.25 13.78 -22.65
C HIS C 440 -13.57 13.98 -21.16
N ALA C 441 -13.68 12.88 -20.43
CA ALA C 441 -13.89 12.91 -19.01
C ALA C 441 -12.61 12.56 -18.30
N ILE C 442 -11.94 13.57 -17.75
CA ILE C 442 -10.72 13.37 -17.00
C ILE C 442 -11.06 13.24 -15.52
N VAL C 443 -11.08 11.99 -15.07
CA VAL C 443 -11.50 11.65 -13.71
C VAL C 443 -10.36 11.03 -12.89
N PRO C 444 -10.48 11.07 -11.58
CA PRO C 444 -9.58 10.29 -10.70
C PRO C 444 -9.60 8.79 -11.02
N VAL C 445 -8.57 8.08 -10.58
CA VAL C 445 -8.42 6.67 -10.92
C VAL C 445 -9.60 5.72 -10.48
N PRO C 446 -10.04 5.80 -9.20
CA PRO C 446 -11.15 4.93 -8.80
C PRO C 446 -12.46 5.22 -9.56
N ILE C 447 -12.64 6.48 -10.01
CA ILE C 447 -13.81 6.90 -10.83
C ILE C 447 -13.74 6.34 -12.25
N ALA C 448 -12.57 6.42 -12.87
CA ALA C 448 -12.37 5.87 -14.17
C ALA C 448 -12.59 4.33 -14.15
N SER C 449 -12.24 3.73 -13.03
CA SER C 449 -12.40 2.32 -12.82
C SER C 449 -13.86 1.95 -12.67
N TYR C 450 -14.59 2.75 -11.90
CA TYR C 450 -16.00 2.48 -11.68
C TYR C 450 -16.82 2.75 -12.90
N LEU C 451 -16.51 3.83 -13.60
CA LEU C 451 -17.20 4.20 -14.85
C LEU C 451 -16.98 3.17 -15.94
N LEU C 452 -15.73 2.74 -16.11
CA LEU C 452 -15.37 1.92 -17.26
C LEU C 452 -15.52 0.43 -17.00
N ASN C 453 -16.02 0.08 -15.79
CA ASN C 453 -16.37 -1.34 -15.43
C ASN C 453 -17.81 -1.52 -14.99
N GLU C 454 -18.12 -1.03 -13.81
CA GLU C 454 -19.46 -1.12 -13.31
C GLU C 454 -20.45 -0.40 -14.23
N LYS C 455 -20.01 0.71 -14.82
CA LYS C 455 -20.89 1.52 -15.69
C LYS C 455 -20.55 1.40 -17.19
N ARG C 456 -19.71 0.45 -17.55
CA ARG C 456 -19.29 0.30 -18.93
C ARG C 456 -20.49 0.28 -19.88
N SER C 457 -21.53 -0.44 -19.46
CA SER C 457 -22.74 -0.59 -20.22
C SER C 457 -23.37 0.75 -20.55
N ALA C 458 -23.44 1.62 -19.57
CA ALA C 458 -23.99 2.94 -19.76
C ALA C 458 -23.09 3.85 -20.62
N VAL C 459 -21.77 3.63 -20.54
CA VAL C 459 -20.83 4.38 -21.33
C VAL C 459 -20.99 4.00 -22.81
N ASN C 460 -21.19 2.73 -23.06
CA ASN C 460 -21.50 2.25 -24.39
C ASN C 460 -22.81 2.83 -24.91
N ALA C 461 -23.81 2.88 -24.03
CA ALA C 461 -25.14 3.32 -24.37
C ALA C 461 -25.14 4.78 -24.87
N ILE C 462 -24.29 5.60 -24.29
CA ILE C 462 -24.15 6.99 -24.71
C ILE C 462 -23.55 7.07 -26.08
N GLU C 463 -22.47 6.31 -26.28
CA GLU C 463 -21.76 6.32 -27.54
C GLU C 463 -22.61 5.79 -28.69
N THR C 464 -23.44 4.80 -28.38
CA THR C 464 -24.25 4.16 -29.42
C THR C 464 -25.51 4.98 -29.75
N ARG C 465 -25.98 5.75 -28.78
CA ARG C 465 -27.10 6.65 -28.99
C ARG C 465 -26.66 7.98 -29.62
N GLN C 466 -25.47 8.44 -29.26
CA GLN C 466 -24.84 9.57 -29.97
C GLN C 466 -23.88 9.05 -31.05
N ASP C 467 -24.48 8.48 -32.09
CA ASP C 467 -23.74 7.87 -33.17
C ASP C 467 -22.63 8.79 -33.69
N GLY C 468 -21.39 8.43 -33.38
CA GLY C 468 -20.25 9.15 -33.91
C GLY C 468 -19.47 9.93 -32.85
N VAL C 469 -20.05 10.04 -31.65
CA VAL C 469 -19.40 10.79 -30.56
C VAL C 469 -18.54 9.87 -29.66
N ARG C 470 -17.24 10.13 -29.63
CA ARG C 470 -16.32 9.37 -28.82
C ARG C 470 -16.32 9.86 -27.36
N CYS C 471 -16.75 8.95 -26.44
CA CYS C 471 -16.63 9.17 -24.99
C CYS C 471 -15.33 8.64 -24.50
N VAL C 472 -14.40 9.54 -24.12
CA VAL C 472 -13.12 9.13 -23.60
C VAL C 472 -13.02 9.41 -22.13
N ILE C 473 -13.04 8.34 -21.33
CA ILE C 473 -12.90 8.46 -19.88
C ILE C 473 -11.49 8.06 -19.50
N VAL C 474 -10.67 9.03 -19.09
CA VAL C 474 -9.26 8.76 -18.80
C VAL C 474 -8.91 8.80 -17.30
N PRO C 475 -8.42 7.67 -16.76
CA PRO C 475 -7.92 7.67 -15.40
C PRO C 475 -6.69 8.57 -15.26
N ASN C 476 -6.69 9.42 -14.25
CA ASN C 476 -5.63 10.35 -14.03
C ASN C 476 -5.21 10.30 -12.56
N ASP C 477 -4.05 9.72 -12.30
CA ASP C 477 -3.58 9.56 -10.88
C ASP C 477 -3.12 10.85 -10.25
N GLN C 478 -3.26 11.94 -11.01
CA GLN C 478 -2.90 13.27 -10.54
C GLN C 478 -4.04 13.95 -9.81
N MET C 479 -5.27 13.49 -10.02
CA MET C 479 -6.45 14.02 -9.31
C MET C 479 -6.86 13.09 -8.18
N GLU C 480 -7.62 13.63 -7.21
CA GLU C 480 -8.40 12.77 -6.30
C GLU C 480 -9.86 13.13 -6.33
N THR C 481 -10.66 12.59 -5.39
CA THR C 481 -11.99 12.07 -5.76
C THR C 481 -13.23 13.03 -5.87
N PRO C 482 -13.16 14.20 -5.23
CA PRO C 482 -14.18 15.23 -5.56
C PRO C 482 -14.00 15.88 -6.99
N HIS C 483 -12.74 16.08 -7.39
CA HIS C 483 -12.41 16.79 -8.63
C HIS C 483 -12.58 15.93 -9.86
N TYR C 484 -12.80 16.60 -10.99
CA TYR C 484 -12.77 15.97 -12.31
C TYR C 484 -12.91 17.02 -13.40
N HIS C 485 -13.06 16.55 -14.63
CA HIS C 485 -13.25 17.42 -15.78
C HIS C 485 -14.04 16.71 -16.84
N VAL C 486 -14.94 17.45 -17.48
CA VAL C 486 -15.61 16.95 -18.68
C VAL C 486 -15.48 17.96 -19.80
N LEU C 487 -14.63 17.67 -20.78
CA LEU C 487 -14.33 18.61 -21.87
C LEU C 487 -14.99 18.21 -23.16
N ARG C 488 -15.40 19.20 -23.93
CA ARG C 488 -16.08 18.94 -25.19
C ARG C 488 -15.17 19.25 -26.39
N VAL C 489 -15.15 18.34 -27.33
CA VAL C 489 -14.31 18.48 -28.50
C VAL C 489 -15.17 18.61 -29.73
N ARG C 490 -15.18 19.81 -30.31
CA ARG C 490 -16.03 20.13 -31.47
C ARG C 490 -15.51 19.44 -32.72
N LYS C 491 -16.40 19.19 -33.68
CA LYS C 491 -16.02 18.49 -34.91
C LYS C 491 -14.89 19.23 -35.64
N GLY C 492 -13.77 18.54 -35.83
CA GLY C 492 -12.64 19.11 -36.58
C GLY C 492 -11.42 19.45 -35.72
N GLU C 493 -11.65 19.58 -34.41
CA GLU C 493 -10.57 19.96 -33.46
C GLU C 493 -9.88 18.78 -32.80
N GLU C 494 -10.37 17.57 -33.06
CA GLU C 494 -9.82 16.37 -32.39
C GLU C 494 -8.44 16.03 -32.94
N THR C 495 -7.54 15.64 -32.03
CA THR C 495 -6.18 15.27 -32.41
C THR C 495 -6.07 13.76 -32.33
N PRO C 496 -4.97 13.20 -32.84
CA PRO C 496 -4.80 11.78 -32.70
C PRO C 496 -4.11 11.37 -31.36
N THR C 497 -4.33 12.17 -30.31
CA THR C 497 -3.66 11.97 -29.02
C THR C 497 -4.19 10.70 -28.30
N LEU C 498 -3.27 9.98 -27.70
CA LEU C 498 -3.64 8.80 -26.96
C LEU C 498 -4.47 9.16 -25.70
N SER C 499 -5.41 8.31 -25.37
CA SER C 499 -6.29 8.50 -24.19
C SER C 499 -5.54 8.97 -22.95
N TYR C 500 -4.46 8.25 -22.58
CA TYR C 500 -3.76 8.53 -21.32
C TYR C 500 -2.85 9.73 -21.41
N MET C 501 -2.66 10.23 -22.63
CA MET C 501 -1.78 11.38 -22.87
C MET C 501 -2.60 12.66 -22.92
N LEU C 502 -3.90 12.54 -22.65
CA LEU C 502 -4.84 13.65 -22.78
C LEU C 502 -4.80 14.65 -21.61
N PRO C 503 -4.63 14.14 -20.37
CA PRO C 503 -4.39 15.05 -19.23
C PRO C 503 -3.30 16.10 -19.54
N LYS C 504 -2.12 15.63 -19.99
CA LYS C 504 -0.99 16.52 -20.30
C LYS C 504 -1.34 17.50 -21.42
N LEU C 505 -1.89 16.95 -22.50
CA LEU C 505 -2.29 17.76 -23.63
C LEU C 505 -3.17 18.88 -23.17
N HIS C 506 -4.26 18.53 -22.51
CA HIS C 506 -5.10 19.50 -21.83
C HIS C 506 -4.37 20.07 -20.61
N MET D 1 -53.84 8.61 -13.54
CA MET D 1 -53.58 7.21 -13.99
C MET D 1 -52.24 6.69 -13.52
N LYS D 2 -52.24 5.46 -13.01
CA LYS D 2 -50.99 4.80 -12.62
C LYS D 2 -50.40 3.99 -13.78
N ARG D 3 -49.15 4.24 -14.11
CA ARG D 3 -48.52 3.59 -15.22
C ARG D 3 -47.26 2.91 -14.79
N MET D 4 -46.85 1.91 -15.55
CA MET D 4 -45.51 1.34 -15.41
C MET D 4 -44.69 1.60 -16.69
N LEU D 5 -43.81 2.59 -16.64
CA LEU D 5 -42.96 2.92 -17.81
C LEU D 5 -41.71 2.06 -17.82
N ILE D 6 -41.45 1.41 -18.96
CA ILE D 6 -40.27 0.57 -19.11
C ILE D 6 -39.34 1.09 -20.20
N ASN D 7 -38.27 1.76 -19.78
CA ASN D 7 -37.21 2.21 -20.67
C ASN D 7 -36.18 1.10 -20.95
N ALA D 8 -36.12 0.64 -22.19
CA ALA D 8 -35.31 -0.51 -22.56
C ALA D 8 -34.50 -0.28 -23.83
N THR D 9 -34.22 0.98 -24.16
CA THR D 9 -33.45 1.29 -25.36
C THR D 9 -31.95 1.18 -25.11
N LEU D 14 -31.81 -1.73 -18.26
CA LEU D 14 -33.26 -1.78 -18.32
C LEU D 14 -33.91 -1.14 -17.07
N ARG D 15 -34.71 -0.09 -17.31
CA ARG D 15 -35.31 0.71 -16.24
C ARG D 15 -36.83 0.63 -16.21
N VAL D 16 -37.37 0.39 -15.02
CA VAL D 16 -38.83 0.28 -14.82
C VAL D 16 -39.25 1.31 -13.78
N ALA D 17 -40.15 2.21 -14.17
CA ALA D 17 -40.62 3.30 -13.24
C ALA D 17 -42.16 3.29 -13.09
N LEU D 18 -42.63 3.21 -11.84
CA LEU D 18 -44.07 3.32 -11.53
C LEU D 18 -44.44 4.73 -11.34
N VAL D 19 -45.35 5.21 -12.15
CA VAL D 19 -45.62 6.63 -12.25
C VAL D 19 -47.11 6.92 -12.13
N ASP D 20 -47.46 7.76 -11.18
CA ASP D 20 -48.83 8.19 -10.98
C ASP D 20 -49.05 9.59 -11.58
N GLY D 21 -49.70 9.65 -12.73
CA GLY D 21 -49.78 10.87 -13.49
C GLY D 21 -48.42 11.28 -14.04
N GLN D 22 -47.77 12.20 -13.35
CA GLN D 22 -46.38 12.49 -13.64
C GLN D 22 -45.51 12.43 -12.37
N ARG D 23 -46.01 11.73 -11.35
CA ARG D 23 -45.28 11.55 -10.10
C ARG D 23 -44.61 10.13 -10.03
N LEU D 24 -43.28 10.11 -9.98
CA LEU D 24 -42.55 8.87 -9.79
C LEU D 24 -42.54 8.44 -8.32
N TYR D 25 -43.12 7.27 -8.05
CA TYR D 25 -43.32 6.82 -6.68
C TYR D 25 -42.70 5.44 -6.46
N ASP D 26 -41.97 4.97 -7.47
CA ASP D 26 -41.13 3.78 -7.30
C ASP D 26 -40.29 3.52 -8.56
N LEU D 27 -39.10 2.98 -8.37
CA LEU D 27 -38.15 2.81 -9.46
C LEU D 27 -37.34 1.52 -9.33
N ASP D 28 -37.10 0.85 -10.47
CA ASP D 28 -36.24 -0.33 -10.50
C ASP D 28 -35.29 -0.25 -11.65
N ILE D 29 -34.03 -0.55 -11.38
CA ILE D 29 -33.00 -0.53 -12.41
C ILE D 29 -32.22 -1.85 -12.45
N GLN D 36 -28.47 -16.30 -12.22
CA GLN D 36 -29.15 -17.02 -11.15
C GLN D 36 -30.17 -18.04 -11.69
N LYS D 37 -30.31 -19.15 -10.98
CA LYS D 37 -31.21 -20.22 -11.41
C LYS D 37 -32.01 -20.75 -10.25
N LYS D 38 -31.83 -20.17 -9.06
CA LYS D 38 -32.60 -20.57 -7.90
C LYS D 38 -34.02 -20.22 -8.14
N ALA D 39 -34.92 -21.15 -7.89
CA ALA D 39 -36.36 -20.91 -8.05
C ALA D 39 -36.85 -20.83 -9.49
N ASN D 40 -36.10 -21.42 -10.40
CA ASN D 40 -36.62 -21.68 -11.71
C ASN D 40 -37.40 -22.98 -11.70
N ILE D 41 -38.50 -23.01 -12.47
CA ILE D 41 -39.37 -24.19 -12.56
C ILE D 41 -39.23 -24.89 -13.93
N TYR D 42 -39.08 -26.20 -13.89
CA TYR D 42 -38.97 -27.00 -15.10
C TYR D 42 -39.92 -28.20 -15.04
N LYS D 43 -40.32 -28.71 -16.21
CA LYS D 43 -40.72 -30.12 -16.32
C LYS D 43 -39.45 -30.96 -16.55
N GLY D 44 -39.31 -32.04 -15.78
CA GLY D 44 -38.09 -32.83 -15.81
C GLY D 44 -38.36 -34.31 -15.84
N LYS D 45 -37.55 -35.03 -16.62
CA LYS D 45 -37.59 -36.50 -16.64
C LYS D 45 -36.57 -37.10 -15.67
N ILE D 46 -37.00 -38.09 -14.91
CA ILE D 46 -36.13 -38.76 -13.94
C ILE D 46 -35.11 -39.64 -14.66
N THR D 47 -33.84 -39.26 -14.53
CA THR D 47 -32.75 -39.93 -15.21
C THR D 47 -32.46 -41.28 -14.59
N ARG D 48 -32.16 -41.30 -13.29
CA ARG D 48 -31.89 -42.54 -12.60
C ARG D 48 -32.07 -42.43 -11.09
N ILE D 49 -32.52 -43.51 -10.47
CA ILE D 49 -32.90 -43.51 -9.03
C ILE D 49 -31.75 -44.09 -8.17
N GLU D 50 -31.58 -43.52 -6.99
CA GLU D 50 -30.56 -44.01 -6.06
C GLU D 50 -31.16 -44.30 -4.68
N PRO D 51 -31.48 -45.57 -4.40
CA PRO D 51 -31.95 -45.98 -3.06
C PRO D 51 -30.88 -45.78 -1.99
N SER D 52 -29.63 -45.74 -2.43
CA SER D 52 -28.49 -45.57 -1.54
C SER D 52 -28.48 -44.18 -0.91
N LEU D 53 -28.75 -43.16 -1.72
CA LEU D 53 -28.77 -41.78 -1.25
C LEU D 53 -30.19 -41.32 -0.95
N GLU D 54 -31.15 -42.26 -1.02
CA GLU D 54 -32.60 -41.95 -0.87
C GLU D 54 -33.02 -40.77 -1.72
N ALA D 55 -32.58 -40.77 -2.99
CA ALA D 55 -32.72 -39.62 -3.89
C ALA D 55 -32.80 -40.07 -5.35
N ALA D 56 -33.05 -39.12 -6.25
CA ALA D 56 -33.07 -39.40 -7.68
C ALA D 56 -32.41 -38.25 -8.51
N PHE D 57 -32.14 -38.52 -9.79
CA PHE D 57 -31.54 -37.54 -10.68
C PHE D 57 -32.46 -37.11 -11.79
N VAL D 58 -32.53 -35.79 -12.02
CA VAL D 58 -33.50 -35.23 -12.94
C VAL D 58 -32.81 -34.48 -14.09
N ASP D 59 -33.20 -34.79 -15.31
CA ASP D 59 -32.82 -33.99 -16.46
C ASP D 59 -33.78 -32.81 -16.64
N ALA D 62 -30.53 -28.90 -18.41
CA ALA D 62 -29.15 -28.45 -18.23
C ALA D 62 -28.18 -29.56 -18.57
N GLU D 63 -26.93 -29.18 -18.88
CA GLU D 63 -25.88 -30.15 -19.26
C GLU D 63 -25.54 -31.08 -18.10
N ARG D 64 -25.99 -30.72 -16.91
CA ARG D 64 -25.82 -31.56 -15.74
C ARG D 64 -27.19 -31.85 -15.13
N HIS D 65 -27.36 -33.06 -14.60
CA HIS D 65 -28.63 -33.46 -13.95
C HIS D 65 -28.78 -32.90 -12.56
N GLY D 66 -30.00 -32.54 -12.21
CA GLY D 66 -30.30 -32.10 -10.87
C GLY D 66 -30.44 -33.27 -9.91
N PHE D 67 -30.63 -32.94 -8.64
CA PHE D 67 -30.59 -33.91 -7.55
C PHE D 67 -31.85 -33.77 -6.71
N LEU D 68 -32.70 -34.78 -6.75
CA LEU D 68 -33.98 -34.72 -6.05
C LEU D 68 -34.03 -35.71 -4.90
N PRO D 69 -33.80 -35.22 -3.67
CA PRO D 69 -33.90 -36.08 -2.49
C PRO D 69 -35.35 -36.50 -2.18
N LEU D 70 -35.52 -37.61 -1.45
CA LEU D 70 -36.85 -38.17 -1.14
C LEU D 70 -37.73 -37.19 -0.35
N LYS D 71 -37.10 -36.46 0.58
CA LYS D 71 -37.81 -35.51 1.40
C LYS D 71 -38.47 -34.39 0.59
N GLU D 72 -38.16 -34.32 -0.70
CA GLU D 72 -38.66 -33.25 -1.57
C GLU D 72 -39.77 -33.70 -2.53
N ILE D 73 -40.07 -35.00 -2.54
CA ILE D 73 -41.10 -35.53 -3.41
C ILE D 73 -42.48 -35.33 -2.78
N ALA D 74 -43.39 -34.74 -3.54
CA ALA D 74 -44.75 -34.47 -3.04
C ALA D 74 -45.59 -35.73 -2.96
N ARG D 75 -46.54 -35.73 -2.04
CA ARG D 75 -47.52 -36.79 -1.94
C ARG D 75 -48.28 -37.00 -3.24
N GLU D 76 -48.31 -35.95 -4.06
CA GLU D 76 -48.95 -36.01 -5.38
C GLU D 76 -48.24 -36.98 -6.36
N TYR D 77 -46.94 -37.19 -6.13
CA TYR D 77 -46.13 -38.04 -7.01
C TYR D 77 -45.90 -39.46 -6.47
N PHE D 78 -46.45 -39.75 -5.30
CA PHE D 78 -46.39 -41.11 -4.77
C PHE D 78 -47.67 -41.94 -5.04
N PRO D 79 -47.72 -42.61 -6.23
CA PRO D 79 -48.98 -43.29 -6.59
C PRO D 79 -49.11 -44.68 -5.92
N ARG D 87 -42.03 -45.64 6.29
CA ARG D 87 -41.20 -44.83 5.43
C ARG D 87 -40.71 -45.64 4.21
N PRO D 88 -41.00 -45.13 2.99
CA PRO D 88 -40.72 -45.85 1.74
C PRO D 88 -39.32 -45.60 1.18
N ASN D 89 -38.85 -46.50 0.35
CA ASN D 89 -37.64 -46.26 -0.37
C ASN D 89 -37.92 -45.52 -1.68
N ILE D 90 -36.95 -44.72 -2.11
CA ILE D 90 -37.11 -43.91 -3.32
C ILE D 90 -37.40 -44.75 -4.57
N LYS D 91 -36.81 -45.97 -4.61
CA LYS D 91 -37.03 -46.92 -5.73
C LYS D 91 -38.50 -47.37 -5.82
N ASP D 92 -39.22 -47.27 -4.68
CA ASP D 92 -40.63 -47.69 -4.60
C ASP D 92 -41.55 -46.60 -5.11
N VAL D 93 -41.07 -45.37 -5.06
CA VAL D 93 -41.93 -44.21 -5.32
C VAL D 93 -41.93 -43.81 -6.80
N LEU D 94 -40.73 -43.74 -7.39
CA LEU D 94 -40.57 -43.20 -8.73
C LEU D 94 -40.11 -44.24 -9.75
N ARG D 95 -40.58 -44.06 -10.98
CA ARG D 95 -40.09 -44.81 -12.12
C ARG D 95 -39.04 -43.96 -12.91
N GLU D 96 -38.03 -44.64 -13.47
CA GLU D 96 -37.07 -44.00 -14.35
C GLU D 96 -37.75 -43.51 -15.63
N GLY D 97 -37.48 -42.25 -16.00
CA GLY D 97 -38.09 -41.65 -17.19
C GLY D 97 -39.49 -41.10 -16.93
N GLN D 98 -39.82 -40.90 -15.66
CA GLN D 98 -41.12 -40.34 -15.24
C GLN D 98 -41.03 -38.82 -15.19
N GLU D 99 -42.00 -38.15 -15.81
CA GLU D 99 -42.02 -36.67 -15.89
C GLU D 99 -42.51 -36.04 -14.57
N VAL D 100 -42.03 -34.83 -14.28
CA VAL D 100 -42.26 -34.21 -12.96
C VAL D 100 -41.93 -32.67 -12.93
N ILE D 101 -42.87 -31.88 -12.42
CA ILE D 101 -42.71 -30.42 -12.29
C ILE D 101 -41.74 -30.07 -11.15
N VAL D 102 -40.59 -29.48 -11.51
CA VAL D 102 -39.44 -29.40 -10.60
C VAL D 102 -38.95 -27.98 -10.44
N GLN D 103 -38.59 -27.62 -9.21
CA GLN D 103 -38.04 -26.30 -8.91
C GLN D 103 -36.66 -26.40 -8.28
N ILE D 104 -35.79 -25.46 -8.63
CA ILE D 104 -34.41 -25.41 -8.12
C ILE D 104 -34.35 -24.79 -6.74
N ASP D 105 -33.91 -25.58 -5.77
CA ASP D 105 -33.70 -25.07 -4.43
C ASP D 105 -32.39 -24.33 -4.35
N LYS D 106 -31.36 -24.89 -4.97
CA LYS D 106 -30.01 -24.34 -4.87
C LYS D 106 -29.22 -24.41 -6.20
N GLU D 107 -28.57 -23.29 -6.55
CA GLU D 107 -27.80 -23.18 -7.80
C GLU D 107 -26.73 -24.26 -7.88
N GLU D 108 -26.20 -24.51 -9.08
CA GLU D 108 -25.12 -25.50 -9.27
C GLU D 108 -23.85 -25.08 -8.56
N ARG D 109 -23.31 -25.99 -7.73
CA ARG D 109 -22.16 -25.67 -6.89
C ARG D 109 -21.04 -26.68 -7.10
N ALA D 115 -29.83 -28.77 -6.35
CA ALA D 115 -30.86 -29.27 -5.44
C ALA D 115 -32.27 -28.98 -5.98
N LEU D 116 -33.06 -30.03 -6.16
CA LEU D 116 -34.38 -29.89 -6.77
C LEU D 116 -35.48 -30.34 -5.83
N THR D 117 -36.58 -29.59 -5.82
CA THR D 117 -37.74 -29.96 -5.02
C THR D 117 -39.01 -29.99 -5.88
N THR D 118 -39.96 -30.82 -5.48
CA THR D 118 -41.21 -30.97 -6.24
C THR D 118 -42.40 -30.43 -5.46
N PHE D 119 -42.18 -30.12 -4.19
CA PHE D 119 -42.75 -28.93 -3.59
C PHE D 119 -42.30 -27.67 -4.32
N ILE D 120 -43.26 -27.00 -4.97
CA ILE D 120 -42.98 -25.73 -5.63
C ILE D 120 -43.49 -24.55 -4.80
N SER D 121 -42.77 -23.43 -4.88
CA SER D 121 -43.17 -22.21 -4.19
C SER D 121 -43.18 -21.02 -5.13
N LEU D 122 -44.33 -20.34 -5.20
CA LEU D 122 -44.45 -19.15 -6.04
C LEU D 122 -44.51 -17.87 -5.19
N ALA D 123 -43.41 -17.12 -5.21
CA ALA D 123 -43.32 -15.89 -4.43
C ALA D 123 -43.89 -14.70 -5.22
N GLY D 124 -44.79 -13.96 -4.57
CA GLY D 124 -45.25 -12.66 -5.11
C GLY D 124 -44.60 -11.52 -4.37
N SER D 125 -45.35 -10.44 -4.16
CA SER D 125 -44.87 -9.35 -3.34
C SER D 125 -45.11 -9.61 -1.87
N TYR D 126 -46.25 -10.21 -1.56
CA TYR D 126 -46.68 -10.35 -0.18
C TYR D 126 -46.83 -11.80 0.23
N LEU D 127 -47.00 -12.67 -0.76
CA LEU D 127 -47.38 -14.06 -0.53
C LEU D 127 -46.40 -15.01 -1.21
N VAL D 128 -46.14 -16.16 -0.56
CA VAL D 128 -45.46 -17.28 -1.20
C VAL D 128 -46.39 -18.48 -1.23
N LEU D 129 -46.96 -18.76 -2.39
CA LEU D 129 -47.84 -19.91 -2.55
C LEU D 129 -47.04 -21.21 -2.63
N MET D 130 -47.35 -22.15 -1.74
CA MET D 130 -46.85 -23.55 -1.87
C MET D 130 -47.97 -24.44 -2.42
N PRO D 131 -48.27 -24.33 -3.73
CA PRO D 131 -49.50 -24.90 -4.26
C PRO D 131 -49.47 -26.38 -4.16
N ASN D 132 -48.27 -26.93 -3.99
CA ASN D 132 -48.09 -28.38 -3.93
C ASN D 132 -48.42 -28.94 -2.54
N ASN D 133 -48.04 -28.19 -1.50
CA ASN D 133 -47.99 -28.73 -0.15
C ASN D 133 -48.55 -27.75 0.88
N PRO D 134 -49.43 -28.25 1.74
CA PRO D 134 -50.22 -27.38 2.62
C PRO D 134 -49.62 -27.31 4.02
N ARG D 135 -48.55 -28.07 4.26
CA ARG D 135 -47.93 -28.12 5.58
C ARG D 135 -47.04 -26.90 5.68
N ALA D 136 -47.61 -25.73 5.42
CA ALA D 136 -46.84 -24.49 5.44
C ALA D 136 -47.75 -23.27 5.53
N GLY D 137 -47.15 -22.11 5.76
CA GLY D 137 -47.79 -21.07 6.55
C GLY D 137 -46.89 -20.55 7.66
N GLY D 138 -47.08 -19.28 8.00
CA GLY D 138 -46.02 -18.50 8.64
C GLY D 138 -46.49 -17.31 9.47
N ASP D 146 -45.98 -8.98 17.47
CA ASP D 146 -47.43 -9.07 17.47
C ASP D 146 -48.09 -7.88 16.73
N ASP D 147 -47.42 -7.42 15.67
CA ASP D 147 -48.11 -6.73 14.56
C ASP D 147 -48.86 -7.77 13.72
N ARG D 148 -48.75 -9.01 14.13
CA ARG D 148 -49.28 -10.13 13.40
C ARG D 148 -50.74 -10.37 13.71
N THR D 149 -51.30 -9.58 14.63
CA THR D 149 -52.68 -9.78 15.11
C THR D 149 -53.71 -9.68 14.00
N GLU D 150 -53.57 -8.66 13.14
CA GLU D 150 -54.49 -8.45 12.01
C GLU D 150 -54.15 -9.36 10.82
N LEU D 151 -52.88 -9.75 10.74
CA LEU D 151 -52.41 -10.64 9.68
C LEU D 151 -52.90 -12.08 9.86
N LYS D 152 -53.00 -12.52 11.11
CA LYS D 152 -53.57 -13.83 11.41
C LYS D 152 -55.07 -13.85 11.07
N GLU D 153 -55.71 -12.67 11.13
CA GLU D 153 -57.12 -12.53 10.78
C GLU D 153 -57.30 -12.39 9.25
N ALA D 154 -56.38 -11.68 8.60
CA ALA D 154 -56.47 -11.43 7.15
C ALA D 154 -56.09 -12.66 6.33
N LEU D 155 -55.18 -13.47 6.85
CA LEU D 155 -54.77 -14.68 6.18
C LEU D 155 -55.88 -15.72 6.23
N ALA D 156 -56.62 -15.77 7.35
CA ALA D 156 -57.73 -16.73 7.51
C ALA D 156 -58.89 -16.41 6.59
N SER D 157 -58.89 -15.19 6.05
CA SER D 157 -59.98 -14.71 5.23
C SER D 157 -59.77 -15.00 3.72
N LEU D 158 -58.52 -15.30 3.34
CA LEU D 158 -58.20 -15.55 1.92
C LEU D 158 -58.70 -16.93 1.45
N GLU D 159 -59.21 -16.98 0.21
CA GLU D 159 -59.78 -18.20 -0.36
C GLU D 159 -58.70 -19.08 -0.99
N LEU D 160 -58.13 -19.97 -0.18
CA LEU D 160 -57.03 -20.86 -0.62
C LEU D 160 -57.55 -22.26 -0.90
N PRO D 161 -57.26 -22.79 -2.10
CA PRO D 161 -57.64 -24.15 -2.46
C PRO D 161 -57.12 -25.16 -1.44
N GLU D 162 -57.83 -26.28 -1.29
CA GLU D 162 -57.63 -27.22 -0.16
C GLU D 162 -56.23 -27.82 -0.13
N GLY D 163 -55.73 -28.23 -1.28
CA GLY D 163 -54.49 -28.99 -1.35
C GLY D 163 -53.20 -28.20 -1.15
N MET D 164 -53.32 -26.92 -0.79
CA MET D 164 -52.15 -26.01 -0.78
C MET D 164 -52.07 -25.11 0.45
N GLY D 165 -50.85 -24.67 0.76
CA GLY D 165 -50.60 -23.74 1.83
C GLY D 165 -49.89 -22.48 1.32
N LEU D 166 -49.74 -21.50 2.19
CA LEU D 166 -49.17 -20.21 1.78
C LEU D 166 -48.42 -19.55 2.97
N ILE D 167 -47.48 -18.65 2.63
CA ILE D 167 -46.78 -17.87 3.63
C ILE D 167 -46.93 -16.38 3.36
N VAL D 168 -47.22 -15.63 4.41
CA VAL D 168 -47.26 -14.19 4.33
C VAL D 168 -45.87 -13.64 4.57
N ARG D 169 -45.26 -13.14 3.49
CA ARG D 169 -43.93 -12.49 3.53
C ARG D 169 -43.87 -11.36 4.58
N THR D 170 -42.64 -10.95 4.94
CA THR D 170 -42.43 -9.79 5.79
C THR D 170 -42.97 -8.55 5.09
N ALA D 171 -42.87 -8.54 3.76
CA ALA D 171 -43.41 -7.46 2.94
C ALA D 171 -44.92 -7.29 3.10
N SER D 176 -53.46 -4.99 3.32
CA SER D 176 -54.79 -5.43 3.76
C SER D 176 -55.24 -6.72 3.07
N ALA D 177 -56.32 -7.30 3.56
CA ALA D 177 -56.84 -8.55 3.03
C ALA D 177 -57.25 -8.42 1.56
N GLU D 178 -57.79 -7.27 1.18
CA GLU D 178 -58.21 -7.02 -0.20
C GLU D 178 -57.00 -6.97 -1.14
N ALA D 179 -55.91 -6.41 -0.64
CA ALA D 179 -54.67 -6.32 -1.42
C ALA D 179 -53.96 -7.66 -1.50
N LEU D 180 -54.15 -8.49 -0.47
CA LEU D 180 -53.59 -9.85 -0.43
C LEU D 180 -54.30 -10.78 -1.42
N GLN D 181 -55.64 -10.69 -1.46
CA GLN D 181 -56.45 -11.50 -2.37
C GLN D 181 -56.05 -11.26 -3.83
N TRP D 182 -55.61 -10.03 -4.12
CA TRP D 182 -55.10 -9.68 -5.46
C TRP D 182 -53.78 -10.40 -5.73
N ASP D 183 -52.93 -10.47 -4.73
CA ASP D 183 -51.63 -11.11 -4.87
C ASP D 183 -51.78 -12.63 -4.94
N LEU D 184 -52.62 -13.19 -4.06
CA LEU D 184 -52.83 -14.67 -3.98
C LEU D 184 -53.39 -15.24 -5.26
N SER D 185 -54.21 -14.43 -5.95
CA SER D 185 -54.89 -14.87 -7.17
C SER D 185 -53.94 -14.86 -8.37
N PHE D 186 -53.03 -13.89 -8.41
CA PHE D 186 -52.01 -13.86 -9.47
C PHE D 186 -51.04 -15.06 -9.40
N ARG D 187 -50.85 -15.59 -8.18
CA ARG D 187 -50.04 -16.81 -7.97
C ARG D 187 -50.83 -18.03 -8.44
N LEU D 188 -52.14 -18.02 -8.21
CA LEU D 188 -53.00 -19.12 -8.60
C LEU D 188 -53.16 -19.17 -10.11
N LYS D 189 -53.31 -17.99 -10.73
CA LYS D 189 -53.37 -17.89 -12.18
C LYS D 189 -52.08 -18.43 -12.80
N HIS D 190 -50.96 -18.08 -12.19
CA HIS D 190 -49.67 -18.50 -12.65
C HIS D 190 -49.50 -20.00 -12.54
N TRP D 191 -49.85 -20.54 -11.37
CA TRP D 191 -49.72 -21.98 -11.09
C TRP D 191 -50.47 -22.82 -12.09
N GLU D 192 -51.70 -22.40 -12.41
CA GLU D 192 -52.50 -23.05 -13.45
C GLU D 192 -51.74 -23.17 -14.76
N ALA D 193 -51.20 -22.02 -15.21
CA ALA D 193 -50.49 -21.95 -16.48
C ALA D 193 -49.23 -22.79 -16.45
N ILE D 194 -48.62 -22.89 -15.25
CA ILE D 194 -47.44 -23.71 -15.07
C ILE D 194 -47.75 -25.20 -15.32
N LYS D 195 -48.88 -25.67 -14.78
CA LYS D 195 -49.27 -27.07 -14.95
C LYS D 195 -50.04 -27.32 -16.24
N LYS D 196 -50.38 -26.24 -16.93
CA LYS D 196 -50.97 -26.34 -18.26
C LYS D 196 -49.89 -26.42 -19.34
N ALA D 197 -48.79 -25.71 -19.14
CA ALA D 197 -47.65 -25.75 -20.06
C ALA D 197 -46.84 -27.04 -19.91
N ALA D 198 -47.04 -27.72 -18.78
CA ALA D 198 -46.37 -29.02 -18.52
C ALA D 198 -47.18 -30.17 -19.08
N GLU D 199 -48.50 -30.05 -19.00
CA GLU D 199 -49.39 -31.10 -19.49
C GLU D 199 -49.43 -31.13 -21.00
N SER D 200 -48.73 -30.18 -21.65
CA SER D 200 -48.88 -29.96 -23.09
C SER D 200 -47.65 -30.30 -23.90
N ARG D 201 -46.64 -30.87 -23.25
CA ARG D 201 -45.32 -31.08 -23.89
C ARG D 201 -44.58 -32.36 -23.38
N PRO D 202 -43.58 -32.87 -24.17
CA PRO D 202 -42.56 -33.80 -23.62
C PRO D 202 -41.70 -33.14 -22.50
N ALA D 203 -40.80 -33.92 -21.88
CA ALA D 203 -40.46 -33.73 -20.44
C ALA D 203 -39.23 -32.83 -20.05
N PRO D 204 -38.27 -32.59 -20.97
CA PRO D 204 -37.01 -31.94 -20.50
C PRO D 204 -36.96 -30.37 -20.29
N PHE D 205 -38.02 -29.63 -20.68
CA PHE D 205 -37.92 -28.13 -20.90
C PHE D 205 -37.99 -27.22 -19.63
N LEU D 206 -37.74 -25.93 -19.84
CA LEU D 206 -37.93 -24.87 -18.81
C LEU D 206 -39.38 -24.30 -18.84
N ILE D 207 -39.99 -24.16 -17.65
CA ILE D 207 -41.34 -23.59 -17.55
C ILE D 207 -41.29 -22.15 -17.12
N HIS D 208 -40.62 -21.89 -16.00
CA HIS D 208 -40.61 -20.56 -15.42
C HIS D 208 -39.23 -20.04 -15.13
N GLN D 209 -38.98 -18.82 -15.57
CA GLN D 209 -37.72 -18.15 -15.33
C GLN D 209 -37.90 -17.10 -14.22
N GLU D 210 -37.30 -17.35 -13.07
CA GLU D 210 -37.53 -16.51 -11.88
C GLU D 210 -37.03 -15.09 -12.10
N SER D 211 -35.94 -14.95 -12.84
CA SER D 211 -35.21 -13.74 -12.83
C SER D 211 -34.94 -13.21 -14.21
N ASN D 212 -35.93 -12.66 -14.83
CA ASN D 212 -35.65 -11.70 -15.86
C ASN D 212 -36.38 -10.42 -15.52
N VAL D 213 -35.64 -9.27 -15.57
CA VAL D 213 -36.08 -7.95 -14.92
C VAL D 213 -37.55 -7.62 -15.22
N ILE D 214 -38.04 -8.13 -16.35
CA ILE D 214 -39.44 -8.05 -16.69
C ILE D 214 -40.31 -8.88 -15.76
N VAL D 215 -39.86 -10.09 -15.46
CA VAL D 215 -40.54 -10.98 -14.49
C VAL D 215 -40.57 -10.39 -13.08
N ARG D 216 -39.45 -9.82 -12.65
CA ARG D 216 -39.36 -9.20 -11.37
C ARG D 216 -40.20 -7.93 -11.27
N ALA D 217 -40.22 -7.13 -12.33
CA ALA D 217 -40.98 -5.88 -12.34
C ALA D 217 -42.48 -6.15 -12.24
N PHE D 218 -42.95 -7.16 -12.96
CA PHE D 218 -44.35 -7.57 -12.90
C PHE D 218 -44.67 -8.27 -11.56
N ARG D 219 -43.68 -8.95 -11.00
CA ARG D 219 -43.83 -9.62 -9.72
C ARG D 219 -43.88 -8.64 -8.58
N ASP D 220 -43.13 -7.55 -8.70
CA ASP D 220 -42.93 -6.60 -7.60
C ASP D 220 -43.77 -5.34 -7.71
N TYR D 221 -44.14 -4.98 -8.94
CA TYR D 221 -44.50 -3.60 -9.26
C TYR D 221 -45.79 -3.54 -10.06
N LEU D 222 -46.42 -4.69 -10.24
CA LEU D 222 -47.79 -4.73 -10.75
C LEU D 222 -48.81 -4.71 -9.61
N ARG D 223 -49.88 -3.97 -9.80
CA ARG D 223 -51.08 -4.13 -8.99
C ARG D 223 -52.35 -3.85 -9.80
N GLN D 224 -53.50 -3.96 -9.15
CA GLN D 224 -54.78 -3.86 -9.84
C GLN D 224 -55.02 -2.45 -10.37
N ASP D 225 -54.30 -1.49 -9.80
CA ASP D 225 -54.57 -0.08 -10.07
C ASP D 225 -53.67 0.46 -11.17
N ILE D 226 -52.98 -0.43 -11.85
CA ILE D 226 -52.11 -0.06 -12.97
C ILE D 226 -52.83 -0.14 -14.33
N GLY D 227 -53.09 1.02 -14.91
CA GLY D 227 -53.88 1.12 -16.10
C GLY D 227 -53.12 0.73 -17.34
N GLU D 228 -51.87 1.20 -17.44
CA GLU D 228 -51.04 0.91 -18.62
C GLU D 228 -49.63 0.48 -18.24
N ILE D 229 -48.99 -0.25 -19.14
CA ILE D 229 -47.56 -0.53 -19.07
C ILE D 229 -46.90 -0.14 -20.42
N LEU D 230 -46.50 1.12 -20.55
CA LEU D 230 -45.85 1.55 -21.78
C LEU D 230 -44.41 1.02 -21.86
N ILE D 231 -44.05 0.49 -23.02
CA ILE D 231 -42.67 0.06 -23.28
C ILE D 231 -42.17 0.67 -24.60
N ASP D 232 -40.96 1.23 -24.57
CA ASP D 232 -40.42 1.98 -25.72
C ASP D 232 -39.65 1.11 -26.67
N ASN D 233 -39.48 -0.16 -26.29
CA ASN D 233 -38.70 -1.12 -27.09
C ASN D 233 -39.54 -2.36 -27.50
N PRO D 234 -39.74 -2.55 -28.84
CA PRO D 234 -40.50 -3.66 -29.43
C PRO D 234 -39.97 -5.06 -29.04
N LYS D 235 -38.65 -5.26 -29.13
CA LYS D 235 -38.03 -6.56 -28.81
C LYS D 235 -38.37 -6.99 -27.38
N VAL D 236 -38.51 -6.01 -26.50
CA VAL D 236 -38.80 -6.26 -25.09
C VAL D 236 -40.30 -6.45 -24.89
N LEU D 237 -41.09 -5.59 -25.51
CA LEU D 237 -42.54 -5.67 -25.37
C LEU D 237 -43.04 -7.06 -25.69
N GLU D 238 -42.46 -7.65 -26.73
CA GLU D 238 -42.80 -9.01 -27.12
C GLU D 238 -42.47 -9.99 -26.01
N LEU D 239 -41.29 -9.82 -25.40
CA LEU D 239 -40.90 -10.65 -24.26
C LEU D 239 -41.81 -10.39 -23.07
N ALA D 240 -42.23 -9.14 -22.93
CA ALA D 240 -43.09 -8.75 -21.82
C ALA D 240 -44.45 -9.45 -21.86
N ARG D 241 -45.01 -9.61 -23.05
CA ARG D 241 -46.30 -10.29 -23.20
C ARG D 241 -46.21 -11.76 -22.84
N GLN D 242 -45.20 -12.43 -23.37
CA GLN D 242 -44.93 -13.83 -23.09
C GLN D 242 -44.84 -14.09 -21.59
N HIS D 243 -44.14 -13.20 -20.88
CA HIS D 243 -43.97 -13.35 -19.43
C HIS D 243 -45.31 -13.20 -18.72
N ILE D 244 -46.21 -12.42 -19.31
CA ILE D 244 -47.53 -12.18 -18.70
C ILE D 244 -48.44 -13.38 -18.84
N ALA D 245 -48.41 -14.02 -20.00
CA ALA D 245 -49.17 -15.25 -20.23
C ALA D 245 -48.58 -16.39 -19.42
N ALA D 246 -47.27 -16.44 -19.33
CA ALA D 246 -46.58 -17.42 -18.49
C ALA D 246 -46.93 -17.19 -17.00
N LEU D 247 -47.07 -15.93 -16.62
CA LEU D 247 -47.46 -15.58 -15.27
C LEU D 247 -48.95 -15.80 -15.06
N GLY D 248 -49.63 -16.09 -16.16
CA GLY D 248 -51.00 -16.56 -16.10
C GLY D 248 -52.08 -15.47 -16.03
N ARG D 249 -51.80 -14.31 -16.64
CA ARG D 249 -52.75 -13.17 -16.60
C ARG D 249 -52.91 -12.51 -17.97
N PRO D 250 -53.76 -13.09 -18.82
CA PRO D 250 -54.02 -12.61 -20.19
C PRO D 250 -54.87 -11.34 -20.25
N ASP D 251 -55.60 -11.06 -19.17
CA ASP D 251 -56.36 -9.82 -19.06
C ASP D 251 -55.47 -8.58 -19.24
N PHE D 252 -54.16 -8.76 -19.09
CA PHE D 252 -53.22 -7.64 -19.06
C PHE D 252 -52.67 -7.28 -20.40
N SER D 253 -52.63 -8.25 -21.29
CA SER D 253 -51.99 -8.08 -22.57
C SER D 253 -52.51 -6.85 -23.27
N SER D 254 -53.79 -6.58 -23.05
CA SER D 254 -54.45 -5.41 -23.60
C SER D 254 -53.87 -4.11 -23.06
N LYS D 255 -53.36 -4.16 -21.82
CA LYS D 255 -52.84 -2.97 -21.15
C LYS D 255 -51.35 -2.71 -21.41
N ILE D 256 -50.63 -3.73 -21.90
CA ILE D 256 -49.26 -3.52 -22.42
C ILE D 256 -49.32 -2.82 -23.78
N LYS D 257 -48.69 -1.64 -23.87
CA LYS D 257 -48.73 -0.82 -25.07
C LYS D 257 -47.34 -0.41 -25.46
N LEU D 258 -47.11 -0.28 -26.75
CA LEU D 258 -45.82 0.16 -27.28
C LEU D 258 -45.76 1.69 -27.37
N TYR D 259 -44.77 2.29 -26.72
CA TYR D 259 -44.48 3.70 -26.91
C TYR D 259 -43.67 3.90 -28.21
N THR D 260 -43.96 4.98 -28.93
CA THR D 260 -43.39 5.16 -30.26
C THR D 260 -42.85 6.59 -30.53
N GLY D 261 -43.16 7.52 -29.62
CA GLY D 261 -42.74 8.93 -29.79
C GLY D 261 -41.23 9.10 -29.83
N GLU D 262 -40.79 10.17 -30.47
CA GLU D 262 -39.37 10.46 -30.61
C GLU D 262 -38.79 11.03 -29.33
N ILE D 263 -39.60 11.83 -28.63
CA ILE D 263 -39.29 12.24 -27.25
C ILE D 263 -39.21 11.01 -26.35
N PRO D 264 -38.07 10.81 -25.65
CA PRO D 264 -37.87 9.58 -24.84
C PRO D 264 -38.98 9.36 -23.83
N LEU D 265 -39.33 8.09 -23.62
CA LEU D 265 -40.46 7.71 -22.74
C LEU D 265 -40.51 8.48 -21.42
N PHE D 266 -39.37 8.51 -20.73
CA PHE D 266 -39.27 9.14 -19.40
C PHE D 266 -39.33 10.68 -19.46
N SER D 267 -38.92 11.25 -20.59
CA SER D 267 -38.98 12.70 -20.78
C SER D 267 -40.37 13.15 -21.14
N HIS D 268 -41.08 12.32 -21.93
CA HIS D 268 -42.48 12.59 -22.30
C HIS D 268 -43.38 12.58 -21.08
N TYR D 269 -43.03 11.76 -20.10
CA TYR D 269 -43.80 11.70 -18.87
C TYR D 269 -43.22 12.58 -17.75
N GLN D 270 -42.11 13.23 -18.04
CA GLN D 270 -41.54 14.25 -17.14
C GLN D 270 -41.03 13.66 -15.81
N ILE D 271 -40.55 12.44 -15.86
CA ILE D 271 -40.06 11.82 -14.64
C ILE D 271 -38.52 11.87 -14.49
N GLU D 272 -37.84 12.35 -15.55
CA GLU D 272 -36.37 12.25 -15.66
C GLU D 272 -35.68 13.14 -14.65
N SER D 273 -36.31 14.28 -14.34
CA SER D 273 -35.81 15.18 -13.32
C SER D 273 -36.04 14.62 -11.91
N GLN D 274 -37.20 14.01 -11.72
CA GLN D 274 -37.55 13.40 -10.45
C GLN D 274 -36.65 12.21 -10.17
N ILE D 275 -36.31 11.47 -11.22
CA ILE D 275 -35.31 10.41 -11.12
C ILE D 275 -33.96 10.99 -10.73
N GLU D 276 -33.67 12.19 -11.24
CA GLU D 276 -32.40 12.87 -10.93
C GLU D 276 -32.37 13.40 -9.48
N SER D 277 -33.52 13.43 -8.82
CA SER D 277 -33.61 13.95 -7.48
C SER D 277 -33.14 12.92 -6.49
N ALA D 278 -33.15 11.67 -6.89
CA ALA D 278 -32.71 10.59 -6.03
C ALA D 278 -31.19 10.62 -5.83
N PHE D 279 -30.53 11.53 -6.53
CA PHE D 279 -29.08 11.64 -6.46
C PHE D 279 -28.61 12.93 -5.80
N GLN D 280 -29.56 13.75 -5.36
CA GLN D 280 -29.23 15.03 -4.77
C GLN D 280 -29.18 14.97 -3.27
N ARG D 281 -28.43 15.88 -2.68
CA ARG D 281 -28.35 15.98 -1.24
C ARG D 281 -29.60 16.67 -0.70
N GLU D 282 -29.98 17.76 -1.38
CA GLU D 282 -31.16 18.56 -0.97
C GLU D 282 -32.29 18.47 -2.01
N VAL D 283 -33.46 18.05 -1.55
CA VAL D 283 -34.63 17.91 -2.41
C VAL D 283 -35.67 18.92 -1.97
N ARG D 284 -36.08 19.84 -2.90
CA ARG D 284 -37.06 20.91 -2.57
C ARG D 284 -38.47 20.35 -2.35
N LEU D 285 -39.13 20.79 -1.29
CA LEU D 285 -40.50 20.36 -1.02
C LEU D 285 -41.47 21.29 -1.74
N PRO D 286 -42.73 20.82 -1.98
CA PRO D 286 -43.74 21.60 -2.72
C PRO D 286 -43.92 23.03 -2.22
N SER D 287 -43.95 23.23 -0.91
CA SER D 287 -44.21 24.54 -0.32
C SER D 287 -43.06 25.48 -0.40
N GLY D 288 -41.86 24.94 -0.43
CA GLY D 288 -40.67 25.76 -0.63
C GLY D 288 -39.53 25.36 0.27
N GLY D 289 -39.84 24.66 1.36
CA GLY D 289 -38.80 24.07 2.22
C GLY D 289 -38.04 22.94 1.52
N SER D 290 -37.14 22.28 2.26
CA SER D 290 -36.36 21.20 1.67
C SER D 290 -35.90 20.14 2.71
N ILE D 291 -35.45 19.00 2.19
CA ILE D 291 -34.83 18.02 3.02
C ILE D 291 -33.36 17.81 2.63
N VAL D 292 -32.51 17.71 3.62
CA VAL D 292 -31.13 17.40 3.37
C VAL D 292 -30.81 15.96 3.85
N ILE D 293 -30.43 15.10 2.89
CA ILE D 293 -30.09 13.74 3.19
C ILE D 293 -28.57 13.54 3.25
N ASP D 294 -28.05 13.53 4.49
CA ASP D 294 -26.63 13.18 4.77
C ASP D 294 -26.55 11.74 5.26
N SER D 295 -25.46 11.05 4.92
CA SER D 295 -25.27 9.73 5.40
C SER D 295 -23.92 9.61 6.00
N THR D 296 -23.89 8.97 7.15
CA THR D 296 -22.66 8.79 7.90
C THR D 296 -22.26 7.33 7.89
N GLU D 297 -21.38 6.98 8.80
CA GLU D 297 -20.91 5.60 8.94
C GLU D 297 -22.02 4.76 9.54
N ALA D 298 -22.65 5.31 10.57
CA ALA D 298 -23.66 4.58 11.35
C ALA D 298 -25.07 4.64 10.69
N LEU D 299 -25.44 5.83 10.20
CA LEU D 299 -26.84 6.11 9.89
C LEU D 299 -27.02 7.17 8.80
N THR D 300 -28.28 7.41 8.43
CA THR D 300 -28.65 8.41 7.50
C THR D 300 -29.44 9.52 8.20
N ALA D 301 -28.83 10.69 8.27
CA ALA D 301 -29.42 11.87 8.92
C ALA D 301 -30.14 12.71 7.89
N ILE D 302 -31.45 12.88 8.09
CA ILE D 302 -32.24 13.72 7.24
C ILE D 302 -32.71 14.96 8.01
N ASP D 303 -32.16 16.12 7.61
CA ASP D 303 -32.56 17.40 8.18
C ASP D 303 -33.63 18.03 7.33
N ILE D 304 -34.50 18.81 7.99
CA ILE D 304 -35.64 19.45 7.33
C ILE D 304 -35.67 20.91 7.60
N ASN D 305 -35.63 21.70 6.50
CA ASN D 305 -35.67 23.16 6.56
C ASN D 305 -36.97 23.67 5.97
N SER D 306 -37.41 24.86 6.40
CA SER D 306 -38.66 25.47 5.87
C SER D 306 -38.38 26.57 4.87
N ALA D 307 -39.44 27.23 4.41
CA ALA D 307 -39.36 28.12 3.24
C ALA D 307 -38.97 29.51 3.64
N ASP D 314 -48.15 32.15 10.09
CA ASP D 314 -48.17 31.35 11.31
C ASP D 314 -46.99 30.39 11.39
N ILE D 315 -46.22 30.50 12.46
CA ILE D 315 -45.03 29.65 12.65
C ILE D 315 -45.43 28.19 12.87
N GLU D 316 -46.35 27.99 13.82
CA GLU D 316 -46.82 26.65 14.17
C GLU D 316 -47.33 25.89 12.96
N GLU D 317 -48.09 26.57 12.12
CA GLU D 317 -48.65 25.99 10.91
C GLU D 317 -47.60 25.71 9.84
N THR D 318 -46.60 26.57 9.73
CA THR D 318 -45.51 26.37 8.78
C THR D 318 -44.71 25.13 9.12
N ALA D 319 -44.29 25.03 10.37
CA ALA D 319 -43.52 23.91 10.84
C ALA D 319 -44.30 22.64 10.64
N PHE D 320 -45.57 22.68 10.99
CA PHE D 320 -46.41 21.51 10.86
C PHE D 320 -46.60 21.09 9.42
N ASN D 321 -46.81 22.07 8.57
CA ASN D 321 -47.08 21.82 7.19
C ASN D 321 -45.82 21.39 6.39
N THR D 322 -44.67 21.96 6.73
CA THR D 322 -43.43 21.58 6.08
C THR D 322 -43.02 20.19 6.51
N ASN D 323 -43.34 19.84 7.75
CA ASN D 323 -43.08 18.49 8.28
C ASN D 323 -43.96 17.40 7.62
N LEU D 324 -45.19 17.74 7.33
CA LEU D 324 -46.06 16.87 6.60
C LEU D 324 -45.55 16.62 5.22
N GLU D 325 -45.09 17.69 4.53
CA GLU D 325 -44.50 17.57 3.20
C GLU D 325 -43.20 16.77 3.20
N ALA D 326 -42.39 16.99 4.21
CA ALA D 326 -41.18 16.24 4.38
C ALA D 326 -41.46 14.70 4.52
N ALA D 327 -42.40 14.34 5.38
CA ALA D 327 -42.75 12.91 5.60
C ALA D 327 -43.14 12.21 4.29
N ASP D 328 -43.86 12.95 3.44
CA ASP D 328 -44.18 12.49 2.09
C ASP D 328 -42.93 12.29 1.22
N GLU D 329 -42.08 13.32 1.17
CA GLU D 329 -40.90 13.28 0.30
C GLU D 329 -39.90 12.23 0.75
N ILE D 330 -39.64 12.20 2.05
CA ILE D 330 -38.70 11.25 2.64
C ILE D 330 -39.09 9.80 2.30
N ALA D 331 -40.40 9.54 2.32
CA ALA D 331 -40.96 8.21 2.06
C ALA D 331 -40.59 7.73 0.72
N ARG D 332 -40.79 8.58 -0.30
CA ARG D 332 -40.50 8.20 -1.69
C ARG D 332 -39.02 8.28 -2.03
N GLN D 333 -38.31 9.18 -1.33
CA GLN D 333 -36.86 9.26 -1.44
C GLN D 333 -36.17 7.99 -0.95
N LEU D 334 -36.71 7.42 0.13
CA LEU D 334 -36.24 6.15 0.65
C LEU D 334 -36.42 5.04 -0.35
N ARG D 335 -37.52 5.09 -1.10
CA ARG D 335 -37.77 4.14 -2.19
C ARG D 335 -36.84 4.34 -3.43
N LEU D 336 -36.80 5.59 -3.93
CA LEU D 336 -35.99 5.92 -5.09
C LEU D 336 -34.52 5.68 -4.87
N ARG D 337 -34.01 6.17 -3.74
CA ARG D 337 -32.60 5.94 -3.38
C ARG D 337 -32.31 4.47 -3.00
N ASP D 338 -33.35 3.75 -2.58
CA ASP D 338 -33.21 2.45 -2.00
C ASP D 338 -32.35 2.49 -0.74
N LEU D 339 -32.59 3.49 0.10
CA LEU D 339 -31.83 3.63 1.34
C LEU D 339 -32.12 2.45 2.31
N GLY D 340 -31.10 2.05 3.05
CA GLY D 340 -31.23 0.95 3.95
C GLY D 340 -30.68 1.28 5.29
N GLY D 341 -30.91 0.37 6.24
CA GLY D 341 -30.36 0.53 7.58
C GLY D 341 -31.11 1.57 8.40
N LEU D 342 -30.35 2.41 9.11
CA LEU D 342 -30.93 3.24 10.14
C LEU D 342 -31.08 4.67 9.64
N ILE D 343 -32.23 5.25 9.91
CA ILE D 343 -32.54 6.59 9.47
C ILE D 343 -33.06 7.42 10.62
N VAL D 344 -32.41 8.55 10.84
CA VAL D 344 -32.82 9.52 11.84
C VAL D 344 -33.28 10.83 11.13
N ILE D 345 -34.50 11.29 11.48
CA ILE D 345 -35.07 12.42 10.84
C ILE D 345 -35.25 13.51 11.83
N ASP D 346 -34.61 14.63 11.55
CA ASP D 346 -34.78 15.84 12.35
C ASP D 346 -35.92 16.70 11.80
N PHE D 347 -37.14 16.39 12.23
CA PHE D 347 -38.28 17.19 11.86
C PHE D 347 -38.17 18.56 12.49
N ILE D 348 -38.78 19.55 11.85
CA ILE D 348 -38.85 20.90 12.45
C ILE D 348 -39.63 20.81 13.73
N ASP D 349 -39.18 21.53 14.72
CA ASP D 349 -39.73 21.43 16.02
C ASP D 349 -41.21 21.91 16.06
N MET D 350 -42.07 21.19 16.78
CA MET D 350 -43.51 21.57 16.91
C MET D 350 -43.92 21.48 18.36
N THR D 351 -44.67 22.49 18.84
CA THR D 351 -45.01 22.54 20.30
C THR D 351 -46.27 21.73 20.69
N PRO D 352 -47.27 21.64 19.79
CA PRO D 352 -48.43 20.81 20.06
C PRO D 352 -48.16 19.33 19.83
N VAL D 353 -48.50 18.50 20.80
CA VAL D 353 -48.27 17.06 20.70
C VAL D 353 -49.09 16.44 19.56
N ARG D 354 -50.21 17.05 19.23
CA ARG D 354 -51.08 16.51 18.21
C ARG D 354 -50.49 16.65 16.82
N HIS D 355 -49.66 17.66 16.64
CA HIS D 355 -48.90 17.80 15.39
C HIS D 355 -47.83 16.66 15.24
N GLN D 356 -47.14 16.37 16.33
CA GLN D 356 -46.14 15.34 16.33
C GLN D 356 -46.70 13.96 15.90
N ARG D 357 -47.87 13.60 16.45
CA ARG D 357 -48.54 12.35 16.07
C ARG D 357 -48.96 12.38 14.60
N ALA D 358 -49.38 13.57 14.13
CA ALA D 358 -49.87 13.73 12.75
C ALA D 358 -48.71 13.69 11.74
N VAL D 359 -47.54 14.13 12.18
CA VAL D 359 -46.36 14.02 11.37
C VAL D 359 -45.80 12.58 11.38
N GLU D 360 -46.01 11.85 12.48
CA GLU D 360 -45.71 10.41 12.51
C GLU D 360 -46.63 9.65 11.60
N ASN D 361 -47.94 9.86 11.78
CA ASN D 361 -48.92 9.08 11.04
C ASN D 361 -48.93 9.40 9.56
N ARG D 362 -48.51 10.59 9.22
CA ARG D 362 -48.21 10.94 7.85
C ARG D 362 -47.12 10.02 7.28
N LEU D 363 -45.98 9.98 7.97
CA LEU D 363 -44.83 9.17 7.56
C LEU D 363 -45.14 7.67 7.52
N ARG D 364 -45.93 7.18 8.48
CA ARG D 364 -46.32 5.78 8.51
C ARG D 364 -47.16 5.38 7.29
N GLU D 365 -48.12 6.22 6.91
CA GLU D 365 -48.99 5.92 5.80
C GLU D 365 -48.29 6.20 4.45
N ALA D 366 -47.24 7.02 4.49
CA ALA D 366 -46.51 7.36 3.24
C ALA D 366 -45.55 6.26 2.84
N VAL D 367 -45.19 5.45 3.79
CA VAL D 367 -44.28 4.37 3.56
C VAL D 367 -45.05 3.05 3.41
N ARG D 368 -46.38 3.13 3.51
CA ARG D 368 -47.22 1.94 3.55
C ARG D 368 -47.09 1.13 2.28
N GLN D 369 -46.81 1.82 1.18
CA GLN D 369 -46.72 1.18 -0.13
C GLN D 369 -45.28 0.71 -0.45
N ASP D 370 -44.35 1.00 0.42
CA ASP D 370 -42.98 0.58 0.25
C ASP D 370 -42.86 -0.92 0.52
N ARG D 371 -42.21 -1.64 -0.40
CA ARG D 371 -42.05 -3.13 -0.27
C ARG D 371 -41.17 -3.53 0.92
N ALA D 372 -40.20 -2.67 1.23
CA ALA D 372 -39.19 -2.95 2.26
C ALA D 372 -39.83 -3.10 3.64
N ARG D 373 -39.21 -3.90 4.52
CA ARG D 373 -39.63 -3.94 5.93
C ARG D 373 -39.23 -2.64 6.63
N ILE D 374 -40.22 -1.86 7.07
CA ILE D 374 -39.94 -0.56 7.66
C ILE D 374 -40.49 -0.46 9.09
N GLN D 375 -39.67 0.07 9.99
CA GLN D 375 -40.07 0.29 11.34
C GLN D 375 -39.82 1.74 11.79
N ILE D 376 -40.84 2.35 12.40
CA ILE D 376 -40.82 3.76 12.73
C ILE D 376 -41.18 3.96 14.21
N SER D 377 -40.35 4.74 14.92
CA SER D 377 -40.62 5.14 16.32
C SER D 377 -41.30 6.53 16.38
N HIS D 378 -41.25 7.18 17.56
CA HIS D 378 -41.87 8.51 17.74
C HIS D 378 -40.93 9.59 17.57
N ILE D 379 -41.46 10.81 17.61
CA ILE D 379 -40.66 11.99 17.74
C ILE D 379 -40.30 12.11 19.18
N SER D 380 -39.01 11.98 19.45
CA SER D 380 -38.51 11.95 20.80
C SER D 380 -38.55 13.32 21.46
N ARG D 381 -38.11 13.41 22.69
CA ARG D 381 -38.09 14.65 23.40
C ARG D 381 -37.10 15.63 22.80
N PHE D 382 -36.23 15.12 21.94
CA PHE D 382 -35.24 15.96 21.27
C PHE D 382 -35.72 16.37 19.90
N GLY D 383 -36.84 15.81 19.49
CA GLY D 383 -37.42 16.16 18.25
C GLY D 383 -36.82 15.39 17.10
N LEU D 384 -36.39 14.18 17.38
CA LEU D 384 -35.90 13.32 16.31
C LEU D 384 -36.84 12.14 16.08
N LEU D 385 -36.87 11.62 14.86
CA LEU D 385 -37.60 10.39 14.59
C LEU D 385 -36.66 9.33 14.06
N GLU D 386 -36.54 8.21 14.82
CA GLU D 386 -35.68 7.08 14.41
C GLU D 386 -36.51 6.00 13.69
N MET D 387 -35.99 5.52 12.55
CA MET D 387 -36.68 4.54 11.72
C MET D 387 -35.67 3.73 10.96
N SER D 388 -36.10 2.54 10.48
CA SER D 388 -35.18 1.58 9.79
C SER D 388 -35.81 1.09 8.53
N ARG D 389 -34.98 0.81 7.55
CA ARG D 389 -35.46 0.26 6.29
C ARG D 389 -34.51 -0.78 5.76
N GLN D 390 -35.08 -1.85 5.19
CA GLN D 390 -34.32 -3.00 4.69
C GLN D 390 -34.01 -2.85 3.19
N ARG D 391 -32.77 -2.48 2.85
CA ARG D 391 -32.39 -2.33 1.41
C ARG D 391 -32.79 -3.56 0.64
N LEU D 392 -33.57 -3.37 -0.43
CA LEU D 392 -34.18 -4.51 -1.15
C LEU D 392 -33.19 -5.33 -1.93
N SER D 393 -32.17 -4.68 -2.45
CA SER D 393 -31.04 -5.41 -3.05
C SER D 393 -29.74 -4.68 -2.97
N LEU D 396 -27.21 -5.74 -2.91
CA LEU D 396 -26.77 -4.75 -1.90
C LEU D 396 -26.34 -3.43 -2.55
N GLY D 397 -26.25 -2.36 -1.74
CA GLY D 397 -26.28 -0.97 -2.28
C GLY D 397 -25.98 0.12 -1.25
N GLU D 398 -25.82 1.36 -1.72
CA GLU D 398 -25.37 2.48 -0.86
C GLU D 398 -26.11 3.78 -1.17
N SER D 399 -25.64 4.91 -0.58
CA SER D 399 -26.38 6.25 -0.64
C SER D 399 -25.67 7.38 -1.45
N SER D 400 -26.34 8.54 -1.55
CA SER D 400 -25.92 9.59 -2.50
C SER D 400 -24.75 10.41 -1.98
N HIS D 401 -24.94 11.07 -0.85
CA HIS D 401 -23.88 11.85 -0.24
C HIS D 401 -23.61 11.39 1.13
N HIS D 402 -22.35 11.33 1.45
CA HIS D 402 -21.93 11.05 2.79
C HIS D 402 -20.90 12.11 3.22
N VAL D 403 -20.43 11.98 4.44
CA VAL D 403 -19.81 13.10 5.15
C VAL D 403 -18.29 13.09 4.96
N CYS D 404 -17.73 14.26 4.64
CA CYS D 404 -16.33 14.37 4.22
C CYS D 404 -15.39 13.70 5.19
N PRO D 405 -14.58 12.74 4.70
CA PRO D 405 -13.49 12.18 5.46
C PRO D 405 -12.45 13.19 5.94
N ARG D 406 -12.23 14.25 5.16
CA ARG D 406 -11.15 15.19 5.46
C ARG D 406 -11.47 15.99 6.69
N CYS D 407 -12.66 16.58 6.71
CA CYS D 407 -13.29 17.09 7.96
C CYS D 407 -13.90 15.93 8.78
N SER D 408 -14.48 16.26 9.90
CA SER D 408 -15.42 15.37 10.51
C SER D 408 -16.81 15.79 10.01
N GLY D 409 -16.80 16.49 8.91
CA GLY D 409 -18.01 17.05 8.37
C GLY D 409 -18.16 18.51 8.68
N THR D 410 -17.02 19.22 8.73
CA THR D 410 -17.02 20.66 9.03
C THR D 410 -16.62 21.59 7.85
N GLY D 411 -15.65 21.19 7.06
CA GLY D 411 -15.02 22.11 6.10
C GLY D 411 -13.78 22.74 6.69
N THR D 412 -13.73 22.81 8.01
CA THR D 412 -12.57 23.30 8.68
C THR D 412 -11.42 22.27 8.56
N VAL D 413 -10.20 22.77 8.32
CA VAL D 413 -8.96 21.92 8.39
C VAL D 413 -7.75 22.73 8.88
N ARG D 414 -7.11 22.25 9.94
CA ARG D 414 -6.08 23.03 10.59
C ARG D 414 -4.98 23.35 9.57
N ASP D 415 -4.46 24.59 9.59
CA ASP D 415 -3.24 24.94 8.79
C ASP D 415 -2.09 23.97 9.05
N ASN D 416 -1.29 23.73 8.04
CA ASN D 416 -0.09 22.93 8.18
C ASN D 416 0.81 23.41 9.29
N GLU D 417 0.99 24.73 9.38
CA GLU D 417 1.85 25.31 10.42
C GLU D 417 1.41 24.84 11.84
N SER D 418 0.11 24.93 12.07
CA SER D 418 -0.47 24.62 13.36
C SER D 418 -0.52 23.11 13.54
N LEU D 419 -0.68 22.43 12.43
CA LEU D 419 -0.78 21.02 12.45
C LEU D 419 0.56 20.41 12.71
N SER D 420 1.59 21.00 12.14
CA SER D 420 2.96 20.56 12.37
C SER D 420 3.37 20.78 13.81
N LEU D 421 3.16 22.00 14.30
CA LEU D 421 3.58 22.36 15.66
C LEU D 421 2.92 21.44 16.68
N SER D 422 1.65 21.13 16.45
CA SER D 422 0.93 20.14 17.25
C SER D 422 1.68 18.81 17.27
N ILE D 423 1.91 18.25 16.09
CA ILE D 423 2.62 16.99 15.96
C ILE D 423 4.02 17.07 16.58
N LEU D 424 4.61 18.26 16.50
CA LEU D 424 5.98 18.46 16.96
C LEU D 424 6.08 18.33 18.47
N ARG D 425 5.08 18.86 19.18
CA ARG D 425 4.98 18.68 20.62
C ARG D 425 4.55 17.26 20.96
N LEU D 426 3.75 16.66 20.10
CA LEU D 426 3.36 15.26 20.26
C LEU D 426 4.56 14.33 20.17
N ILE D 427 5.40 14.56 19.16
CA ILE D 427 6.61 13.76 18.99
C ILE D 427 7.48 13.80 20.23
N GLU D 428 7.77 15.01 20.71
CA GLU D 428 8.64 15.18 21.87
C GLU D 428 8.06 14.48 23.09
N GLU D 429 6.74 14.57 23.27
CA GLU D 429 6.06 13.91 24.37
C GLU D 429 6.38 12.42 24.40
N GLU D 430 6.50 11.82 23.21
CA GLU D 430 6.72 10.40 23.11
C GLU D 430 8.17 10.06 23.36
N ALA D 431 9.06 10.99 23.02
CA ALA D 431 10.49 10.75 23.14
C ALA D 431 10.94 10.89 24.59
N LEU D 432 10.16 11.65 25.36
CA LEU D 432 10.42 11.86 26.80
C LEU D 432 10.15 10.61 27.58
N LYS D 433 9.21 9.81 27.11
CA LYS D 433 8.80 8.60 27.80
C LYS D 433 9.97 7.68 28.04
N GLU D 434 9.98 7.04 29.21
CA GLU D 434 11.07 6.14 29.60
C GLU D 434 11.08 4.91 28.69
N ASN D 435 12.28 4.50 28.29
CA ASN D 435 12.46 3.28 27.53
C ASN D 435 12.17 3.47 26.04
N THR D 436 12.20 4.71 25.59
CA THR D 436 11.93 5.01 24.20
C THR D 436 13.22 5.01 23.39
N GLN D 437 13.23 4.25 22.29
CA GLN D 437 14.37 4.20 21.38
C GLN D 437 14.16 5.13 20.19
N GLU D 438 12.99 5.05 19.59
CA GLU D 438 12.68 5.83 18.42
C GLU D 438 11.25 6.31 18.47
N VAL D 439 10.96 7.36 17.74
CA VAL D 439 9.59 7.79 17.55
C VAL D 439 9.34 8.15 16.08
N HIS D 440 8.37 7.48 15.49
CA HIS D 440 8.09 7.58 14.08
C HIS D 440 6.82 8.43 13.85
N ALA D 441 7.01 9.60 13.26
CA ALA D 441 5.91 10.40 12.80
C ALA D 441 5.63 10.06 11.34
N ILE D 442 4.44 9.52 11.09
CA ILE D 442 4.02 9.22 9.73
C ILE D 442 2.99 10.27 9.28
N VAL D 443 3.45 11.25 8.50
CA VAL D 443 2.67 12.45 8.18
C VAL D 443 2.50 12.63 6.70
N PRO D 444 1.48 13.37 6.30
CA PRO D 444 1.27 13.75 4.90
C PRO D 444 2.48 14.47 4.33
N VAL D 445 2.66 14.40 2.99
CA VAL D 445 3.87 14.86 2.34
C VAL D 445 4.23 16.28 2.68
N PRO D 446 3.27 17.26 2.51
CA PRO D 446 3.56 18.69 2.86
C PRO D 446 3.89 18.93 4.35
N ILE D 447 3.40 18.03 5.23
CA ILE D 447 3.71 18.11 6.68
C ILE D 447 5.12 17.63 7.00
N ALA D 448 5.54 16.56 6.36
CA ALA D 448 6.91 16.17 6.44
C ALA D 448 7.82 17.25 5.88
N SER D 449 7.40 17.86 4.76
CA SER D 449 8.16 18.90 4.12
C SER D 449 8.27 20.12 5.00
N TYR D 450 7.16 20.50 5.64
CA TYR D 450 7.19 21.61 6.61
C TYR D 450 8.00 21.27 7.86
N LEU D 451 7.86 20.04 8.34
CA LEU D 451 8.53 19.61 9.58
C LEU D 451 10.01 19.51 9.41
N LEU D 452 10.44 19.01 8.26
CA LEU D 452 11.85 18.69 8.06
C LEU D 452 12.62 19.80 7.38
N ASN D 453 11.94 20.90 7.10
CA ASN D 453 12.62 22.09 6.55
C ASN D 453 12.44 23.36 7.43
N GLU D 454 11.23 23.91 7.42
CA GLU D 454 10.88 25.02 8.28
C GLU D 454 11.08 24.70 9.78
N LYS D 455 10.84 23.46 10.18
CA LYS D 455 10.94 23.12 11.57
C LYS D 455 12.07 22.19 11.86
N ARG D 456 13.03 22.10 10.92
CA ARG D 456 14.19 21.19 11.06
C ARG D 456 14.99 21.48 12.36
N SER D 457 15.14 22.77 12.67
CA SER D 457 15.79 23.20 13.90
C SER D 457 15.20 22.56 15.15
N ALA D 458 13.88 22.57 15.23
CA ALA D 458 13.18 22.04 16.38
C ALA D 458 13.23 20.50 16.44
N VAL D 459 13.16 19.87 15.27
CA VAL D 459 13.27 18.44 15.20
C VAL D 459 14.63 18.02 15.72
N ASN D 460 15.67 18.77 15.33
CA ASN D 460 17.03 18.55 15.82
C ASN D 460 17.14 18.77 17.32
N ALA D 461 16.39 19.77 17.81
CA ALA D 461 16.39 20.13 19.24
C ALA D 461 15.82 19.02 20.09
N ILE D 462 14.89 18.27 19.53
CA ILE D 462 14.30 17.19 20.25
C ILE D 462 15.27 16.08 20.31
N GLU D 463 15.91 15.81 19.18
CA GLU D 463 16.83 14.69 19.07
C GLU D 463 18.04 14.90 19.95
N THR D 464 18.41 16.16 20.15
CA THR D 464 19.60 16.49 20.91
C THR D 464 19.34 16.56 22.41
N ARG D 465 18.14 16.97 22.76
CA ARG D 465 17.73 16.97 24.16
C ARG D 465 17.33 15.59 24.66
N GLN D 466 16.75 14.80 23.77
CA GLN D 466 16.49 13.40 24.07
C GLN D 466 17.63 12.54 23.53
N ASP D 467 18.79 12.65 24.16
CA ASP D 467 20.01 11.99 23.69
C ASP D 467 19.79 10.50 23.45
N GLY D 468 19.77 10.12 22.16
CA GLY D 468 19.71 8.73 21.79
C GLY D 468 18.37 8.31 21.24
N VAL D 469 17.41 9.21 21.26
CA VAL D 469 16.09 8.92 20.73
C VAL D 469 15.98 9.43 19.29
N ARG D 470 15.66 8.50 18.37
CA ARG D 470 15.50 8.85 16.96
C ARG D 470 14.08 9.33 16.59
N CYS D 471 14.02 10.57 16.12
CA CYS D 471 12.83 11.09 15.47
C CYS D 471 12.85 10.80 13.99
N VAL D 472 11.92 9.94 13.55
CA VAL D 472 11.75 9.66 12.14
C VAL D 472 10.42 10.25 11.60
N ILE D 473 10.54 11.29 10.80
CA ILE D 473 9.40 11.91 10.20
C ILE D 473 9.32 11.53 8.73
N VAL D 474 8.44 10.57 8.43
CA VAL D 474 8.35 10.00 7.11
C VAL D 474 7.20 10.62 6.32
N PRO D 475 7.51 11.24 5.15
CA PRO D 475 6.48 11.73 4.24
C PRO D 475 5.75 10.58 3.61
N ASN D 476 4.40 10.60 3.70
CA ASN D 476 3.58 9.49 3.22
C ASN D 476 2.53 9.96 2.26
N ASP D 477 2.72 9.71 0.97
CA ASP D 477 1.81 10.26 -0.04
C ASP D 477 0.52 9.47 -0.11
N GLN D 478 0.36 8.52 0.80
CA GLN D 478 -0.89 7.81 0.95
C GLN D 478 -1.86 8.50 1.92
N MET D 479 -1.37 9.49 2.67
CA MET D 479 -2.22 10.26 3.62
C MET D 479 -2.49 11.69 3.10
N GLU D 480 -3.62 12.28 3.54
CA GLU D 480 -3.80 13.74 3.44
C GLU D 480 -3.97 14.40 4.79
N THR D 481 -4.22 15.72 4.78
CA THR D 481 -3.56 16.59 5.75
C THR D 481 -4.11 16.65 7.21
N PRO D 482 -5.40 16.34 7.42
CA PRO D 482 -5.83 16.21 8.84
C PRO D 482 -5.17 14.98 9.57
N HIS D 483 -4.92 13.90 8.81
CA HIS D 483 -4.47 12.61 9.36
C HIS D 483 -2.98 12.57 9.58
N TYR D 484 -2.55 11.75 10.53
CA TYR D 484 -1.13 11.42 10.76
C TYR D 484 -0.97 10.29 11.80
N HIS D 485 0.27 9.97 12.14
CA HIS D 485 0.55 8.97 13.13
C HIS D 485 1.81 9.24 13.80
N VAL D 486 1.81 9.07 15.13
CA VAL D 486 3.03 9.18 15.91
C VAL D 486 3.19 7.92 16.78
N LEU D 487 4.15 7.07 16.39
CA LEU D 487 4.34 5.75 16.99
C LEU D 487 5.63 5.68 17.79
N ARG D 488 5.58 5.01 18.92
CA ARG D 488 6.71 4.93 19.84
C ARG D 488 7.36 3.59 19.72
N VAL D 489 8.70 3.60 19.59
CA VAL D 489 9.48 2.35 19.44
C VAL D 489 10.34 2.16 20.63
N ARG D 490 9.99 1.17 21.45
CA ARG D 490 10.71 0.91 22.70
C ARG D 490 12.13 0.41 22.42
N LYS D 491 13.01 0.51 23.41
CA LYS D 491 14.41 0.04 23.29
C LYS D 491 14.46 -1.48 23.05
N GLY D 492 15.03 -1.89 21.93
CA GLY D 492 15.20 -3.29 21.61
C GLY D 492 14.34 -3.77 20.46
N GLU D 493 13.21 -3.11 20.23
CA GLU D 493 12.29 -3.58 19.22
C GLU D 493 12.39 -2.83 17.89
N GLU D 494 13.47 -2.08 17.73
CA GLU D 494 13.70 -1.33 16.50
C GLU D 494 14.23 -2.24 15.40
N THR D 495 13.79 -1.98 14.17
CA THR D 495 14.26 -2.73 13.01
C THR D 495 15.11 -1.84 12.15
N PRO D 496 15.90 -2.45 11.26
CA PRO D 496 16.71 -1.67 10.35
C PRO D 496 15.93 -1.25 9.10
N THR D 497 14.62 -1.07 9.25
CA THR D 497 13.76 -0.68 8.11
C THR D 497 14.05 0.72 7.67
N LEU D 498 14.01 0.92 6.35
CA LEU D 498 14.23 2.26 5.76
C LEU D 498 13.10 3.25 6.11
N SER D 499 13.47 4.50 6.37
CA SER D 499 12.51 5.54 6.75
C SER D 499 11.24 5.53 5.89
N TYR D 500 11.41 5.41 4.57
CA TYR D 500 10.27 5.48 3.65
C TYR D 500 9.46 4.18 3.56
N MET D 501 9.94 3.14 4.23
CA MET D 501 9.28 1.82 4.15
C MET D 501 8.55 1.51 5.43
N LEU D 502 8.71 2.40 6.42
CA LEU D 502 8.00 2.27 7.69
C LEU D 502 6.46 2.24 7.54
N PRO D 503 5.89 3.07 6.63
CA PRO D 503 4.47 3.08 6.52
C PRO D 503 3.91 1.72 6.32
N LYS D 504 4.65 0.86 5.63
CA LYS D 504 4.14 -0.49 5.33
C LYS D 504 4.40 -1.45 6.45
N LEU D 505 5.47 -1.22 7.19
CA LEU D 505 5.80 -2.07 8.29
C LEU D 505 4.83 -1.87 9.40
N HIS D 506 4.20 -0.72 9.40
CA HIS D 506 3.36 -0.31 10.49
C HIS D 506 1.85 -0.38 10.17
N GLU D 507 1.53 -1.03 9.03
CA GLU D 507 0.16 -1.07 8.50
C GLU D 507 -0.85 -1.60 9.53
N GLU D 508 -0.57 -2.80 10.06
CA GLU D 508 -1.53 -3.53 10.92
C GLU D 508 -1.72 -2.80 12.23
N ALA D 509 -0.70 -2.04 12.60
CA ALA D 509 -0.68 -1.36 13.84
C ALA D 509 -1.08 0.11 13.70
N MET D 510 -1.10 0.62 12.49
CA MET D 510 -1.61 1.97 12.28
C MET D 510 -2.98 2.09 11.52
N ALA D 511 -3.72 0.96 11.43
CA ALA D 511 -5.04 0.96 10.74
C ALA D 511 -6.14 1.12 11.76
N LEU D 512 -7.35 1.46 11.28
CA LEU D 512 -8.39 2.01 12.13
C LEU D 512 -9.54 1.07 12.23
N PRO D 513 -10.20 0.98 13.41
CA PRO D 513 -11.31 0.05 13.56
C PRO D 513 -12.48 0.42 12.67
N SER D 514 -12.43 1.62 12.10
CA SER D 514 -13.30 2.03 11.01
C SER D 514 -12.91 1.36 9.67
N GLU D 515 -11.60 1.13 9.49
CA GLU D 515 -11.01 0.52 8.22
C GLU D 515 -10.18 1.53 7.39
#